data_6LSQ
# 
_entry.id   6LSQ 
# 
_audit_conform.dict_name       mmcif_pdbx.dic 
_audit_conform.dict_version    5.398 
_audit_conform.dict_location   http://mmcif.pdb.org/dictionaries/ascii/mmcif_pdbx.dic 
# 
loop_
_database_2.database_id 
_database_2.database_code 
_database_2.pdbx_database_accession 
_database_2.pdbx_DOI 
PDB   6LSQ         pdb_00006lsq 10.2210/pdb6lsq/pdb 
WWPDB D_1300015297 ?            ?                   
# 
loop_
_pdbx_audit_revision_history.ordinal 
_pdbx_audit_revision_history.data_content_type 
_pdbx_audit_revision_history.major_revision 
_pdbx_audit_revision_history.minor_revision 
_pdbx_audit_revision_history.revision_date 
1 'Structure model' 1 0 2020-11-25 
2 'Structure model' 1 1 2023-11-29 
3 'Structure model' 1 2 2024-11-06 
# 
_pdbx_audit_revision_details.ordinal             1 
_pdbx_audit_revision_details.revision_ordinal    1 
_pdbx_audit_revision_details.data_content_type   'Structure model' 
_pdbx_audit_revision_details.provider            repository 
_pdbx_audit_revision_details.type                'Initial release' 
_pdbx_audit_revision_details.description         ? 
_pdbx_audit_revision_details.details             ? 
# 
loop_
_pdbx_audit_revision_group.ordinal 
_pdbx_audit_revision_group.revision_ordinal 
_pdbx_audit_revision_group.data_content_type 
_pdbx_audit_revision_group.group 
1 2 'Structure model' 'Data collection'        
2 2 'Structure model' 'Database references'    
3 2 'Structure model' 'Refinement description' 
4 3 'Structure model' 'Structure summary'      
# 
loop_
_pdbx_audit_revision_category.ordinal 
_pdbx_audit_revision_category.revision_ordinal 
_pdbx_audit_revision_category.data_content_type 
_pdbx_audit_revision_category.category 
1 2 'Structure model' chem_comp_atom                
2 2 'Structure model' chem_comp_bond                
3 2 'Structure model' database_2                    
4 2 'Structure model' pdbx_initial_refinement_model 
5 3 'Structure model' pdbx_entry_details            
6 3 'Structure model' pdbx_modification_feature     
# 
loop_
_pdbx_audit_revision_item.ordinal 
_pdbx_audit_revision_item.revision_ordinal 
_pdbx_audit_revision_item.data_content_type 
_pdbx_audit_revision_item.item 
1 2 'Structure model' '_database_2.pdbx_DOI'                         
2 2 'Structure model' '_database_2.pdbx_database_accession'          
3 3 'Structure model' '_pdbx_entry_details.has_protein_modification' 
# 
_pdbx_database_status.status_code                     REL 
_pdbx_database_status.status_code_sf                  REL 
_pdbx_database_status.status_code_mr                  ? 
_pdbx_database_status.entry_id                        6LSQ 
_pdbx_database_status.recvd_initial_deposition_date   2020-01-19 
_pdbx_database_status.SG_entry                        N 
_pdbx_database_status.deposit_site                    PDBJ 
_pdbx_database_status.process_site                    PDBJ 
_pdbx_database_status.status_code_cs                  ? 
_pdbx_database_status.status_code_nmr_data            ? 
_pdbx_database_status.methods_development_category    ? 
_pdbx_database_status.pdb_format_compatible           Y 
# 
loop_
_audit_author.name 
_audit_author.pdbx_ordinal 
_audit_author.identifier_ORCID 
'Chang, Y.T.'  1 ? 
'Chen, Y.C.'   2 ? 
'Chuang, W.J.' 3 ? 
# 
_citation.abstract                  ? 
_citation.abstract_id_CAS           ? 
_citation.book_id_ISBN              ? 
_citation.book_publisher            ? 
_citation.book_publisher_city       ? 
_citation.book_title                ? 
_citation.coordinate_linkage        ? 
_citation.country                   CH 
_citation.database_id_Medline       ? 
_citation.details                   ? 
_citation.id                        primary 
_citation.journal_abbrev            Toxins 
_citation.journal_id_ASTM           ? 
_citation.journal_id_CSD            ? 
_citation.journal_id_ISSN           2072-6651 
_citation.journal_full              ? 
_citation.journal_issue             ? 
_citation.journal_volume            12 
_citation.language                  ? 
_citation.page_first                ? 
_citation.page_last                 ? 
_citation.title                     'Structural Insight into Integrin Recognition and Anticancer Activity of Echistatin.' 
_citation.year                      2020 
_citation.database_id_CSD           ? 
_citation.pdbx_database_id_DOI      10.3390/toxins12110709 
_citation.pdbx_database_id_PubMed   33182321 
_citation.unpublished_flag          ? 
# 
loop_
_citation_author.citation_id 
_citation_author.name 
_citation_author.ordinal 
_citation_author.identifier_ORCID 
primary 'Chen, Y.C.'   1 ? 
primary 'Chang, Y.T.'  2 ? 
primary 'Chen, C.Y.'   3 ? 
primary 'Shiu, J.H.'   4 ? 
primary 'Cheng, C.H.'  5 ? 
primary 'Huang, C.H.'  6 ? 
primary 'Chen, J.F.'   7 ? 
primary 'Chuang, W.J.' 8 ? 
# 
loop_
_entity.id 
_entity.type 
_entity.src_method 
_entity.pdbx_description 
_entity.formula_weight 
_entity.pdbx_number_of_molecules 
_entity.pdbx_ec 
_entity.pdbx_mutation 
_entity.pdbx_fragment 
_entity.details 
1 polymer     man Disintegrin   5711.477 2  ? ? ? ? 
2 non-polymer syn 'SULFATE ION' 96.063   1  ? ? ? ? 
3 water       nat water         18.015   33 ? ? ? ? 
# 
_entity_name_com.entity_id   1 
_entity_name_com.name        Echistatin 
# 
_entity_poly.entity_id                      1 
_entity_poly.type                           'polypeptide(L)' 
_entity_poly.nstd_linkage                   no 
_entity_poly.nstd_monomer                   no 
_entity_poly.pdbx_seq_one_letter_code       EFECESGPCCRNCKFLKEGTICKRARGDDMDDYCNGKTCDCPRNPHKGPAT 
_entity_poly.pdbx_seq_one_letter_code_can   EFECESGPCCRNCKFLKEGTICKRARGDDMDDYCNGKTCDCPRNPHKGPAT 
_entity_poly.pdbx_strand_id                 A,B 
_entity_poly.pdbx_target_identifier         ? 
# 
loop_
_pdbx_entity_nonpoly.entity_id 
_pdbx_entity_nonpoly.name 
_pdbx_entity_nonpoly.comp_id 
2 'SULFATE ION' SO4 
3 water         HOH 
# 
loop_
_entity_poly_seq.entity_id 
_entity_poly_seq.num 
_entity_poly_seq.mon_id 
_entity_poly_seq.hetero 
1 1  GLU n 
1 2  PHE n 
1 3  GLU n 
1 4  CYS n 
1 5  GLU n 
1 6  SER n 
1 7  GLY n 
1 8  PRO n 
1 9  CYS n 
1 10 CYS n 
1 11 ARG n 
1 12 ASN n 
1 13 CYS n 
1 14 LYS n 
1 15 PHE n 
1 16 LEU n 
1 17 LYS n 
1 18 GLU n 
1 19 GLY n 
1 20 THR n 
1 21 ILE n 
1 22 CYS n 
1 23 LYS n 
1 24 ARG n 
1 25 ALA n 
1 26 ARG n 
1 27 GLY n 
1 28 ASP n 
1 29 ASP n 
1 30 MET n 
1 31 ASP n 
1 32 ASP n 
1 33 TYR n 
1 34 CYS n 
1 35 ASN n 
1 36 GLY n 
1 37 LYS n 
1 38 THR n 
1 39 CYS n 
1 40 ASP n 
1 41 CYS n 
1 42 PRO n 
1 43 ARG n 
1 44 ASN n 
1 45 PRO n 
1 46 HIS n 
1 47 LYS n 
1 48 GLY n 
1 49 PRO n 
1 50 ALA n 
1 51 THR n 
# 
_entity_src_gen.entity_id                          1 
_entity_src_gen.pdbx_src_id                        1 
_entity_src_gen.pdbx_alt_source_flag               sample 
_entity_src_gen.pdbx_seq_type                      'Biological sequence' 
_entity_src_gen.pdbx_beg_seq_num                   1 
_entity_src_gen.pdbx_end_seq_num                   51 
_entity_src_gen.gene_src_common_name               'Saw-scaled viper' 
_entity_src_gen.gene_src_genus                     ? 
_entity_src_gen.pdbx_gene_src_gene                 ? 
_entity_src_gen.gene_src_species                   ? 
_entity_src_gen.gene_src_strain                    ? 
_entity_src_gen.gene_src_tissue                    ? 
_entity_src_gen.gene_src_tissue_fraction           ? 
_entity_src_gen.gene_src_details                   ? 
_entity_src_gen.pdbx_gene_src_fragment             ? 
_entity_src_gen.pdbx_gene_src_scientific_name      'Echis carinatus' 
_entity_src_gen.pdbx_gene_src_ncbi_taxonomy_id     40353 
_entity_src_gen.pdbx_gene_src_variant              ? 
_entity_src_gen.pdbx_gene_src_cell_line            ? 
_entity_src_gen.pdbx_gene_src_atcc                 ? 
_entity_src_gen.pdbx_gene_src_organ                ? 
_entity_src_gen.pdbx_gene_src_organelle            ? 
_entity_src_gen.pdbx_gene_src_cell                 ? 
_entity_src_gen.pdbx_gene_src_cellular_location    ? 
_entity_src_gen.host_org_common_name               ? 
_entity_src_gen.pdbx_host_org_scientific_name      'Komagataella pastoris' 
_entity_src_gen.pdbx_host_org_ncbi_taxonomy_id     4922 
_entity_src_gen.host_org_genus                     ? 
_entity_src_gen.pdbx_host_org_gene                 ? 
_entity_src_gen.pdbx_host_org_organ                ? 
_entity_src_gen.host_org_species                   ? 
_entity_src_gen.pdbx_host_org_tissue               ? 
_entity_src_gen.pdbx_host_org_tissue_fraction      ? 
_entity_src_gen.pdbx_host_org_strain               ? 
_entity_src_gen.pdbx_host_org_variant              ? 
_entity_src_gen.pdbx_host_org_cell_line            ? 
_entity_src_gen.pdbx_host_org_atcc                 ? 
_entity_src_gen.pdbx_host_org_culture_collection   ? 
_entity_src_gen.pdbx_host_org_cell                 ? 
_entity_src_gen.pdbx_host_org_organelle            ? 
_entity_src_gen.pdbx_host_org_cellular_location    ? 
_entity_src_gen.pdbx_host_org_vector_type          ? 
_entity_src_gen.pdbx_host_org_vector               ? 
_entity_src_gen.host_org_details                   ? 
_entity_src_gen.expression_system_id               ? 
_entity_src_gen.plasmid_name                       ? 
_entity_src_gen.plasmid_details                    ? 
_entity_src_gen.pdbx_description                   ? 
# 
loop_
_chem_comp.id 
_chem_comp.type 
_chem_comp.mon_nstd_flag 
_chem_comp.name 
_chem_comp.pdbx_synonyms 
_chem_comp.formula 
_chem_comp.formula_weight 
ALA 'L-peptide linking' y ALANINE         ? 'C3 H7 N O2'     89.093  
ARG 'L-peptide linking' y ARGININE        ? 'C6 H15 N4 O2 1' 175.209 
ASN 'L-peptide linking' y ASPARAGINE      ? 'C4 H8 N2 O3'    132.118 
ASP 'L-peptide linking' y 'ASPARTIC ACID' ? 'C4 H7 N O4'     133.103 
CYS 'L-peptide linking' y CYSTEINE        ? 'C3 H7 N O2 S'   121.158 
GLU 'L-peptide linking' y 'GLUTAMIC ACID' ? 'C5 H9 N O4'     147.129 
GLY 'peptide linking'   y GLYCINE         ? 'C2 H5 N O2'     75.067  
HIS 'L-peptide linking' y HISTIDINE       ? 'C6 H10 N3 O2 1' 156.162 
HOH non-polymer         . WATER           ? 'H2 O'           18.015  
ILE 'L-peptide linking' y ISOLEUCINE      ? 'C6 H13 N O2'    131.173 
LEU 'L-peptide linking' y LEUCINE         ? 'C6 H13 N O2'    131.173 
LYS 'L-peptide linking' y LYSINE          ? 'C6 H15 N2 O2 1' 147.195 
MET 'L-peptide linking' y METHIONINE      ? 'C5 H11 N O2 S'  149.211 
PHE 'L-peptide linking' y PHENYLALANINE   ? 'C9 H11 N O2'    165.189 
PRO 'L-peptide linking' y PROLINE         ? 'C5 H9 N O2'     115.130 
SER 'L-peptide linking' y SERINE          ? 'C3 H7 N O3'     105.093 
SO4 non-polymer         . 'SULFATE ION'   ? 'O4 S -2'        96.063  
THR 'L-peptide linking' y THREONINE       ? 'C4 H9 N O3'     119.119 
TYR 'L-peptide linking' y TYROSINE        ? 'C9 H11 N O3'    181.189 
# 
loop_
_pdbx_poly_seq_scheme.asym_id 
_pdbx_poly_seq_scheme.entity_id 
_pdbx_poly_seq_scheme.seq_id 
_pdbx_poly_seq_scheme.mon_id 
_pdbx_poly_seq_scheme.ndb_seq_num 
_pdbx_poly_seq_scheme.pdb_seq_num 
_pdbx_poly_seq_scheme.auth_seq_num 
_pdbx_poly_seq_scheme.pdb_mon_id 
_pdbx_poly_seq_scheme.auth_mon_id 
_pdbx_poly_seq_scheme.pdb_strand_id 
_pdbx_poly_seq_scheme.pdb_ins_code 
_pdbx_poly_seq_scheme.hetero 
A 1 1  GLU 1  -1 -1 GLU GLU A . n 
A 1 2  PHE 2  0  0  PHE PHE A . n 
A 1 3  GLU 3  1  1  GLU GLU A . n 
A 1 4  CYS 4  2  2  CYS CYS A . n 
A 1 5  GLU 5  3  3  GLU GLU A . n 
A 1 6  SER 6  4  4  SER SER A . n 
A 1 7  GLY 7  5  5  GLY GLY A . n 
A 1 8  PRO 8  6  6  PRO PRO A . n 
A 1 9  CYS 9  7  7  CYS CYS A . n 
A 1 10 CYS 10 8  8  CYS CYS A . n 
A 1 11 ARG 11 9  9  ARG ARG A . n 
A 1 12 ASN 12 10 10 ASN ASN A . n 
A 1 13 CYS 13 11 11 CYS CYS A . n 
A 1 14 LYS 14 12 12 LYS LYS A . n 
A 1 15 PHE 15 13 13 PHE PHE A . n 
A 1 16 LEU 16 14 14 LEU LEU A . n 
A 1 17 LYS 17 15 15 LYS LYS A . n 
A 1 18 GLU 18 16 16 GLU GLU A . n 
A 1 19 GLY 19 17 17 GLY GLY A . n 
A 1 20 THR 20 18 18 THR THR A . n 
A 1 21 ILE 21 19 19 ILE ILE A . n 
A 1 22 CYS 22 20 20 CYS CYS A . n 
A 1 23 LYS 23 21 21 LYS LYS A . n 
A 1 24 ARG 24 22 22 ARG ARG A . n 
A 1 25 ALA 25 23 23 ALA ALA A . n 
A 1 26 ARG 26 24 24 ARG ARG A . n 
A 1 27 GLY 27 25 25 GLY GLY A . n 
A 1 28 ASP 28 26 26 ASP ASP A . n 
A 1 29 ASP 29 27 27 ASP ASP A . n 
A 1 30 MET 30 28 28 MET MET A . n 
A 1 31 ASP 31 29 29 ASP ASP A . n 
A 1 32 ASP 32 30 30 ASP ASP A . n 
A 1 33 TYR 33 31 31 TYR TYR A . n 
A 1 34 CYS 34 32 32 CYS CYS A . n 
A 1 35 ASN 35 33 33 ASN ASN A . n 
A 1 36 GLY 36 34 34 GLY GLY A . n 
A 1 37 LYS 37 35 35 LYS LYS A . n 
A 1 38 THR 38 36 36 THR THR A . n 
A 1 39 CYS 39 37 37 CYS CYS A . n 
A 1 40 ASP 40 38 38 ASP ASP A . n 
A 1 41 CYS 41 39 39 CYS CYS A . n 
A 1 42 PRO 42 40 40 PRO PRO A . n 
A 1 43 ARG 43 41 41 ARG ARG A . n 
A 1 44 ASN 44 42 42 ASN ASN A . n 
A 1 45 PRO 45 43 43 PRO PRO A . n 
A 1 46 HIS 46 44 44 HIS HIS A . n 
A 1 47 LYS 47 45 45 LYS LYS A . n 
A 1 48 GLY 48 46 ?  ?   ?   A . n 
A 1 49 PRO 49 47 ?  ?   ?   A . n 
A 1 50 ALA 50 48 ?  ?   ?   A . n 
A 1 51 THR 51 49 ?  ?   ?   A . n 
B 1 1  GLU 1  -1 -1 GLU GLU B . n 
B 1 2  PHE 2  0  0  PHE PHE B . n 
B 1 3  GLU 3  1  1  GLU GLU B . n 
B 1 4  CYS 4  2  2  CYS CYS B . n 
B 1 5  GLU 5  3  3  GLU GLU B . n 
B 1 6  SER 6  4  4  SER SER B . n 
B 1 7  GLY 7  5  5  GLY GLY B . n 
B 1 8  PRO 8  6  6  PRO PRO B . n 
B 1 9  CYS 9  7  7  CYS CYS B . n 
B 1 10 CYS 10 8  8  CYS CYS B . n 
B 1 11 ARG 11 9  9  ARG ARG B . n 
B 1 12 ASN 12 10 10 ASN ASN B . n 
B 1 13 CYS 13 11 11 CYS CYS B . n 
B 1 14 LYS 14 12 12 LYS LYS B . n 
B 1 15 PHE 15 13 13 PHE PHE B . n 
B 1 16 LEU 16 14 14 LEU LEU B . n 
B 1 17 LYS 17 15 15 LYS LYS B . n 
B 1 18 GLU 18 16 16 GLU GLU B . n 
B 1 19 GLY 19 17 17 GLY GLY B . n 
B 1 20 THR 20 18 18 THR THR B . n 
B 1 21 ILE 21 19 19 ILE ILE B . n 
B 1 22 CYS 22 20 20 CYS CYS B . n 
B 1 23 LYS 23 21 21 LYS LYS B . n 
B 1 24 ARG 24 22 22 ARG ARG B . n 
B 1 25 ALA 25 23 23 ALA ALA B . n 
B 1 26 ARG 26 24 24 ARG ARG B . n 
B 1 27 GLY 27 25 25 GLY GLY B . n 
B 1 28 ASP 28 26 26 ASP ASP B . n 
B 1 29 ASP 29 27 27 ASP ASP B . n 
B 1 30 MET 30 28 28 MET MET B . n 
B 1 31 ASP 31 29 29 ASP ASP B . n 
B 1 32 ASP 32 30 30 ASP ASP B . n 
B 1 33 TYR 33 31 31 TYR TYR B . n 
B 1 34 CYS 34 32 32 CYS CYS B . n 
B 1 35 ASN 35 33 33 ASN ASN B . n 
B 1 36 GLY 36 34 34 GLY GLY B . n 
B 1 37 LYS 37 35 35 LYS LYS B . n 
B 1 38 THR 38 36 36 THR THR B . n 
B 1 39 CYS 39 37 37 CYS CYS B . n 
B 1 40 ASP 40 38 38 ASP ASP B . n 
B 1 41 CYS 41 39 39 CYS CYS B . n 
B 1 42 PRO 42 40 40 PRO PRO B . n 
B 1 43 ARG 43 41 41 ARG ARG B . n 
B 1 44 ASN 44 42 42 ASN ASN B . n 
B 1 45 PRO 45 43 43 PRO PRO B . n 
B 1 46 HIS 46 44 44 HIS HIS B . n 
B 1 47 LYS 47 45 45 LYS LYS B . n 
B 1 48 GLY 48 46 46 GLY GLY B . n 
B 1 49 PRO 49 47 47 PRO PRO B . n 
B 1 50 ALA 50 48 48 ALA ALA B . n 
B 1 51 THR 51 49 49 THR THR B . n 
# 
loop_
_pdbx_nonpoly_scheme.asym_id 
_pdbx_nonpoly_scheme.entity_id 
_pdbx_nonpoly_scheme.mon_id 
_pdbx_nonpoly_scheme.ndb_seq_num 
_pdbx_nonpoly_scheme.pdb_seq_num 
_pdbx_nonpoly_scheme.auth_seq_num 
_pdbx_nonpoly_scheme.pdb_mon_id 
_pdbx_nonpoly_scheme.auth_mon_id 
_pdbx_nonpoly_scheme.pdb_strand_id 
_pdbx_nonpoly_scheme.pdb_ins_code 
C 2 SO4 1  101 1  SO4 SO4 B . 
D 3 HOH 1  101 9  HOH HOH A . 
D 3 HOH 2  102 11 HOH HOH A . 
D 3 HOH 3  103 19 HOH HOH A . 
D 3 HOH 4  104 33 HOH HOH A . 
D 3 HOH 5  105 26 HOH HOH A . 
D 3 HOH 6  106 7  HOH HOH A . 
D 3 HOH 7  107 22 HOH HOH A . 
D 3 HOH 8  108 15 HOH HOH A . 
D 3 HOH 9  109 13 HOH HOH A . 
D 3 HOH 10 110 24 HOH HOH A . 
D 3 HOH 11 111 28 HOH HOH A . 
E 3 HOH 1  201 6  HOH HOH B . 
E 3 HOH 2  202 8  HOH HOH B . 
E 3 HOH 3  203 14 HOH HOH B . 
E 3 HOH 4  204 29 HOH HOH B . 
E 3 HOH 5  205 16 HOH HOH B . 
E 3 HOH 6  206 10 HOH HOH B . 
E 3 HOH 7  207 12 HOH HOH B . 
E 3 HOH 8  208 3  HOH HOH B . 
E 3 HOH 9  209 17 HOH HOH B . 
E 3 HOH 10 210 21 HOH HOH B . 
E 3 HOH 11 211 20 HOH HOH B . 
E 3 HOH 12 212 1  HOH HOH B . 
E 3 HOH 13 213 4  HOH HOH B . 
E 3 HOH 14 214 2  HOH HOH B . 
E 3 HOH 15 215 25 HOH HOH B . 
E 3 HOH 16 216 30 HOH HOH B . 
E 3 HOH 17 217 5  HOH HOH B . 
E 3 HOH 18 218 23 HOH HOH B . 
E 3 HOH 19 219 32 HOH HOH B . 
E 3 HOH 20 220 27 HOH HOH B . 
E 3 HOH 21 221 18 HOH HOH B . 
E 3 HOH 22 222 31 HOH HOH B . 
# 
loop_
_software.citation_id 
_software.classification 
_software.compiler_name 
_software.compiler_version 
_software.contact_author 
_software.contact_author_email 
_software.date 
_software.description 
_software.dependencies 
_software.hardware 
_software.language 
_software.location 
_software.mods 
_software.name 
_software.os 
_software.os_version 
_software.type 
_software.version 
_software.pdbx_ordinal 
? refinement       ? ? ? ? ? ? ? ? ? ? ? REFMAC ? ? ? 5.8.0258 1 
? 'data reduction' ? ? ? ? ? ? ? ? ? ? ? XDS    ? ? ? 20190315 2 
? 'data scaling'   ? ? ? ? ? ? ? ? ? ? ? XDS    ? ? ? 20190315 3 
? phasing          ? ? ? ? ? ? ? ? ? ? ? XDS    ? ? ? 20190315 4 
# 
_cell.angle_alpha                  90.00 
_cell.angle_alpha_esd              ? 
_cell.angle_beta                   90.00 
_cell.angle_beta_esd               ? 
_cell.angle_gamma                  120.00 
_cell.angle_gamma_esd              ? 
_cell.entry_id                     6LSQ 
_cell.details                      ? 
_cell.formula_units_Z              ? 
_cell.length_a                     33.906 
_cell.length_a_esd                 ? 
_cell.length_b                     33.906 
_cell.length_b_esd                 ? 
_cell.length_c                     121.172 
_cell.length_c_esd                 ? 
_cell.volume                       ? 
_cell.volume_esd                   ? 
_cell.Z_PDB                        12 
_cell.reciprocal_angle_alpha       ? 
_cell.reciprocal_angle_beta        ? 
_cell.reciprocal_angle_gamma       ? 
_cell.reciprocal_angle_alpha_esd   ? 
_cell.reciprocal_angle_beta_esd    ? 
_cell.reciprocal_angle_gamma_esd   ? 
_cell.reciprocal_length_a          ? 
_cell.reciprocal_length_b          ? 
_cell.reciprocal_length_c          ? 
_cell.reciprocal_length_a_esd      ? 
_cell.reciprocal_length_b_esd      ? 
_cell.reciprocal_length_c_esd      ? 
_cell.pdbx_unique_axis             ? 
# 
_symmetry.entry_id                         6LSQ 
_symmetry.cell_setting                     ? 
_symmetry.Int_Tables_number                154 
_symmetry.space_group_name_Hall            ? 
_symmetry.space_group_name_H-M             'P 32 2 1' 
_symmetry.pdbx_full_space_group_name_H-M   ? 
# 
_exptl.absorpt_coefficient_mu     ? 
_exptl.absorpt_correction_T_max   ? 
_exptl.absorpt_correction_T_min   ? 
_exptl.absorpt_correction_type    ? 
_exptl.absorpt_process_details    ? 
_exptl.entry_id                   6LSQ 
_exptl.crystals_number            1 
_exptl.details                    ? 
_exptl.method                     'X-RAY DIFFRACTION' 
_exptl.method_details             ? 
# 
_exptl_crystal.colour                      ? 
_exptl_crystal.density_diffrn              ? 
_exptl_crystal.density_Matthews            1.80 
_exptl_crystal.density_method              ? 
_exptl_crystal.density_percent_sol         31.68 
_exptl_crystal.description                 ? 
_exptl_crystal.F_000                       ? 
_exptl_crystal.id                          1 
_exptl_crystal.preparation                 ? 
_exptl_crystal.size_max                    ? 
_exptl_crystal.size_mid                    ? 
_exptl_crystal.size_min                    ? 
_exptl_crystal.size_rad                    ? 
_exptl_crystal.colour_lustre               ? 
_exptl_crystal.colour_modifier             ? 
_exptl_crystal.colour_primary              ? 
_exptl_crystal.density_meas                ? 
_exptl_crystal.density_meas_esd            ? 
_exptl_crystal.density_meas_gt             ? 
_exptl_crystal.density_meas_lt             ? 
_exptl_crystal.density_meas_temp           ? 
_exptl_crystal.density_meas_temp_esd       ? 
_exptl_crystal.density_meas_temp_gt        ? 
_exptl_crystal.density_meas_temp_lt        ? 
_exptl_crystal.pdbx_crystal_image_url      ? 
_exptl_crystal.pdbx_crystal_image_format   ? 
_exptl_crystal.pdbx_mosaicity              ? 
_exptl_crystal.pdbx_mosaicity_esd          ? 
# 
_exptl_crystal_grow.apparatus       ? 
_exptl_crystal_grow.atmosphere      ? 
_exptl_crystal_grow.crystal_id      1 
_exptl_crystal_grow.details         ? 
_exptl_crystal_grow.method          'VAPOR DIFFUSION, SITTING DROP' 
_exptl_crystal_grow.method_ref      ? 
_exptl_crystal_grow.pH              ? 
_exptl_crystal_grow.pressure        ? 
_exptl_crystal_grow.pressure_esd    ? 
_exptl_crystal_grow.seeding         ? 
_exptl_crystal_grow.seeding_ref     ? 
_exptl_crystal_grow.temp            293 
_exptl_crystal_grow.temp_details    ? 
_exptl_crystal_grow.temp_esd        ? 
_exptl_crystal_grow.time            ? 
_exptl_crystal_grow.pdbx_details    
;0.2 M Bicine pH9.0
2.55M (NH4)2SO4
;
_exptl_crystal_grow.pdbx_pH_range   ? 
# 
_diffrn.ambient_environment              ? 
_diffrn.ambient_temp                     100 
_diffrn.ambient_temp_details             ? 
_diffrn.ambient_temp_esd                 ? 
_diffrn.crystal_id                       1 
_diffrn.crystal_support                  ? 
_diffrn.crystal_treatment                ? 
_diffrn.details                          ? 
_diffrn.id                               1 
_diffrn.ambient_pressure                 ? 
_diffrn.ambient_pressure_esd             ? 
_diffrn.ambient_pressure_gt              ? 
_diffrn.ambient_pressure_lt              ? 
_diffrn.ambient_temp_gt                  ? 
_diffrn.ambient_temp_lt                  ? 
_diffrn.pdbx_serial_crystal_experiment   N 
# 
_diffrn_detector.details                      ? 
_diffrn_detector.detector                     CCD 
_diffrn_detector.diffrn_id                    1 
_diffrn_detector.type                         'RAYONIX MX300-HS' 
_diffrn_detector.area_resol_mean              ? 
_diffrn_detector.dtime                        ? 
_diffrn_detector.pdbx_frames_total            ? 
_diffrn_detector.pdbx_collection_time_total   ? 
_diffrn_detector.pdbx_collection_date         2016-12-01 
_diffrn_detector.pdbx_frequency               ? 
# 
_diffrn_radiation.collimation                      ? 
_diffrn_radiation.diffrn_id                        1 
_diffrn_radiation.filter_edge                      ? 
_diffrn_radiation.inhomogeneity                    ? 
_diffrn_radiation.monochromator                    ? 
_diffrn_radiation.polarisn_norm                    ? 
_diffrn_radiation.polarisn_ratio                   ? 
_diffrn_radiation.probe                            ? 
_diffrn_radiation.type                             ? 
_diffrn_radiation.xray_symbol                      ? 
_diffrn_radiation.wavelength_id                    1 
_diffrn_radiation.pdbx_monochromatic_or_laue_m_l   M 
_diffrn_radiation.pdbx_wavelength_list             ? 
_diffrn_radiation.pdbx_wavelength                  ? 
_diffrn_radiation.pdbx_diffrn_protocol             'SINGLE WAVELENGTH' 
_diffrn_radiation.pdbx_analyzer                    ? 
_diffrn_radiation.pdbx_scattering_type             x-ray 
# 
_diffrn_radiation_wavelength.id           1 
_diffrn_radiation_wavelength.wavelength   0.99984 
_diffrn_radiation_wavelength.wt           1.0 
# 
_diffrn_source.current                     ? 
_diffrn_source.details                     ? 
_diffrn_source.diffrn_id                   1 
_diffrn_source.power                       ? 
_diffrn_source.size                        ? 
_diffrn_source.source                      SYNCHROTRON 
_diffrn_source.target                      ? 
_diffrn_source.type                        'NSRRC BEAMLINE TPS 05A' 
_diffrn_source.voltage                     ? 
_diffrn_source.take-off_angle              ? 
_diffrn_source.pdbx_wavelength_list        0.99984 
_diffrn_source.pdbx_wavelength             ? 
_diffrn_source.pdbx_synchrotron_beamline   'TPS 05A' 
_diffrn_source.pdbx_synchrotron_site       NSRRC 
# 
_reflns.B_iso_Wilson_estimate            ? 
_reflns.entry_id                         6LSQ 
_reflns.data_reduction_details           ? 
_reflns.data_reduction_method            ? 
_reflns.d_resolution_high                1.80 
_reflns.d_resolution_low                 30.00 
_reflns.details                          ? 
_reflns.limit_h_max                      ? 
_reflns.limit_h_min                      ? 
_reflns.limit_k_max                      ? 
_reflns.limit_k_min                      ? 
_reflns.limit_l_max                      ? 
_reflns.limit_l_min                      ? 
_reflns.number_all                       ? 
_reflns.number_obs                       7695 
_reflns.observed_criterion               ? 
_reflns.observed_criterion_F_max         ? 
_reflns.observed_criterion_F_min         ? 
_reflns.observed_criterion_I_max         ? 
_reflns.observed_criterion_I_min         ? 
_reflns.observed_criterion_sigma_F       ? 
_reflns.observed_criterion_sigma_I       ? 
_reflns.percent_possible_obs             92.5 
_reflns.R_free_details                   ? 
_reflns.Rmerge_F_all                     ? 
_reflns.Rmerge_F_obs                     ? 
_reflns.Friedel_coverage                 ? 
_reflns.number_gt                        ? 
_reflns.threshold_expression             ? 
_reflns.pdbx_redundancy                  4.9 
_reflns.pdbx_Rmerge_I_obs                ? 
_reflns.pdbx_Rmerge_I_all                ? 
_reflns.pdbx_Rsym_value                  ? 
_reflns.pdbx_netI_over_av_sigmaI         ? 
_reflns.pdbx_netI_over_sigmaI            7.88 
_reflns.pdbx_res_netI_over_av_sigmaI_2   ? 
_reflns.pdbx_res_netI_over_sigmaI_2      ? 
_reflns.pdbx_chi_squared                 ? 
_reflns.pdbx_scaling_rejects             ? 
_reflns.pdbx_d_res_high_opt              ? 
_reflns.pdbx_d_res_low_opt               ? 
_reflns.pdbx_d_res_opt_method            ? 
_reflns.phase_calculation_details        ? 
_reflns.pdbx_Rrim_I_all                  ? 
_reflns.pdbx_Rpim_I_all                  ? 
_reflns.pdbx_d_opt                       ? 
_reflns.pdbx_number_measured_all         ? 
_reflns.pdbx_diffrn_id                   1 
_reflns.pdbx_ordinal                     1 
_reflns.pdbx_CC_half                     0.991 
_reflns.pdbx_CC_star                     ? 
_reflns.pdbx_R_split                     ? 
# 
_reflns_shell.d_res_high                  1.80 
_reflns_shell.d_res_low                   1.91 
_reflns_shell.meanI_over_sigI_all         ? 
_reflns_shell.meanI_over_sigI_obs         2.96 
_reflns_shell.number_measured_all         ? 
_reflns_shell.number_measured_obs         ? 
_reflns_shell.number_possible             ? 
_reflns_shell.number_unique_all           ? 
_reflns_shell.number_unique_obs           2099 
_reflns_shell.percent_possible_all        ? 
_reflns_shell.percent_possible_obs        ? 
_reflns_shell.Rmerge_F_all                ? 
_reflns_shell.Rmerge_F_obs                ? 
_reflns_shell.Rmerge_I_all                ? 
_reflns_shell.Rmerge_I_obs                ? 
_reflns_shell.meanI_over_sigI_gt          ? 
_reflns_shell.meanI_over_uI_all           ? 
_reflns_shell.meanI_over_uI_gt            ? 
_reflns_shell.number_measured_gt          ? 
_reflns_shell.number_unique_gt            ? 
_reflns_shell.percent_possible_gt         ? 
_reflns_shell.Rmerge_F_gt                 ? 
_reflns_shell.Rmerge_I_gt                 ? 
_reflns_shell.pdbx_redundancy             ? 
_reflns_shell.pdbx_Rsym_value             ? 
_reflns_shell.pdbx_chi_squared            ? 
_reflns_shell.pdbx_netI_over_sigmaI_all   ? 
_reflns_shell.pdbx_netI_over_sigmaI_obs   ? 
_reflns_shell.pdbx_Rrim_I_all             ? 
_reflns_shell.pdbx_Rpim_I_all             ? 
_reflns_shell.pdbx_rejects                ? 
_reflns_shell.pdbx_ordinal                1 
_reflns_shell.pdbx_diffrn_id              1 
_reflns_shell.pdbx_CC_half                0.951 
_reflns_shell.pdbx_CC_star                ? 
_reflns_shell.pdbx_R_split                ? 
# 
_refine.aniso_B[1][1]                            0.93 
_refine.aniso_B[1][2]                            0.47 
_refine.aniso_B[1][3]                            0.00 
_refine.aniso_B[2][2]                            0.93 
_refine.aniso_B[2][3]                            -0.00 
_refine.aniso_B[3][3]                            -3.03 
_refine.B_iso_max                                ? 
_refine.B_iso_mean                               28.851 
_refine.B_iso_min                                ? 
_refine.correlation_coeff_Fo_to_Fc               0.949 
_refine.correlation_coeff_Fo_to_Fc_free          0.925 
_refine.details                                  'HYDROGENS HAVE BEEN ADDED IN THE RIDING POSITIONS' 
_refine.diff_density_max                         ? 
_refine.diff_density_max_esd                     ? 
_refine.diff_density_min                         ? 
_refine.diff_density_min_esd                     ? 
_refine.diff_density_rms                         ? 
_refine.diff_density_rms_esd                     ? 
_refine.entry_id                                 6LSQ 
_refine.pdbx_refine_id                           'X-RAY DIFFRACTION' 
_refine.ls_abs_structure_details                 ? 
_refine.ls_abs_structure_Flack                   ? 
_refine.ls_abs_structure_Flack_esd               ? 
_refine.ls_abs_structure_Rogers                  ? 
_refine.ls_abs_structure_Rogers_esd              ? 
_refine.ls_d_res_high                            1.80 
_refine.ls_d_res_low                             30.00 
_refine.ls_extinction_coef                       ? 
_refine.ls_extinction_coef_esd                   ? 
_refine.ls_extinction_expression                 ? 
_refine.ls_extinction_method                     ? 
_refine.ls_goodness_of_fit_all                   ? 
_refine.ls_goodness_of_fit_all_esd               ? 
_refine.ls_goodness_of_fit_obs                   ? 
_refine.ls_goodness_of_fit_obs_esd               ? 
_refine.ls_hydrogen_treatment                    ? 
_refine.ls_matrix_type                           ? 
_refine.ls_number_constraints                    ? 
_refine.ls_number_parameters                     ? 
_refine.ls_number_reflns_all                     ? 
_refine.ls_number_reflns_obs                     7541 
_refine.ls_number_reflns_R_free                  419 
_refine.ls_number_reflns_R_work                  ? 
_refine.ls_number_restraints                     ? 
_refine.ls_percent_reflns_obs                    99.29 
_refine.ls_percent_reflns_R_free                 5.3 
_refine.ls_R_factor_all                          ? 
_refine.ls_R_factor_obs                          0.21226 
_refine.ls_R_factor_R_free                       0.255 
_refine.ls_R_factor_R_free_error                 ? 
_refine.ls_R_factor_R_free_error_details         ? 
_refine.ls_R_factor_R_work                       0.212 
_refine.ls_R_Fsqd_factor_obs                     ? 
_refine.ls_R_I_factor_obs                        ? 
_refine.ls_redundancy_reflns_all                 ? 
_refine.ls_redundancy_reflns_obs                 ? 
_refine.ls_restrained_S_all                      ? 
_refine.ls_restrained_S_obs                      ? 
_refine.ls_shift_over_esd_max                    ? 
_refine.ls_shift_over_esd_mean                   ? 
_refine.ls_structure_factor_coef                 ? 
_refine.ls_weighting_details                     ? 
_refine.ls_weighting_scheme                      ? 
_refine.ls_wR_factor_all                         ? 
_refine.ls_wR_factor_obs                         ? 
_refine.ls_wR_factor_R_free                      ? 
_refine.ls_wR_factor_R_work                      ? 
_refine.occupancy_max                            ? 
_refine.occupancy_min                            ? 
_refine.solvent_model_details                    MASK 
_refine.solvent_model_param_bsol                 ? 
_refine.solvent_model_param_ksol                 ? 
_refine.pdbx_R_complete                          ? 
_refine.ls_R_factor_gt                           ? 
_refine.ls_goodness_of_fit_gt                    ? 
_refine.ls_goodness_of_fit_ref                   ? 
_refine.ls_shift_over_su_max                     ? 
_refine.ls_shift_over_su_max_lt                  ? 
_refine.ls_shift_over_su_mean                    ? 
_refine.ls_shift_over_su_mean_lt                 ? 
_refine.pdbx_ls_sigma_I                          ? 
_refine.pdbx_ls_sigma_F                          ? 
_refine.pdbx_ls_sigma_Fsqd                       ? 
_refine.pdbx_data_cutoff_high_absF               ? 
_refine.pdbx_data_cutoff_high_rms_absF           ? 
_refine.pdbx_data_cutoff_low_absF                ? 
_refine.pdbx_isotropic_thermal_model             ? 
_refine.pdbx_ls_cross_valid_method               THROUGHOUT 
_refine.pdbx_method_to_determine_struct          'MOLECULAR REPLACEMENT' 
_refine.pdbx_starting_model                      4RQG 
_refine.pdbx_stereochemistry_target_values       'MAXIMUM LIKELIHOOD' 
_refine.pdbx_R_Free_selection_details            RANDOM 
_refine.pdbx_stereochem_target_val_spec_case     ? 
_refine.pdbx_overall_ESU_R                       0.165 
_refine.pdbx_overall_ESU_R_Free                  0.152 
_refine.pdbx_solvent_vdw_probe_radii             1.20 
_refine.pdbx_solvent_ion_probe_radii             0.80 
_refine.pdbx_solvent_shrinkage_radii             0.80 
_refine.pdbx_real_space_R                        ? 
_refine.pdbx_density_correlation                 ? 
_refine.pdbx_pd_number_of_powder_patterns        ? 
_refine.pdbx_pd_number_of_points                 ? 
_refine.pdbx_pd_meas_number_of_points            ? 
_refine.pdbx_pd_proc_ls_prof_R_factor            ? 
_refine.pdbx_pd_proc_ls_prof_wR_factor           ? 
_refine.pdbx_pd_Marquardt_correlation_coeff      ? 
_refine.pdbx_pd_Fsqrd_R_factor                   ? 
_refine.pdbx_pd_ls_matrix_band_width             ? 
_refine.pdbx_overall_phase_error                 ? 
_refine.pdbx_overall_SU_R_free_Cruickshank_DPI   ? 
_refine.pdbx_overall_SU_R_free_Blow_DPI          ? 
_refine.pdbx_overall_SU_R_Blow_DPI               ? 
_refine.pdbx_TLS_residual_ADP_flag               ? 
_refine.pdbx_diffrn_id                           1 
_refine.overall_SU_B                             7.493 
_refine.overall_SU_ML                            0.116 
_refine.overall_SU_R_Cruickshank_DPI             ? 
_refine.overall_SU_R_free                        ? 
_refine.overall_FOM_free_R_set                   ? 
_refine.overall_FOM_work_R_set                   ? 
_refine.pdbx_average_fsc_overall                 ? 
_refine.pdbx_average_fsc_work                    ? 
_refine.pdbx_average_fsc_free                    ? 
# 
_refine_hist.pdbx_refine_id                   'X-RAY DIFFRACTION' 
_refine_hist.cycle_id                         1 
_refine_hist.details                          ? 
_refine_hist.d_res_high                       1.80 
_refine_hist.d_res_low                        30.00 
_refine_hist.number_atoms_solvent             33 
_refine_hist.number_atoms_total               796 
_refine_hist.number_reflns_all                ? 
_refine_hist.number_reflns_obs                ? 
_refine_hist.number_reflns_R_free             ? 
_refine_hist.number_reflns_R_work             ? 
_refine_hist.R_factor_all                     ? 
_refine_hist.R_factor_obs                     ? 
_refine_hist.R_factor_R_free                  ? 
_refine_hist.R_factor_R_work                  ? 
_refine_hist.pdbx_number_residues_total       ? 
_refine_hist.pdbx_B_iso_mean_ligand           ? 
_refine_hist.pdbx_B_iso_mean_solvent          ? 
_refine_hist.pdbx_number_atoms_protein        758 
_refine_hist.pdbx_number_atoms_nucleic_acid   0 
_refine_hist.pdbx_number_atoms_ligand         5 
_refine_hist.pdbx_number_atoms_lipid          ? 
_refine_hist.pdbx_number_atoms_carb           ? 
_refine_hist.pdbx_pseudo_atom_details         ? 
# 
loop_
_refine_ls_restr.pdbx_refine_id 
_refine_ls_restr.criterion 
_refine_ls_restr.dev_ideal 
_refine_ls_restr.dev_ideal_target 
_refine_ls_restr.number 
_refine_ls_restr.rejects 
_refine_ls_restr.type 
_refine_ls_restr.weight 
_refine_ls_restr.pdbx_restraint_function 
'X-RAY DIFFRACTION' ? 0.009  0.013  783  ? r_bond_refined_d             ? ? 
'X-RAY DIFFRACTION' ? 0.001  0.018  669  ? r_bond_other_d               ? ? 
'X-RAY DIFFRACTION' ? 1.461  1.688  1050 ? r_angle_refined_deg          ? ? 
'X-RAY DIFFRACTION' ? 1.333  1.616  1580 ? r_angle_other_deg            ? ? 
'X-RAY DIFFRACTION' ? 6.889  5.000  96   ? r_dihedral_angle_1_deg       ? ? 
'X-RAY DIFFRACTION' ? 32.679 21.667 48   ? r_dihedral_angle_2_deg       ? ? 
'X-RAY DIFFRACTION' ? 14.555 15.000 141  ? r_dihedral_angle_3_deg       ? ? 
'X-RAY DIFFRACTION' ? 10.857 15.000 8    ? r_dihedral_angle_4_deg       ? ? 
'X-RAY DIFFRACTION' ? 0.087  0.200  96   ? r_chiral_restr               ? ? 
'X-RAY DIFFRACTION' ? 0.014  0.020  887  ? r_gen_planes_refined         ? ? 
'X-RAY DIFFRACTION' ? 0.002  0.020  161  ? r_gen_planes_other           ? ? 
'X-RAY DIFFRACTION' ? ?      ?      ?    ? r_nbd_refined                ? ? 
'X-RAY DIFFRACTION' ? ?      ?      ?    ? r_nbd_other                  ? ? 
'X-RAY DIFFRACTION' ? ?      ?      ?    ? r_nbtor_refined              ? ? 
'X-RAY DIFFRACTION' ? ?      ?      ?    ? r_nbtor_other                ? ? 
'X-RAY DIFFRACTION' ? ?      ?      ?    ? r_xyhbond_nbd_refined        ? ? 
'X-RAY DIFFRACTION' ? ?      ?      ?    ? r_xyhbond_nbd_other          ? ? 
'X-RAY DIFFRACTION' ? ?      ?      ?    ? r_metal_ion_refined          ? ? 
'X-RAY DIFFRACTION' ? ?      ?      ?    ? r_metal_ion_other            ? ? 
'X-RAY DIFFRACTION' ? ?      ?      ?    ? r_symmetry_vdw_refined       ? ? 
'X-RAY DIFFRACTION' ? ?      ?      ?    ? r_symmetry_vdw_other         ? ? 
'X-RAY DIFFRACTION' ? ?      ?      ?    ? r_symmetry_hbond_refined     ? ? 
'X-RAY DIFFRACTION' ? ?      ?      ?    ? r_symmetry_hbond_other       ? ? 
'X-RAY DIFFRACTION' ? ?      ?      ?    ? r_symmetry_metal_ion_refined ? ? 
'X-RAY DIFFRACTION' ? ?      ?      ?    ? r_symmetry_metal_ion_other   ? ? 
'X-RAY DIFFRACTION' ? 1.789  2.179  390  ? r_mcbond_it                  ? ? 
'X-RAY DIFFRACTION' ? 1.787  2.179  389  ? r_mcbond_other               ? ? 
'X-RAY DIFFRACTION' ? 2.646  3.246  484  ? r_mcangle_it                 ? ? 
'X-RAY DIFFRACTION' ? 2.644  3.247  485  ? r_mcangle_other              ? ? 
'X-RAY DIFFRACTION' ? 2.610  2.694  391  ? r_scbond_it                  ? ? 
'X-RAY DIFFRACTION' ? 2.608  2.686  387  ? r_scbond_other               ? ? 
'X-RAY DIFFRACTION' ? ?      ?      ?    ? r_scangle_it                 ? ? 
'X-RAY DIFFRACTION' ? 4.265  3.873  560  ? r_scangle_other              ? ? 
'X-RAY DIFFRACTION' ? 5.404  25.904 800  ? r_long_range_B_refined       ? ? 
'X-RAY DIFFRACTION' ? 5.400  25.859 798  ? r_long_range_B_other         ? ? 
'X-RAY DIFFRACTION' ? ?      ?      ?    ? r_rigid_bond_restr           ? ? 
'X-RAY DIFFRACTION' ? ?      ?      ?    ? r_sphericity_free            ? ? 
'X-RAY DIFFRACTION' ? ?      ?      ?    ? r_sphericity_bonded          ? ? 
# 
_refine_ls_shell.pdbx_refine_id                   'X-RAY DIFFRACTION' 
_refine_ls_shell.d_res_high                       1.804 
_refine_ls_shell.d_res_low                        1.851 
_refine_ls_shell.number_reflns_all                ? 
_refine_ls_shell.number_reflns_obs                ? 
_refine_ls_shell.number_reflns_R_free             21 
_refine_ls_shell.number_reflns_R_work             538 
_refine_ls_shell.percent_reflns_obs               95.88 
_refine_ls_shell.percent_reflns_R_free            ? 
_refine_ls_shell.R_factor_all                     ? 
_refine_ls_shell.R_factor_obs                     ? 
_refine_ls_shell.R_factor_R_free                  0.340 
_refine_ls_shell.R_factor_R_free_error            ? 
_refine_ls_shell.R_factor_R_work                  0.261 
_refine_ls_shell.redundancy_reflns_all            ? 
_refine_ls_shell.redundancy_reflns_obs            ? 
_refine_ls_shell.wR_factor_all                    ? 
_refine_ls_shell.wR_factor_obs                    ? 
_refine_ls_shell.wR_factor_R_free                 ? 
_refine_ls_shell.wR_factor_R_work                 ? 
_refine_ls_shell.pdbx_R_complete                  ? 
_refine_ls_shell.pdbx_total_number_of_bins_used   20 
_refine_ls_shell.pdbx_phase_error                 ? 
_refine_ls_shell.pdbx_fsc_work                    ? 
_refine_ls_shell.pdbx_fsc_free                    ? 
# 
_struct.entry_id                     6LSQ 
_struct.title                        'Crystal structure of Echistatin, an RGD-containing short disintegrin' 
_struct.pdbx_model_details           ? 
_struct.pdbx_formula_weight          ? 
_struct.pdbx_formula_weight_method   ? 
_struct.pdbx_model_type_details      ? 
_struct.pdbx_CASP_flag               N 
# 
_struct_keywords.entry_id        6LSQ 
_struct_keywords.text            'Disintegrin, Platelet aggregation inhibitor, BLOOD CLOTTING' 
_struct_keywords.pdbx_keywords   'BLOOD CLOTTING' 
# 
loop_
_struct_asym.id 
_struct_asym.pdbx_blank_PDB_chainid_flag 
_struct_asym.pdbx_modified 
_struct_asym.entity_id 
_struct_asym.details 
A N N 1 ? 
B N N 1 ? 
C N N 2 ? 
D N N 3 ? 
E N N 3 ? 
# 
_struct_ref.id                         1 
_struct_ref.db_name                    UNP 
_struct_ref.db_code                    E9JGG9_ECHCS 
_struct_ref.pdbx_db_accession          E9JGG9 
_struct_ref.pdbx_db_isoform            ? 
_struct_ref.entity_id                  1 
_struct_ref.pdbx_seq_one_letter_code   ECESGPCCRNCKFLKEGTICKRARGDDMDDYCNGKTCDCPRNPHKGPAT 
_struct_ref.pdbx_align_begin           131 
# 
loop_
_struct_ref_seq.align_id 
_struct_ref_seq.ref_id 
_struct_ref_seq.pdbx_PDB_id_code 
_struct_ref_seq.pdbx_strand_id 
_struct_ref_seq.seq_align_beg 
_struct_ref_seq.pdbx_seq_align_beg_ins_code 
_struct_ref_seq.seq_align_end 
_struct_ref_seq.pdbx_seq_align_end_ins_code 
_struct_ref_seq.pdbx_db_accession 
_struct_ref_seq.db_align_beg 
_struct_ref_seq.pdbx_db_align_beg_ins_code 
_struct_ref_seq.db_align_end 
_struct_ref_seq.pdbx_db_align_end_ins_code 
_struct_ref_seq.pdbx_auth_seq_align_beg 
_struct_ref_seq.pdbx_auth_seq_align_end 
1 1 6LSQ A 3 ? 51 ? E9JGG9 131 ? 179 ? 1 49 
2 1 6LSQ B 3 ? 51 ? E9JGG9 131 ? 179 ? 1 49 
# 
loop_
_struct_ref_seq_dif.align_id 
_struct_ref_seq_dif.pdbx_pdb_id_code 
_struct_ref_seq_dif.mon_id 
_struct_ref_seq_dif.pdbx_pdb_strand_id 
_struct_ref_seq_dif.seq_num 
_struct_ref_seq_dif.pdbx_pdb_ins_code 
_struct_ref_seq_dif.pdbx_seq_db_name 
_struct_ref_seq_dif.pdbx_seq_db_accession_code 
_struct_ref_seq_dif.db_mon_id 
_struct_ref_seq_dif.pdbx_seq_db_seq_num 
_struct_ref_seq_dif.details 
_struct_ref_seq_dif.pdbx_auth_seq_num 
_struct_ref_seq_dif.pdbx_ordinal 
1 6LSQ GLU A 1 ? UNP E9JGG9 ? ? 'expression tag' -1 1 
1 6LSQ PHE A 2 ? UNP E9JGG9 ? ? 'expression tag' 0  2 
2 6LSQ GLU B 1 ? UNP E9JGG9 ? ? 'expression tag' -1 3 
2 6LSQ PHE B 2 ? UNP E9JGG9 ? ? 'expression tag' 0  4 
# 
loop_
_pdbx_struct_assembly.id 
_pdbx_struct_assembly.details 
_pdbx_struct_assembly.method_details 
_pdbx_struct_assembly.oligomeric_details 
_pdbx_struct_assembly.oligomeric_count 
1 author_and_software_defined_assembly PISA monomeric 1 
2 author_and_software_defined_assembly PISA monomeric 1 
# 
loop_
_pdbx_struct_assembly_prop.biol_id 
_pdbx_struct_assembly_prop.type 
_pdbx_struct_assembly_prop.value 
_pdbx_struct_assembly_prop.details 
1 'ABSA (A^2)' 0    ? 
1 MORE         0    ? 
1 'SSA (A^2)'  4110 ? 
2 'ABSA (A^2)' 190  ? 
2 MORE         -12  ? 
2 'SSA (A^2)'  4250 ? 
# 
loop_
_pdbx_struct_assembly_gen.assembly_id 
_pdbx_struct_assembly_gen.oper_expression 
_pdbx_struct_assembly_gen.asym_id_list 
1 1 A,D   
2 1 B,C,E 
# 
_pdbx_struct_assembly_auth_evidence.id                     1 
_pdbx_struct_assembly_auth_evidence.assembly_id            1 
_pdbx_struct_assembly_auth_evidence.experimental_support   none 
_pdbx_struct_assembly_auth_evidence.details                ? 
# 
_pdbx_struct_oper_list.id                   1 
_pdbx_struct_oper_list.type                 'identity operation' 
_pdbx_struct_oper_list.name                 1_555 
_pdbx_struct_oper_list.symmetry_operation   x,y,z 
_pdbx_struct_oper_list.matrix[1][1]         1.0000000000 
_pdbx_struct_oper_list.matrix[1][2]         0.0000000000 
_pdbx_struct_oper_list.matrix[1][3]         0.0000000000 
_pdbx_struct_oper_list.vector[1]            0.0000000000 
_pdbx_struct_oper_list.matrix[2][1]         0.0000000000 
_pdbx_struct_oper_list.matrix[2][2]         1.0000000000 
_pdbx_struct_oper_list.matrix[2][3]         0.0000000000 
_pdbx_struct_oper_list.vector[2]            0.0000000000 
_pdbx_struct_oper_list.matrix[3][1]         0.0000000000 
_pdbx_struct_oper_list.matrix[3][2]         0.0000000000 
_pdbx_struct_oper_list.matrix[3][3]         1.0000000000 
_pdbx_struct_oper_list.vector[3]            0.0000000000 
# 
loop_
_struct_conn.id 
_struct_conn.conn_type_id 
_struct_conn.pdbx_leaving_atom_flag 
_struct_conn.pdbx_PDB_id 
_struct_conn.ptnr1_label_asym_id 
_struct_conn.ptnr1_label_comp_id 
_struct_conn.ptnr1_label_seq_id 
_struct_conn.ptnr1_label_atom_id 
_struct_conn.pdbx_ptnr1_label_alt_id 
_struct_conn.pdbx_ptnr1_PDB_ins_code 
_struct_conn.pdbx_ptnr1_standard_comp_id 
_struct_conn.ptnr1_symmetry 
_struct_conn.ptnr2_label_asym_id 
_struct_conn.ptnr2_label_comp_id 
_struct_conn.ptnr2_label_seq_id 
_struct_conn.ptnr2_label_atom_id 
_struct_conn.pdbx_ptnr2_label_alt_id 
_struct_conn.pdbx_ptnr2_PDB_ins_code 
_struct_conn.ptnr1_auth_asym_id 
_struct_conn.ptnr1_auth_comp_id 
_struct_conn.ptnr1_auth_seq_id 
_struct_conn.ptnr2_auth_asym_id 
_struct_conn.ptnr2_auth_comp_id 
_struct_conn.ptnr2_auth_seq_id 
_struct_conn.ptnr2_symmetry 
_struct_conn.pdbx_ptnr3_label_atom_id 
_struct_conn.pdbx_ptnr3_label_seq_id 
_struct_conn.pdbx_ptnr3_label_comp_id 
_struct_conn.pdbx_ptnr3_label_asym_id 
_struct_conn.pdbx_ptnr3_label_alt_id 
_struct_conn.pdbx_ptnr3_PDB_ins_code 
_struct_conn.details 
_struct_conn.pdbx_dist_value 
_struct_conn.pdbx_value_order 
_struct_conn.pdbx_role 
disulf1 disulf ? ? A CYS 4  SG ? ? ? 1_555 A CYS 13 SG ? ? A CYS 2  A CYS 11 1_555 ? ? ? ? ? ? ? 2.058 ? ? 
disulf2 disulf ? ? A CYS 9  SG ? ? ? 1_555 A CYS 34 SG ? ? A CYS 7  A CYS 32 1_555 ? ? ? ? ? ? ? 2.021 ? ? 
disulf3 disulf ? ? A CYS 10 SG ? ? ? 1_555 A CYS 39 SG ? ? A CYS 8  A CYS 37 1_555 ? ? ? ? ? ? ? 2.062 ? ? 
disulf4 disulf ? ? A CYS 22 SG ? ? ? 1_555 A CYS 41 SG ? ? A CYS 20 A CYS 39 1_555 ? ? ? ? ? ? ? 2.031 ? ? 
disulf5 disulf ? ? B CYS 4  SG ? ? ? 1_555 B CYS 13 SG ? ? B CYS 2  B CYS 11 1_555 ? ? ? ? ? ? ? 2.029 ? ? 
disulf6 disulf ? ? B CYS 9  SG ? ? ? 1_555 B CYS 34 SG ? ? B CYS 7  B CYS 32 1_555 ? ? ? ? ? ? ? 2.022 ? ? 
disulf7 disulf ? ? B CYS 10 SG ? ? ? 1_555 B CYS 39 SG ? ? B CYS 8  B CYS 37 1_555 ? ? ? ? ? ? ? 2.014 ? ? 
disulf8 disulf ? ? B CYS 22 SG ? ? ? 1_555 B CYS 41 SG ? ? B CYS 20 B CYS 39 1_555 ? ? ? ? ? ? ? 2.046 ? ? 
# 
_struct_conn_type.id          disulf 
_struct_conn_type.criteria    ? 
_struct_conn_type.reference   ? 
# 
loop_
_pdbx_modification_feature.ordinal 
_pdbx_modification_feature.label_comp_id 
_pdbx_modification_feature.label_asym_id 
_pdbx_modification_feature.label_seq_id 
_pdbx_modification_feature.label_alt_id 
_pdbx_modification_feature.modified_residue_label_comp_id 
_pdbx_modification_feature.modified_residue_label_asym_id 
_pdbx_modification_feature.modified_residue_label_seq_id 
_pdbx_modification_feature.modified_residue_label_alt_id 
_pdbx_modification_feature.auth_comp_id 
_pdbx_modification_feature.auth_asym_id 
_pdbx_modification_feature.auth_seq_id 
_pdbx_modification_feature.PDB_ins_code 
_pdbx_modification_feature.symmetry 
_pdbx_modification_feature.modified_residue_auth_comp_id 
_pdbx_modification_feature.modified_residue_auth_asym_id 
_pdbx_modification_feature.modified_residue_auth_seq_id 
_pdbx_modification_feature.modified_residue_PDB_ins_code 
_pdbx_modification_feature.modified_residue_symmetry 
_pdbx_modification_feature.comp_id_linking_atom 
_pdbx_modification_feature.modified_residue_id_linking_atom 
_pdbx_modification_feature.modified_residue_id 
_pdbx_modification_feature.ref_pcm_id 
_pdbx_modification_feature.ref_comp_id 
_pdbx_modification_feature.type 
_pdbx_modification_feature.category 
1 CYS A 4  ? CYS A 13 ? CYS A 2  ? 1_555 CYS A 11 ? 1_555 SG SG . . . None 'Disulfide bridge' 
2 CYS A 9  ? CYS A 34 ? CYS A 7  ? 1_555 CYS A 32 ? 1_555 SG SG . . . None 'Disulfide bridge' 
3 CYS A 10 ? CYS A 39 ? CYS A 8  ? 1_555 CYS A 37 ? 1_555 SG SG . . . None 'Disulfide bridge' 
4 CYS A 22 ? CYS A 41 ? CYS A 20 ? 1_555 CYS A 39 ? 1_555 SG SG . . . None 'Disulfide bridge' 
5 CYS B 4  ? CYS B 13 ? CYS B 2  ? 1_555 CYS B 11 ? 1_555 SG SG . . . None 'Disulfide bridge' 
6 CYS B 9  ? CYS B 34 ? CYS B 7  ? 1_555 CYS B 32 ? 1_555 SG SG . . . None 'Disulfide bridge' 
7 CYS B 10 ? CYS B 39 ? CYS B 8  ? 1_555 CYS B 37 ? 1_555 SG SG . . . None 'Disulfide bridge' 
8 CYS B 22 ? CYS B 41 ? CYS B 20 ? 1_555 CYS B 39 ? 1_555 SG SG . . . None 'Disulfide bridge' 
# 
loop_
_struct_sheet.id 
_struct_sheet.type 
_struct_sheet.number_strands 
_struct_sheet.details 
AA1 ? 2 ? 
AA2 ? 2 ? 
AA3 ? 2 ? 
AA4 ? 2 ? 
# 
loop_
_struct_sheet_order.sheet_id 
_struct_sheet_order.range_id_1 
_struct_sheet_order.range_id_2 
_struct_sheet_order.offset 
_struct_sheet_order.sense 
AA1 1 2 ? anti-parallel 
AA2 1 2 ? anti-parallel 
AA3 1 2 ? anti-parallel 
AA4 1 2 ? anti-parallel 
# 
loop_
_struct_sheet_range.sheet_id 
_struct_sheet_range.id 
_struct_sheet_range.beg_label_comp_id 
_struct_sheet_range.beg_label_asym_id 
_struct_sheet_range.beg_label_seq_id 
_struct_sheet_range.pdbx_beg_PDB_ins_code 
_struct_sheet_range.end_label_comp_id 
_struct_sheet_range.end_label_asym_id 
_struct_sheet_range.end_label_seq_id 
_struct_sheet_range.pdbx_end_PDB_ins_code 
_struct_sheet_range.beg_auth_comp_id 
_struct_sheet_range.beg_auth_asym_id 
_struct_sheet_range.beg_auth_seq_id 
_struct_sheet_range.end_auth_comp_id 
_struct_sheet_range.end_auth_asym_id 
_struct_sheet_range.end_auth_seq_id 
AA1 1 CYS A 10 ? ARG A 11 ? CYS A 8  ARG A 9  
AA1 2 LYS A 14 ? PHE A 15 ? LYS A 12 PHE A 13 
AA2 1 ILE A 21 ? LYS A 23 ? ILE A 19 LYS A 21 
AA2 2 ASP A 32 ? TYR A 33 ? ASP A 30 TYR A 31 
AA3 1 CYS B 10 ? ARG B 11 ? CYS B 8  ARG B 9  
AA3 2 LYS B 14 ? PHE B 15 ? LYS B 12 PHE B 13 
AA4 1 ILE B 21 ? LYS B 23 ? ILE B 19 LYS B 21 
AA4 2 ASP B 32 ? TYR B 33 ? ASP B 30 TYR B 31 
# 
loop_
_pdbx_struct_sheet_hbond.sheet_id 
_pdbx_struct_sheet_hbond.range_id_1 
_pdbx_struct_sheet_hbond.range_id_2 
_pdbx_struct_sheet_hbond.range_1_label_atom_id 
_pdbx_struct_sheet_hbond.range_1_label_comp_id 
_pdbx_struct_sheet_hbond.range_1_label_asym_id 
_pdbx_struct_sheet_hbond.range_1_label_seq_id 
_pdbx_struct_sheet_hbond.range_1_PDB_ins_code 
_pdbx_struct_sheet_hbond.range_1_auth_atom_id 
_pdbx_struct_sheet_hbond.range_1_auth_comp_id 
_pdbx_struct_sheet_hbond.range_1_auth_asym_id 
_pdbx_struct_sheet_hbond.range_1_auth_seq_id 
_pdbx_struct_sheet_hbond.range_2_label_atom_id 
_pdbx_struct_sheet_hbond.range_2_label_comp_id 
_pdbx_struct_sheet_hbond.range_2_label_asym_id 
_pdbx_struct_sheet_hbond.range_2_label_seq_id 
_pdbx_struct_sheet_hbond.range_2_PDB_ins_code 
_pdbx_struct_sheet_hbond.range_2_auth_atom_id 
_pdbx_struct_sheet_hbond.range_2_auth_comp_id 
_pdbx_struct_sheet_hbond.range_2_auth_asym_id 
_pdbx_struct_sheet_hbond.range_2_auth_seq_id 
AA1 1 2 N ARG A 11 ? N ARG A 9  O LYS A 14 ? O LYS A 12 
AA2 1 2 N LYS A 23 ? N LYS A 21 O ASP A 32 ? O ASP A 30 
AA3 1 2 N ARG B 11 ? N ARG B 9  O LYS B 14 ? O LYS B 12 
AA4 1 2 N CYS B 22 ? N CYS B 20 O ASP B 32 ? O ASP B 30 
# 
_pdbx_entry_details.entry_id                   6LSQ 
_pdbx_entry_details.nonpolymer_details         ? 
_pdbx_entry_details.sequence_details           ? 
_pdbx_entry_details.compound_details           ? 
_pdbx_entry_details.source_details             ? 
_pdbx_entry_details.has_ligand_of_interest     N 
_pdbx_entry_details.has_protein_modification   Y 
# 
loop_
_pdbx_validate_torsion.id 
_pdbx_validate_torsion.PDB_model_num 
_pdbx_validate_torsion.auth_comp_id 
_pdbx_validate_torsion.auth_asym_id 
_pdbx_validate_torsion.auth_seq_id 
_pdbx_validate_torsion.PDB_ins_code 
_pdbx_validate_torsion.label_alt_id 
_pdbx_validate_torsion.phi 
_pdbx_validate_torsion.psi 
1 1 LYS A 15 ? ? -38.10 130.58 
2 1 CYS B 11 ? ? 80.23  6.59   
# 
loop_
_pdbx_refine_tls.id 
_pdbx_refine_tls.pdbx_refine_id 
_pdbx_refine_tls.details 
_pdbx_refine_tls.method 
_pdbx_refine_tls.origin_x 
_pdbx_refine_tls.origin_y 
_pdbx_refine_tls.origin_z 
_pdbx_refine_tls.T[1][1] 
_pdbx_refine_tls.T[1][1]_esd 
_pdbx_refine_tls.T[1][2] 
_pdbx_refine_tls.T[1][2]_esd 
_pdbx_refine_tls.T[1][3] 
_pdbx_refine_tls.T[1][3]_esd 
_pdbx_refine_tls.T[2][2] 
_pdbx_refine_tls.T[2][2]_esd 
_pdbx_refine_tls.T[2][3] 
_pdbx_refine_tls.T[2][3]_esd 
_pdbx_refine_tls.T[3][3] 
_pdbx_refine_tls.T[3][3]_esd 
_pdbx_refine_tls.L[1][1] 
_pdbx_refine_tls.L[1][1]_esd 
_pdbx_refine_tls.L[1][2] 
_pdbx_refine_tls.L[1][2]_esd 
_pdbx_refine_tls.L[1][3] 
_pdbx_refine_tls.L[1][3]_esd 
_pdbx_refine_tls.L[2][2] 
_pdbx_refine_tls.L[2][2]_esd 
_pdbx_refine_tls.L[2][3] 
_pdbx_refine_tls.L[2][3]_esd 
_pdbx_refine_tls.L[3][3] 
_pdbx_refine_tls.L[3][3]_esd 
_pdbx_refine_tls.S[1][1] 
_pdbx_refine_tls.S[1][1]_esd 
_pdbx_refine_tls.S[1][2] 
_pdbx_refine_tls.S[1][2]_esd 
_pdbx_refine_tls.S[1][3] 
_pdbx_refine_tls.S[1][3]_esd 
_pdbx_refine_tls.S[2][1] 
_pdbx_refine_tls.S[2][1]_esd 
_pdbx_refine_tls.S[2][2] 
_pdbx_refine_tls.S[2][2]_esd 
_pdbx_refine_tls.S[2][3] 
_pdbx_refine_tls.S[2][3]_esd 
_pdbx_refine_tls.S[3][1] 
_pdbx_refine_tls.S[3][1]_esd 
_pdbx_refine_tls.S[3][2] 
_pdbx_refine_tls.S[3][2]_esd 
_pdbx_refine_tls.S[3][3] 
_pdbx_refine_tls.S[3][3]_esd 
1 'X-RAY DIFFRACTION' ? refined 7.5603  1.4949  4.3530  0.0401 ? -0.0238 ? -0.0079 ? 0.1347 ? -0.0560 ? 0.0342 ? 0.3862 ? -0.0914 ? 0.8883 ? 0.4470 ? 0.7128 ? 4.1551 ? -0.0189 ? 0.0355  ? -0.0337 ? -0.0439 ? 0.1561 ? -0.0451 ? -0.1906 ? 0.3581 ? -0.1374 ? 
2 'X-RAY DIFFRACTION' ? refined -6.9429 -1.7187 -4.0076 0.0480 ? -0.0042 ? -0.0001 ? 0.0254 ? 0.0167  ? 0.0532 ? 0.4356 ? 0.1625  ? 0.0284 ? 0.2829 ? 0.5684 ? 1.4496 ? 0.0402  ? -0.0033 ? 0.0132  ? 0.0048  ? 0.0089 ? 0.0052  ? -0.0216 ? 0.0067 ? -0.0490 ? 
# 
loop_
_pdbx_refine_tls_group.id 
_pdbx_refine_tls_group.pdbx_refine_id 
_pdbx_refine_tls_group.refine_tls_id 
_pdbx_refine_tls_group.beg_label_asym_id 
_pdbx_refine_tls_group.beg_label_seq_id 
_pdbx_refine_tls_group.beg_auth_asym_id 
_pdbx_refine_tls_group.beg_auth_seq_id 
_pdbx_refine_tls_group.beg_PDB_ins_code 
_pdbx_refine_tls_group.end_label_asym_id 
_pdbx_refine_tls_group.end_label_seq_id 
_pdbx_refine_tls_group.end_auth_asym_id 
_pdbx_refine_tls_group.end_auth_seq_id 
_pdbx_refine_tls_group.end_PDB_ins_code 
_pdbx_refine_tls_group.selection 
_pdbx_refine_tls_group.selection_details 
1 'X-RAY DIFFRACTION' 1 ? ? A -1 ? ? ? A 45 ? ? ? 
2 'X-RAY DIFFRACTION' 2 ? ? B -1 ? ? ? B 49 ? ? ? 
# 
loop_
_pdbx_unobs_or_zero_occ_residues.id 
_pdbx_unobs_or_zero_occ_residues.PDB_model_num 
_pdbx_unobs_or_zero_occ_residues.polymer_flag 
_pdbx_unobs_or_zero_occ_residues.occupancy_flag 
_pdbx_unobs_or_zero_occ_residues.auth_asym_id 
_pdbx_unobs_or_zero_occ_residues.auth_comp_id 
_pdbx_unobs_or_zero_occ_residues.auth_seq_id 
_pdbx_unobs_or_zero_occ_residues.PDB_ins_code 
_pdbx_unobs_or_zero_occ_residues.label_asym_id 
_pdbx_unobs_or_zero_occ_residues.label_comp_id 
_pdbx_unobs_or_zero_occ_residues.label_seq_id 
1 1 Y 1 A GLY 46 ? A GLY 48 
2 1 Y 1 A PRO 47 ? A PRO 49 
3 1 Y 1 A ALA 48 ? A ALA 50 
4 1 Y 1 A THR 49 ? A THR 51 
# 
loop_
_chem_comp_atom.comp_id 
_chem_comp_atom.atom_id 
_chem_comp_atom.type_symbol 
_chem_comp_atom.pdbx_aromatic_flag 
_chem_comp_atom.pdbx_stereo_config 
_chem_comp_atom.pdbx_ordinal 
ALA N    N N N 1   
ALA CA   C N S 2   
ALA C    C N N 3   
ALA O    O N N 4   
ALA CB   C N N 5   
ALA OXT  O N N 6   
ALA H    H N N 7   
ALA H2   H N N 8   
ALA HA   H N N 9   
ALA HB1  H N N 10  
ALA HB2  H N N 11  
ALA HB3  H N N 12  
ALA HXT  H N N 13  
ARG N    N N N 14  
ARG CA   C N S 15  
ARG C    C N N 16  
ARG O    O N N 17  
ARG CB   C N N 18  
ARG CG   C N N 19  
ARG CD   C N N 20  
ARG NE   N N N 21  
ARG CZ   C N N 22  
ARG NH1  N N N 23  
ARG NH2  N N N 24  
ARG OXT  O N N 25  
ARG H    H N N 26  
ARG H2   H N N 27  
ARG HA   H N N 28  
ARG HB2  H N N 29  
ARG HB3  H N N 30  
ARG HG2  H N N 31  
ARG HG3  H N N 32  
ARG HD2  H N N 33  
ARG HD3  H N N 34  
ARG HE   H N N 35  
ARG HH11 H N N 36  
ARG HH12 H N N 37  
ARG HH21 H N N 38  
ARG HH22 H N N 39  
ARG HXT  H N N 40  
ASN N    N N N 41  
ASN CA   C N S 42  
ASN C    C N N 43  
ASN O    O N N 44  
ASN CB   C N N 45  
ASN CG   C N N 46  
ASN OD1  O N N 47  
ASN ND2  N N N 48  
ASN OXT  O N N 49  
ASN H    H N N 50  
ASN H2   H N N 51  
ASN HA   H N N 52  
ASN HB2  H N N 53  
ASN HB3  H N N 54  
ASN HD21 H N N 55  
ASN HD22 H N N 56  
ASN HXT  H N N 57  
ASP N    N N N 58  
ASP CA   C N S 59  
ASP C    C N N 60  
ASP O    O N N 61  
ASP CB   C N N 62  
ASP CG   C N N 63  
ASP OD1  O N N 64  
ASP OD2  O N N 65  
ASP OXT  O N N 66  
ASP H    H N N 67  
ASP H2   H N N 68  
ASP HA   H N N 69  
ASP HB2  H N N 70  
ASP HB3  H N N 71  
ASP HD2  H N N 72  
ASP HXT  H N N 73  
CYS N    N N N 74  
CYS CA   C N R 75  
CYS C    C N N 76  
CYS O    O N N 77  
CYS CB   C N N 78  
CYS SG   S N N 79  
CYS OXT  O N N 80  
CYS H    H N N 81  
CYS H2   H N N 82  
CYS HA   H N N 83  
CYS HB2  H N N 84  
CYS HB3  H N N 85  
CYS HG   H N N 86  
CYS HXT  H N N 87  
GLU N    N N N 88  
GLU CA   C N S 89  
GLU C    C N N 90  
GLU O    O N N 91  
GLU CB   C N N 92  
GLU CG   C N N 93  
GLU CD   C N N 94  
GLU OE1  O N N 95  
GLU OE2  O N N 96  
GLU OXT  O N N 97  
GLU H    H N N 98  
GLU H2   H N N 99  
GLU HA   H N N 100 
GLU HB2  H N N 101 
GLU HB3  H N N 102 
GLU HG2  H N N 103 
GLU HG3  H N N 104 
GLU HE2  H N N 105 
GLU HXT  H N N 106 
GLY N    N N N 107 
GLY CA   C N N 108 
GLY C    C N N 109 
GLY O    O N N 110 
GLY OXT  O N N 111 
GLY H    H N N 112 
GLY H2   H N N 113 
GLY HA2  H N N 114 
GLY HA3  H N N 115 
GLY HXT  H N N 116 
HIS N    N N N 117 
HIS CA   C N S 118 
HIS C    C N N 119 
HIS O    O N N 120 
HIS CB   C N N 121 
HIS CG   C Y N 122 
HIS ND1  N Y N 123 
HIS CD2  C Y N 124 
HIS CE1  C Y N 125 
HIS NE2  N Y N 126 
HIS OXT  O N N 127 
HIS H    H N N 128 
HIS H2   H N N 129 
HIS HA   H N N 130 
HIS HB2  H N N 131 
HIS HB3  H N N 132 
HIS HD1  H N N 133 
HIS HD2  H N N 134 
HIS HE1  H N N 135 
HIS HE2  H N N 136 
HIS HXT  H N N 137 
HOH O    O N N 138 
HOH H1   H N N 139 
HOH H2   H N N 140 
ILE N    N N N 141 
ILE CA   C N S 142 
ILE C    C N N 143 
ILE O    O N N 144 
ILE CB   C N S 145 
ILE CG1  C N N 146 
ILE CG2  C N N 147 
ILE CD1  C N N 148 
ILE OXT  O N N 149 
ILE H    H N N 150 
ILE H2   H N N 151 
ILE HA   H N N 152 
ILE HB   H N N 153 
ILE HG12 H N N 154 
ILE HG13 H N N 155 
ILE HG21 H N N 156 
ILE HG22 H N N 157 
ILE HG23 H N N 158 
ILE HD11 H N N 159 
ILE HD12 H N N 160 
ILE HD13 H N N 161 
ILE HXT  H N N 162 
LEU N    N N N 163 
LEU CA   C N S 164 
LEU C    C N N 165 
LEU O    O N N 166 
LEU CB   C N N 167 
LEU CG   C N N 168 
LEU CD1  C N N 169 
LEU CD2  C N N 170 
LEU OXT  O N N 171 
LEU H    H N N 172 
LEU H2   H N N 173 
LEU HA   H N N 174 
LEU HB2  H N N 175 
LEU HB3  H N N 176 
LEU HG   H N N 177 
LEU HD11 H N N 178 
LEU HD12 H N N 179 
LEU HD13 H N N 180 
LEU HD21 H N N 181 
LEU HD22 H N N 182 
LEU HD23 H N N 183 
LEU HXT  H N N 184 
LYS N    N N N 185 
LYS CA   C N S 186 
LYS C    C N N 187 
LYS O    O N N 188 
LYS CB   C N N 189 
LYS CG   C N N 190 
LYS CD   C N N 191 
LYS CE   C N N 192 
LYS NZ   N N N 193 
LYS OXT  O N N 194 
LYS H    H N N 195 
LYS H2   H N N 196 
LYS HA   H N N 197 
LYS HB2  H N N 198 
LYS HB3  H N N 199 
LYS HG2  H N N 200 
LYS HG3  H N N 201 
LYS HD2  H N N 202 
LYS HD3  H N N 203 
LYS HE2  H N N 204 
LYS HE3  H N N 205 
LYS HZ1  H N N 206 
LYS HZ2  H N N 207 
LYS HZ3  H N N 208 
LYS HXT  H N N 209 
MET N    N N N 210 
MET CA   C N S 211 
MET C    C N N 212 
MET O    O N N 213 
MET CB   C N N 214 
MET CG   C N N 215 
MET SD   S N N 216 
MET CE   C N N 217 
MET OXT  O N N 218 
MET H    H N N 219 
MET H2   H N N 220 
MET HA   H N N 221 
MET HB2  H N N 222 
MET HB3  H N N 223 
MET HG2  H N N 224 
MET HG3  H N N 225 
MET HE1  H N N 226 
MET HE2  H N N 227 
MET HE3  H N N 228 
MET HXT  H N N 229 
PHE N    N N N 230 
PHE CA   C N S 231 
PHE C    C N N 232 
PHE O    O N N 233 
PHE CB   C N N 234 
PHE CG   C Y N 235 
PHE CD1  C Y N 236 
PHE CD2  C Y N 237 
PHE CE1  C Y N 238 
PHE CE2  C Y N 239 
PHE CZ   C Y N 240 
PHE OXT  O N N 241 
PHE H    H N N 242 
PHE H2   H N N 243 
PHE HA   H N N 244 
PHE HB2  H N N 245 
PHE HB3  H N N 246 
PHE HD1  H N N 247 
PHE HD2  H N N 248 
PHE HE1  H N N 249 
PHE HE2  H N N 250 
PHE HZ   H N N 251 
PHE HXT  H N N 252 
PRO N    N N N 253 
PRO CA   C N S 254 
PRO C    C N N 255 
PRO O    O N N 256 
PRO CB   C N N 257 
PRO CG   C N N 258 
PRO CD   C N N 259 
PRO OXT  O N N 260 
PRO H    H N N 261 
PRO HA   H N N 262 
PRO HB2  H N N 263 
PRO HB3  H N N 264 
PRO HG2  H N N 265 
PRO HG3  H N N 266 
PRO HD2  H N N 267 
PRO HD3  H N N 268 
PRO HXT  H N N 269 
SER N    N N N 270 
SER CA   C N S 271 
SER C    C N N 272 
SER O    O N N 273 
SER CB   C N N 274 
SER OG   O N N 275 
SER OXT  O N N 276 
SER H    H N N 277 
SER H2   H N N 278 
SER HA   H N N 279 
SER HB2  H N N 280 
SER HB3  H N N 281 
SER HG   H N N 282 
SER HXT  H N N 283 
SO4 S    S N N 284 
SO4 O1   O N N 285 
SO4 O2   O N N 286 
SO4 O3   O N N 287 
SO4 O4   O N N 288 
THR N    N N N 289 
THR CA   C N S 290 
THR C    C N N 291 
THR O    O N N 292 
THR CB   C N R 293 
THR OG1  O N N 294 
THR CG2  C N N 295 
THR OXT  O N N 296 
THR H    H N N 297 
THR H2   H N N 298 
THR HA   H N N 299 
THR HB   H N N 300 
THR HG1  H N N 301 
THR HG21 H N N 302 
THR HG22 H N N 303 
THR HG23 H N N 304 
THR HXT  H N N 305 
TYR N    N N N 306 
TYR CA   C N S 307 
TYR C    C N N 308 
TYR O    O N N 309 
TYR CB   C N N 310 
TYR CG   C Y N 311 
TYR CD1  C Y N 312 
TYR CD2  C Y N 313 
TYR CE1  C Y N 314 
TYR CE2  C Y N 315 
TYR CZ   C Y N 316 
TYR OH   O N N 317 
TYR OXT  O N N 318 
TYR H    H N N 319 
TYR H2   H N N 320 
TYR HA   H N N 321 
TYR HB2  H N N 322 
TYR HB3  H N N 323 
TYR HD1  H N N 324 
TYR HD2  H N N 325 
TYR HE1  H N N 326 
TYR HE2  H N N 327 
TYR HH   H N N 328 
TYR HXT  H N N 329 
# 
loop_
_chem_comp_bond.comp_id 
_chem_comp_bond.atom_id_1 
_chem_comp_bond.atom_id_2 
_chem_comp_bond.value_order 
_chem_comp_bond.pdbx_aromatic_flag 
_chem_comp_bond.pdbx_stereo_config 
_chem_comp_bond.pdbx_ordinal 
ALA N   CA   sing N N 1   
ALA N   H    sing N N 2   
ALA N   H2   sing N N 3   
ALA CA  C    sing N N 4   
ALA CA  CB   sing N N 5   
ALA CA  HA   sing N N 6   
ALA C   O    doub N N 7   
ALA C   OXT  sing N N 8   
ALA CB  HB1  sing N N 9   
ALA CB  HB2  sing N N 10  
ALA CB  HB3  sing N N 11  
ALA OXT HXT  sing N N 12  
ARG N   CA   sing N N 13  
ARG N   H    sing N N 14  
ARG N   H2   sing N N 15  
ARG CA  C    sing N N 16  
ARG CA  CB   sing N N 17  
ARG CA  HA   sing N N 18  
ARG C   O    doub N N 19  
ARG C   OXT  sing N N 20  
ARG CB  CG   sing N N 21  
ARG CB  HB2  sing N N 22  
ARG CB  HB3  sing N N 23  
ARG CG  CD   sing N N 24  
ARG CG  HG2  sing N N 25  
ARG CG  HG3  sing N N 26  
ARG CD  NE   sing N N 27  
ARG CD  HD2  sing N N 28  
ARG CD  HD3  sing N N 29  
ARG NE  CZ   sing N N 30  
ARG NE  HE   sing N N 31  
ARG CZ  NH1  sing N N 32  
ARG CZ  NH2  doub N N 33  
ARG NH1 HH11 sing N N 34  
ARG NH1 HH12 sing N N 35  
ARG NH2 HH21 sing N N 36  
ARG NH2 HH22 sing N N 37  
ARG OXT HXT  sing N N 38  
ASN N   CA   sing N N 39  
ASN N   H    sing N N 40  
ASN N   H2   sing N N 41  
ASN CA  C    sing N N 42  
ASN CA  CB   sing N N 43  
ASN CA  HA   sing N N 44  
ASN C   O    doub N N 45  
ASN C   OXT  sing N N 46  
ASN CB  CG   sing N N 47  
ASN CB  HB2  sing N N 48  
ASN CB  HB3  sing N N 49  
ASN CG  OD1  doub N N 50  
ASN CG  ND2  sing N N 51  
ASN ND2 HD21 sing N N 52  
ASN ND2 HD22 sing N N 53  
ASN OXT HXT  sing N N 54  
ASP N   CA   sing N N 55  
ASP N   H    sing N N 56  
ASP N   H2   sing N N 57  
ASP CA  C    sing N N 58  
ASP CA  CB   sing N N 59  
ASP CA  HA   sing N N 60  
ASP C   O    doub N N 61  
ASP C   OXT  sing N N 62  
ASP CB  CG   sing N N 63  
ASP CB  HB2  sing N N 64  
ASP CB  HB3  sing N N 65  
ASP CG  OD1  doub N N 66  
ASP CG  OD2  sing N N 67  
ASP OD2 HD2  sing N N 68  
ASP OXT HXT  sing N N 69  
CYS N   CA   sing N N 70  
CYS N   H    sing N N 71  
CYS N   H2   sing N N 72  
CYS CA  C    sing N N 73  
CYS CA  CB   sing N N 74  
CYS CA  HA   sing N N 75  
CYS C   O    doub N N 76  
CYS C   OXT  sing N N 77  
CYS CB  SG   sing N N 78  
CYS CB  HB2  sing N N 79  
CYS CB  HB3  sing N N 80  
CYS SG  HG   sing N N 81  
CYS OXT HXT  sing N N 82  
GLU N   CA   sing N N 83  
GLU N   H    sing N N 84  
GLU N   H2   sing N N 85  
GLU CA  C    sing N N 86  
GLU CA  CB   sing N N 87  
GLU CA  HA   sing N N 88  
GLU C   O    doub N N 89  
GLU C   OXT  sing N N 90  
GLU CB  CG   sing N N 91  
GLU CB  HB2  sing N N 92  
GLU CB  HB3  sing N N 93  
GLU CG  CD   sing N N 94  
GLU CG  HG2  sing N N 95  
GLU CG  HG3  sing N N 96  
GLU CD  OE1  doub N N 97  
GLU CD  OE2  sing N N 98  
GLU OE2 HE2  sing N N 99  
GLU OXT HXT  sing N N 100 
GLY N   CA   sing N N 101 
GLY N   H    sing N N 102 
GLY N   H2   sing N N 103 
GLY CA  C    sing N N 104 
GLY CA  HA2  sing N N 105 
GLY CA  HA3  sing N N 106 
GLY C   O    doub N N 107 
GLY C   OXT  sing N N 108 
GLY OXT HXT  sing N N 109 
HIS N   CA   sing N N 110 
HIS N   H    sing N N 111 
HIS N   H2   sing N N 112 
HIS CA  C    sing N N 113 
HIS CA  CB   sing N N 114 
HIS CA  HA   sing N N 115 
HIS C   O    doub N N 116 
HIS C   OXT  sing N N 117 
HIS CB  CG   sing N N 118 
HIS CB  HB2  sing N N 119 
HIS CB  HB3  sing N N 120 
HIS CG  ND1  sing Y N 121 
HIS CG  CD2  doub Y N 122 
HIS ND1 CE1  doub Y N 123 
HIS ND1 HD1  sing N N 124 
HIS CD2 NE2  sing Y N 125 
HIS CD2 HD2  sing N N 126 
HIS CE1 NE2  sing Y N 127 
HIS CE1 HE1  sing N N 128 
HIS NE2 HE2  sing N N 129 
HIS OXT HXT  sing N N 130 
HOH O   H1   sing N N 131 
HOH O   H2   sing N N 132 
ILE N   CA   sing N N 133 
ILE N   H    sing N N 134 
ILE N   H2   sing N N 135 
ILE CA  C    sing N N 136 
ILE CA  CB   sing N N 137 
ILE CA  HA   sing N N 138 
ILE C   O    doub N N 139 
ILE C   OXT  sing N N 140 
ILE CB  CG1  sing N N 141 
ILE CB  CG2  sing N N 142 
ILE CB  HB   sing N N 143 
ILE CG1 CD1  sing N N 144 
ILE CG1 HG12 sing N N 145 
ILE CG1 HG13 sing N N 146 
ILE CG2 HG21 sing N N 147 
ILE CG2 HG22 sing N N 148 
ILE CG2 HG23 sing N N 149 
ILE CD1 HD11 sing N N 150 
ILE CD1 HD12 sing N N 151 
ILE CD1 HD13 sing N N 152 
ILE OXT HXT  sing N N 153 
LEU N   CA   sing N N 154 
LEU N   H    sing N N 155 
LEU N   H2   sing N N 156 
LEU CA  C    sing N N 157 
LEU CA  CB   sing N N 158 
LEU CA  HA   sing N N 159 
LEU C   O    doub N N 160 
LEU C   OXT  sing N N 161 
LEU CB  CG   sing N N 162 
LEU CB  HB2  sing N N 163 
LEU CB  HB3  sing N N 164 
LEU CG  CD1  sing N N 165 
LEU CG  CD2  sing N N 166 
LEU CG  HG   sing N N 167 
LEU CD1 HD11 sing N N 168 
LEU CD1 HD12 sing N N 169 
LEU CD1 HD13 sing N N 170 
LEU CD2 HD21 sing N N 171 
LEU CD2 HD22 sing N N 172 
LEU CD2 HD23 sing N N 173 
LEU OXT HXT  sing N N 174 
LYS N   CA   sing N N 175 
LYS N   H    sing N N 176 
LYS N   H2   sing N N 177 
LYS CA  C    sing N N 178 
LYS CA  CB   sing N N 179 
LYS CA  HA   sing N N 180 
LYS C   O    doub N N 181 
LYS C   OXT  sing N N 182 
LYS CB  CG   sing N N 183 
LYS CB  HB2  sing N N 184 
LYS CB  HB3  sing N N 185 
LYS CG  CD   sing N N 186 
LYS CG  HG2  sing N N 187 
LYS CG  HG3  sing N N 188 
LYS CD  CE   sing N N 189 
LYS CD  HD2  sing N N 190 
LYS CD  HD3  sing N N 191 
LYS CE  NZ   sing N N 192 
LYS CE  HE2  sing N N 193 
LYS CE  HE3  sing N N 194 
LYS NZ  HZ1  sing N N 195 
LYS NZ  HZ2  sing N N 196 
LYS NZ  HZ3  sing N N 197 
LYS OXT HXT  sing N N 198 
MET N   CA   sing N N 199 
MET N   H    sing N N 200 
MET N   H2   sing N N 201 
MET CA  C    sing N N 202 
MET CA  CB   sing N N 203 
MET CA  HA   sing N N 204 
MET C   O    doub N N 205 
MET C   OXT  sing N N 206 
MET CB  CG   sing N N 207 
MET CB  HB2  sing N N 208 
MET CB  HB3  sing N N 209 
MET CG  SD   sing N N 210 
MET CG  HG2  sing N N 211 
MET CG  HG3  sing N N 212 
MET SD  CE   sing N N 213 
MET CE  HE1  sing N N 214 
MET CE  HE2  sing N N 215 
MET CE  HE3  sing N N 216 
MET OXT HXT  sing N N 217 
PHE N   CA   sing N N 218 
PHE N   H    sing N N 219 
PHE N   H2   sing N N 220 
PHE CA  C    sing N N 221 
PHE CA  CB   sing N N 222 
PHE CA  HA   sing N N 223 
PHE C   O    doub N N 224 
PHE C   OXT  sing N N 225 
PHE CB  CG   sing N N 226 
PHE CB  HB2  sing N N 227 
PHE CB  HB3  sing N N 228 
PHE CG  CD1  doub Y N 229 
PHE CG  CD2  sing Y N 230 
PHE CD1 CE1  sing Y N 231 
PHE CD1 HD1  sing N N 232 
PHE CD2 CE2  doub Y N 233 
PHE CD2 HD2  sing N N 234 
PHE CE1 CZ   doub Y N 235 
PHE CE1 HE1  sing N N 236 
PHE CE2 CZ   sing Y N 237 
PHE CE2 HE2  sing N N 238 
PHE CZ  HZ   sing N N 239 
PHE OXT HXT  sing N N 240 
PRO N   CA   sing N N 241 
PRO N   CD   sing N N 242 
PRO N   H    sing N N 243 
PRO CA  C    sing N N 244 
PRO CA  CB   sing N N 245 
PRO CA  HA   sing N N 246 
PRO C   O    doub N N 247 
PRO C   OXT  sing N N 248 
PRO CB  CG   sing N N 249 
PRO CB  HB2  sing N N 250 
PRO CB  HB3  sing N N 251 
PRO CG  CD   sing N N 252 
PRO CG  HG2  sing N N 253 
PRO CG  HG3  sing N N 254 
PRO CD  HD2  sing N N 255 
PRO CD  HD3  sing N N 256 
PRO OXT HXT  sing N N 257 
SER N   CA   sing N N 258 
SER N   H    sing N N 259 
SER N   H2   sing N N 260 
SER CA  C    sing N N 261 
SER CA  CB   sing N N 262 
SER CA  HA   sing N N 263 
SER C   O    doub N N 264 
SER C   OXT  sing N N 265 
SER CB  OG   sing N N 266 
SER CB  HB2  sing N N 267 
SER CB  HB3  sing N N 268 
SER OG  HG   sing N N 269 
SER OXT HXT  sing N N 270 
SO4 S   O1   doub N N 271 
SO4 S   O2   doub N N 272 
SO4 S   O3   sing N N 273 
SO4 S   O4   sing N N 274 
THR N   CA   sing N N 275 
THR N   H    sing N N 276 
THR N   H2   sing N N 277 
THR CA  C    sing N N 278 
THR CA  CB   sing N N 279 
THR CA  HA   sing N N 280 
THR C   O    doub N N 281 
THR C   OXT  sing N N 282 
THR CB  OG1  sing N N 283 
THR CB  CG2  sing N N 284 
THR CB  HB   sing N N 285 
THR OG1 HG1  sing N N 286 
THR CG2 HG21 sing N N 287 
THR CG2 HG22 sing N N 288 
THR CG2 HG23 sing N N 289 
THR OXT HXT  sing N N 290 
TYR N   CA   sing N N 291 
TYR N   H    sing N N 292 
TYR N   H2   sing N N 293 
TYR CA  C    sing N N 294 
TYR CA  CB   sing N N 295 
TYR CA  HA   sing N N 296 
TYR C   O    doub N N 297 
TYR C   OXT  sing N N 298 
TYR CB  CG   sing N N 299 
TYR CB  HB2  sing N N 300 
TYR CB  HB3  sing N N 301 
TYR CG  CD1  doub Y N 302 
TYR CG  CD2  sing Y N 303 
TYR CD1 CE1  sing Y N 304 
TYR CD1 HD1  sing N N 305 
TYR CD2 CE2  doub Y N 306 
TYR CD2 HD2  sing N N 307 
TYR CE1 CZ   doub Y N 308 
TYR CE1 HE1  sing N N 309 
TYR CE2 CZ   sing Y N 310 
TYR CE2 HE2  sing N N 311 
TYR CZ  OH   sing N N 312 
TYR OH  HH   sing N N 313 
TYR OXT HXT  sing N N 314 
# 
_pdbx_audit_support.funding_organization   'Ministry of Science and Technology (MoST, Taiwan)' 
_pdbx_audit_support.country                ? 
_pdbx_audit_support.grant_number           ? 
_pdbx_audit_support.ordinal                1 
# 
_pdbx_initial_refinement_model.id               1 
_pdbx_initial_refinement_model.entity_id_list   ? 
_pdbx_initial_refinement_model.type             'experimental model' 
_pdbx_initial_refinement_model.source_name      PDB 
_pdbx_initial_refinement_model.accession_code   4RQG 
_pdbx_initial_refinement_model.details          ? 
# 
_atom_sites.entry_id                    6LSQ 
_atom_sites.Cartn_transf_matrix[1][1]   ? 
_atom_sites.Cartn_transf_matrix[1][2]   ? 
_atom_sites.Cartn_transf_matrix[1][3]   ? 
_atom_sites.Cartn_transf_matrix[2][1]   ? 
_atom_sites.Cartn_transf_matrix[2][2]   ? 
_atom_sites.Cartn_transf_matrix[2][3]   ? 
_atom_sites.Cartn_transf_matrix[3][1]   ? 
_atom_sites.Cartn_transf_matrix[3][2]   ? 
_atom_sites.Cartn_transf_matrix[3][3]   ? 
_atom_sites.Cartn_transf_vector[1]      ? 
_atom_sites.Cartn_transf_vector[2]      ? 
_atom_sites.Cartn_transf_vector[3]      ? 
_atom_sites.fract_transf_matrix[1][1]   -0.01871231 
_atom_sites.fract_transf_matrix[1][2]   -0.02081918 
_atom_sites.fract_transf_matrix[1][3]   0.01939590 
_atom_sites.fract_transf_matrix[2][1]   0.00765194 
_atom_sites.fract_transf_matrix[2][2]   -0.03314127 
_atom_sites.fract_transf_matrix[2][3]   0.00170741 
_atom_sites.fract_transf_matrix[3][1]   0.00498968 
_atom_sites.fract_transf_matrix[3][2]   0.00148202 
_atom_sites.fract_transf_matrix[3][3]   0.00640459 
_atom_sites.fract_transf_vector[1]      -0.364227 
_atom_sites.fract_transf_vector[2]      0.239460 
_atom_sites.fract_transf_vector[3]      0.090402 
_atom_sites.solution_primary            ? 
_atom_sites.solution_secondary          ? 
_atom_sites.solution_hydrogens          ? 
_atom_sites.special_details             ? 
# 
loop_
_atom_type.symbol 
C 
N 
O 
S 
# 
loop_
_atom_site.group_PDB 
_atom_site.id 
_atom_site.type_symbol 
_atom_site.label_atom_id 
_atom_site.label_alt_id 
_atom_site.label_comp_id 
_atom_site.label_asym_id 
_atom_site.label_entity_id 
_atom_site.label_seq_id 
_atom_site.pdbx_PDB_ins_code 
_atom_site.Cartn_x 
_atom_site.Cartn_y 
_atom_site.Cartn_z 
_atom_site.occupancy 
_atom_site.B_iso_or_equiv 
_atom_site.pdbx_formal_charge 
_atom_site.auth_seq_id 
_atom_site.auth_comp_id 
_atom_site.auth_asym_id 
_atom_site.auth_atom_id 
_atom_site.pdbx_PDB_model_num 
ATOM   1   N N   . GLU A 1 1  ? 11.547  5.907   27.928  1.00 42.47 ? -1  GLU A N   1 
ATOM   2   C CA  . GLU A 1 1  ? 11.407  4.429   27.743  1.00 38.63 ? -1  GLU A CA  1 
ATOM   3   C C   . GLU A 1 1  ? 11.853  4.066   26.324  1.00 30.60 ? -1  GLU A C   1 
ATOM   4   O O   . GLU A 1 1  ? 13.070  3.950   26.112  1.00 27.94 ? -1  GLU A O   1 
ATOM   5   C CB  . GLU A 1 1  ? 9.967   4.047   28.067  1.00 43.49 ? -1  GLU A CB  1 
ATOM   6   C CG  . GLU A 1 1  ? 9.693   2.563   28.054  1.00 50.20 ? -1  GLU A CG  1 
ATOM   7   C CD  . GLU A 1 1  ? 8.248   2.281   27.709  1.00 57.52 ? -1  GLU A CD  1 
ATOM   8   O OE1 . GLU A 1 1  ? 7.789   2.789   26.645  1.00 59.94 ? -1  GLU A OE1 1 
ATOM   9   O OE2 . GLU A 1 1  ? 7.558   1.653   28.543  1.00 67.43 ? -1  GLU A OE2 1 
ATOM   10  N N   . PHE A 1 2  ? 10.927  3.970   25.362  1.00 27.03 ? 0   PHE A N   1 
ATOM   11  C CA  . PHE A 1 2  ? 11.268  3.683   23.949  1.00 26.53 ? 0   PHE A CA  1 
ATOM   12  C C   . PHE A 1 2  ? 10.984  4.913   23.096  1.00 26.12 ? 0   PHE A C   1 
ATOM   13  O O   . PHE A 1 2  ? 10.148  5.721   23.492  1.00 25.40 ? 0   PHE A O   1 
ATOM   14  C CB  . PHE A 1 2  ? 10.484  2.480   23.436  1.00 26.39 ? 0   PHE A CB  1 
ATOM   15  C CG  . PHE A 1 2  ? 10.849  1.197   24.123  1.00 28.74 ? 0   PHE A CG  1 
ATOM   16  C CD1 . PHE A 1 2  ? 12.069  0.580   23.877  1.00 30.65 ? 0   PHE A CD1 1 
ATOM   17  C CD2 . PHE A 1 2  ? 10.000  0.631   25.055  1.00 29.76 ? 0   PHE A CD2 1 
ATOM   18  C CE1 . PHE A 1 2  ? 12.430  -0.579  24.553  1.00 30.29 ? 0   PHE A CE1 1 
ATOM   19  C CE2 . PHE A 1 2  ? 10.346  -0.552  25.696  1.00 31.31 ? 0   PHE A CE2 1 
ATOM   20  C CZ  . PHE A 1 2  ? 11.573  -1.132  25.475  1.00 30.54 ? 0   PHE A CZ  1 
ATOM   21  N N   . GLU A 1 3  ? 11.725  5.053   22.006  1.00 25.58 ? 1   GLU A N   1 
ATOM   22  C CA  . GLU A 1 3  ? 11.451  6.009   20.915  1.00 26.49 ? 1   GLU A CA  1 
ATOM   23  C C   . GLU A 1 3  ? 10.397  5.369   20.029  1.00 28.17 ? 1   GLU A C   1 
ATOM   24  O O   . GLU A 1 3  ? 10.694  4.342   19.382  1.00 30.17 ? 1   GLU A O   1 
ATOM   25  C CB  . GLU A 1 3  ? 12.726  6.359   20.144  1.00 28.10 ? 1   GLU A CB  1 
ATOM   26  C CG  . GLU A 1 3  ? 12.587  7.631   19.310  1.00 29.44 ? 1   GLU A CG  1 
ATOM   27  C CD  . GLU A 1 3  ? 12.583  8.954   20.066  1.00 30.20 ? 1   GLU A CD  1 
ATOM   28  O OE1 . GLU A 1 3  ? 13.158  9.054   21.183  1.00 28.72 ? 1   GLU A OE1 1 
ATOM   29  O OE2 . GLU A 1 3  ? 11.999  9.899   19.532  1.00 33.40 ? 1   GLU A OE2 1 
ATOM   30  N N   . CYS A 1 4  ? 9.182   5.883   20.096  1.00 27.04 ? 2   CYS A N   1 
ATOM   31  C CA  . CYS A 1 4  ? 8.019   5.236   19.462  1.00 27.59 ? 2   CYS A CA  1 
ATOM   32  C C   . CYS A 1 4  ? 7.361   6.207   18.498  1.00 27.80 ? 2   CYS A C   1 
ATOM   33  O O   . CYS A 1 4  ? 7.189   7.383   18.845  1.00 29.66 ? 2   CYS A O   1 
ATOM   34  C CB  . CYS A 1 4  ? 7.022   4.745   20.485  1.00 29.29 ? 2   CYS A CB  1 
ATOM   35  S SG  . CYS A 1 4  ? 7.629   3.336   21.444  1.00 31.66 ? 2   CYS A SG  1 
ATOM   36  N N   . GLU A 1 5  ? 7.086   5.727   17.307  1.00 28.30 ? 3   GLU A N   1 
ATOM   37  C CA  . GLU A 1 5  ? 6.359   6.493   16.280  1.00 28.98 ? 3   GLU A CA  1 
ATOM   38  C C   . GLU A 1 5  ? 5.421   5.500   15.610  1.00 28.02 ? 3   GLU A C   1 
ATOM   39  O O   . GLU A 1 5  ? 5.737   4.298   15.609  1.00 28.52 ? 3   GLU A O   1 
ATOM   40  C CB  . GLU A 1 5  ? 7.373   7.151   15.345  1.00 35.44 ? 3   GLU A CB  1 
ATOM   41  C CG  . GLU A 1 5  ? 6.751   7.872   14.172  1.00 39.80 ? 3   GLU A CG  1 
ATOM   42  C CD  . GLU A 1 5  ? 7.724   8.748   13.401  1.00 45.19 ? 3   GLU A CD  1 
ATOM   43  O OE1 . GLU A 1 5  ? 8.824   9.048   13.946  1.00 50.61 ? 3   GLU A OE1 1 
ATOM   44  O OE2 . GLU A 1 5  ? 7.372   9.154   12.274  1.00 50.16 ? 3   GLU A OE2 1 
ATOM   45  N N   . SER A 1 6  ? 4.331   5.977   15.045  1.00 25.01 ? 4   SER A N   1 
ATOM   46  C CA  . SER A 1 6  ? 3.394   5.121   14.292  1.00 24.80 ? 4   SER A CA  1 
ATOM   47  C C   . SER A 1 6  ? 3.367   5.555   12.822  1.00 25.50 ? 4   SER A C   1 
ATOM   48  O O   . SER A 1 6  ? 3.958   6.581   12.462  1.00 26.35 ? 4   SER A O   1 
ATOM   49  C CB  . SER A 1 6  ? 2.044   5.100   14.941  1.00 27.08 ? 4   SER A CB  1 
ATOM   50  O OG  . SER A 1 6  ? 1.447   6.369   14.883  1.00 27.51 ? 4   SER A OG  1 
ATOM   51  N N   . GLY A 1 7  ? 2.899   4.668   11.971  1.00 23.18 ? 5   GLY A N   1 
ATOM   52  C CA  . GLY A 1 7  ? 2.909   4.861   10.527  1.00 23.30 ? 5   GLY A CA  1 
ATOM   53  C C   . GLY A 1 7  ? 2.791   3.522   9.831   1.00 23.15 ? 5   GLY A C   1 
ATOM   54  O O   . GLY A 1 7  ? 2.868   2.469   10.457  1.00 21.51 ? 5   GLY A O   1 
ATOM   55  N N   . PRO A 1 8  ? 2.598   3.553   8.501   1.00 24.65 ? 6   PRO A N   1 
ATOM   56  C CA  . PRO A 1 8  ? 2.432   2.331   7.717   1.00 22.62 ? 6   PRO A CA  1 
ATOM   57  C C   . PRO A 1 8  ? 3.561   1.311   7.912   1.00 23.55 ? 6   PRO A C   1 
ATOM   58  O O   . PRO A 1 8  ? 3.329   0.142   7.709   1.00 21.77 ? 6   PRO A O   1 
ATOM   59  C CB  . PRO A 1 8  ? 2.460   2.839   6.270   1.00 23.13 ? 6   PRO A CB  1 
ATOM   60  C CG  . PRO A 1 8  ? 2.006   4.284   6.368   1.00 24.45 ? 6   PRO A CG  1 
ATOM   61  C CD  . PRO A 1 8  ? 2.492   4.789   7.708   1.00 23.26 ? 6   PRO A CD  1 
ATOM   62  N N   . CYS A 1 9  ? 4.788   1.767   8.152   1.00 22.50 ? 7   CYS A N   1 
ATOM   63  C CA  . CYS A 1 9  ? 5.988   0.879   8.182   1.00 24.02 ? 7   CYS A CA  1 
ATOM   64  C C   . CYS A 1 9  ? 6.458   0.636   9.621   1.00 23.90 ? 7   CYS A C   1 
ATOM   65  O O   . CYS A 1 9  ? 7.594   0.191   9.803   1.00 23.66 ? 7   CYS A O   1 
ATOM   66  C CB  . CYS A 1 9  ? 7.095   1.455   7.310   1.00 24.17 ? 7   CYS A CB  1 
ATOM   67  S SG  . CYS A 1 9  ? 6.693   1.325   5.550   1.00 26.26 ? 7   CYS A SG  1 
ATOM   68  N N   . CYS A 1 10 ? 5.582   0.853   10.601  1.00 24.41 ? 8   CYS A N   1 
ATOM   69  C CA  . CYS A 1 10 ? 5.831   0.568   12.033  1.00 23.29 ? 8   CYS A CA  1 
ATOM   70  C C   . CYS A 1 10 ? 4.634   -0.156  12.631  1.00 23.63 ? 8   CYS A C   1 
ATOM   71  O O   . CYS A 1 10 ? 3.495   0.099   12.206  1.00 23.07 ? 8   CYS A O   1 
ATOM   72  C CB  . CYS A 1 10 ? 6.108   1.833   12.827  1.00 25.32 ? 8   CYS A CB  1 
ATOM   73  S SG  . CYS A 1 10 ? 7.750   2.486   12.462  1.00 27.26 ? 8   CYS A SG  1 
ATOM   74  N N   . ARG A 1 11 ? 4.913   -0.965  13.637  1.00 22.14 ? 9   ARG A N   1 
ATOM   75  C CA  . ARG A 1 11 ? 3.876   -1.666  14.424  1.00 24.85 ? 9   ARG A CA  1 
ATOM   76  C C   . ARG A 1 11 ? 4.395   -1.798  15.848  1.00 24.77 ? 9   ARG A C   1 
ATOM   77  O O   . ARG A 1 11 ? 5.495   -2.329  15.995  1.00 23.32 ? 9   ARG A O   1 
ATOM   78  C CB  . ARG A 1 11 ? 3.579   -3.018  13.768  1.00 27.25 ? 9   ARG A CB  1 
ATOM   79  C CG  . ARG A 1 11 ? 2.413   -3.763  14.392  1.00 31.89 ? 9   ARG A CG  1 
ATOM   80  C CD  . ARG A 1 11 ? 1.089   -3.140  14.024  1.00 34.71 ? 9   ARG A CD  1 
ATOM   81  N NE  . ARG A 1 11 ? -0.016  -3.906  14.589  1.00 39.27 ? 9   ARG A NE  1 
ATOM   82  C CZ  . ARG A 1 11 ? -0.818  -3.518  15.589  1.00 41.12 ? 9   ARG A CZ  1 
ATOM   83  N NH1 . ARG A 1 11 ? -0.667  -2.339  16.185  1.00 39.92 ? 9   ARG A NH1 1 
ATOM   84  N NH2 . ARG A 1 11 ? -1.804  -4.318  15.965  1.00 40.98 ? 9   ARG A NH2 1 
ATOM   85  N N   . ASN A 1 12 ? 3.669   -1.242  16.822  1.00 24.10 ? 10  ASN A N   1 
ATOM   86  C CA  . ASN A 1 12 ? 3.957   -1.383  18.270  1.00 28.54 ? 10  ASN A CA  1 
ATOM   87  C C   . ASN A 1 12 ? 5.413   -0.977  18.532  1.00 27.01 ? 10  ASN A C   1 
ATOM   88  O O   . ASN A 1 12 ? 6.147   -1.739  19.168  1.00 24.22 ? 10  ASN A O   1 
ATOM   89  C CB  . ASN A 1 12 ? 3.641   -2.801  18.748  1.00 33.40 ? 10  ASN A CB  1 
ATOM   90  C CG  . ASN A 1 12 ? 2.153   -3.093  18.754  1.00 37.40 ? 10  ASN A CG  1 
ATOM   91  O OD1 . ASN A 1 12 ? 1.342   -2.210  19.032  1.00 40.75 ? 10  ASN A OD1 1 
ATOM   92  N ND2 . ASN A 1 12 ? 1.785   -4.328  18.453  1.00 40.49 ? 10  ASN A ND2 1 
ATOM   93  N N   . CYS A 1 13 ? 5.842   0.119   17.913  1.00 27.53 ? 11  CYS A N   1 
ATOM   94  C CA  . CYS A 1 13 ? 7.133   0.777   18.185  1.00 27.83 ? 11  CYS A CA  1 
ATOM   95  C C   . CYS A 1 13 ? 8.288   0.002   17.522  1.00 27.59 ? 11  CYS A C   1 
ATOM   96  O O   . CYS A 1 13 ? 9.459   0.234   17.854  1.00 27.93 ? 11  CYS A O   1 
ATOM   97  C CB  . CYS A 1 13 ? 7.306   0.883   19.691  1.00 32.31 ? 11  CYS A CB  1 
ATOM   98  S SG  . CYS A 1 13 ? 8.582   2.077   20.124  1.00 35.76 ? 11  CYS A SG  1 
ATOM   99  N N   . LYS A 1 14 ? 7.980   -0.901  16.609  1.00 25.54 ? 12  LYS A N   1 
ATOM   100 C CA  . LYS A 1 14 ? 8.999   -1.663  15.858  1.00 27.85 ? 12  LYS A CA  1 
ATOM   101 C C   . LYS A 1 14 ? 8.878   -1.319  14.379  1.00 26.85 ? 12  LYS A C   1 
ATOM   102 O O   . LYS A 1 14 ? 7.796   -0.904  13.966  1.00 25.70 ? 12  LYS A O   1 
ATOM   103 C CB  . LYS A 1 14 ? 8.823   -3.148  16.162  1.00 30.33 ? 12  LYS A CB  1 
ATOM   104 C CG  . LYS A 1 14 ? 8.796   -3.478  17.648  1.00 31.98 ? 12  LYS A CG  1 
ATOM   105 C CD  . LYS A 1 14 ? 8.706   -4.961  17.941  1.00 35.94 ? 12  LYS A CD  1 
ATOM   106 C CE  . LYS A 1 14 ? 7.523   -5.618  17.274  1.00 39.51 ? 12  LYS A CE  1 
ATOM   107 N NZ  . LYS A 1 14 ? 6.244   -4.956  17.630  1.00 41.55 ? 12  LYS A NZ  1 
ATOM   108 N N   . PHE A 1 15 ? 9.971   -1.422  13.633  1.00 28.71 ? 13  PHE A N   1 
ATOM   109 C CA  . PHE A 1 15 ? 10.021  -1.142  12.182  1.00 28.16 ? 13  PHE A CA  1 
ATOM   110 C C   . PHE A 1 15 ? 9.731   -2.428  11.404  1.00 29.80 ? 13  PHE A C   1 
ATOM   111 O O   . PHE A 1 15 ? 10.359  -3.482  11.697  1.00 29.07 ? 13  PHE A O   1 
ATOM   112 C CB  . PHE A 1 15 ? 11.364  -0.506  11.822  1.00 30.52 ? 13  PHE A CB  1 
ATOM   113 C CG  . PHE A 1 15 ? 11.493  0.865   12.407  1.00 32.90 ? 13  PHE A CG  1 
ATOM   114 C CD1 . PHE A 1 15 ? 11.883  1.019   13.727  1.00 34.82 ? 13  PHE A CD1 1 
ATOM   115 C CD2 . PHE A 1 15 ? 10.975  1.961   11.740  1.00 33.58 ? 13  PHE A CD2 1 
ATOM   116 C CE1 . PHE A 1 15 ? 11.858  2.266   14.328  1.00 38.67 ? 13  PHE A CE1 1 
ATOM   117 C CE2 . PHE A 1 15 ? 10.974  3.214   12.334  1.00 36.38 ? 13  PHE A CE2 1 
ATOM   118 C CZ  . PHE A 1 15 ? 11.452  3.368   13.614  1.00 37.48 ? 13  PHE A CZ  1 
ATOM   119 N N   . LEU A 1 16 ? 8.795   -2.354  10.452  1.00 25.68 ? 14  LEU A N   1 
ATOM   120 C CA  . LEU A 1 16 ? 8.500   -3.492  9.556   1.00 29.14 ? 14  LEU A CA  1 
ATOM   121 C C   . LEU A 1 16 ? 9.774   -3.850  8.772   1.00 27.68 ? 14  LEU A C   1 
ATOM   122 O O   . LEU A 1 16 ? 10.540  -2.921  8.380   1.00 29.37 ? 14  LEU A O   1 
ATOM   123 C CB  . LEU A 1 16 ? 7.326   -3.136  8.626   1.00 29.03 ? 14  LEU A CB  1 
ATOM   124 C CG  . LEU A 1 16 ? 5.923   -3.101  9.263   1.00 30.49 ? 14  LEU A CG  1 
ATOM   125 C CD1 . LEU A 1 16 ? 4.850   -2.972  8.186   1.00 28.50 ? 14  LEU A CD1 1 
ATOM   126 C CD2 . LEU A 1 16 ? 5.632   -4.332  10.102  1.00 34.48 ? 14  LEU A CD2 1 
ATOM   127 N N   . LYS A 1 17 ? 10.033  -5.152  8.619   1.00 30.99 ? 15  LYS A N   1 
ATOM   128 C CA  . LYS A 1 17 ? 11.181  -5.701  7.842   1.00 33.31 ? 15  LYS A CA  1 
ATOM   129 C C   . LYS A 1 17 ? 11.408  -4.847  6.590   1.00 32.32 ? 15  LYS A C   1 
ATOM   130 O O   . LYS A 1 17 ? 10.429  -4.614  5.835   1.00 30.62 ? 15  LYS A O   1 
ATOM   131 C CB  . LYS A 1 17 ? 10.901  -7.162  7.477   1.00 36.10 ? 15  LYS A CB  1 
ATOM   132 C CG  . LYS A 1 17 ? 12.117  -7.981  7.090   1.00 37.95 ? 15  LYS A CG  1 
ATOM   133 C CD  . LYS A 1 17 ? 12.997  -8.323  8.267   1.00 39.41 ? 15  LYS A CD  1 
ATOM   134 C CE  . LYS A 1 17 ? 14.244  -9.073  7.853   1.00 41.29 ? 15  LYS A CE  1 
ATOM   135 N NZ  . LYS A 1 17 ? 15.274  -8.155  7.308   1.00 40.27 ? 15  LYS A NZ  1 
ATOM   136 N N   . GLU A 1 18 ? 12.646  -4.428  6.340   1.00 34.29 ? 16  GLU A N   1 
ATOM   137 C CA  . GLU A 1 18 ? 13.007  -3.710  5.094   1.00 39.11 ? 16  GLU A CA  1 
ATOM   138 C C   . GLU A 1 18 ? 12.578  -4.569  3.894   1.00 39.05 ? 16  GLU A C   1 
ATOM   139 O O   . GLU A 1 18 ? 12.656  -5.819  3.988   1.00 38.99 ? 16  GLU A O   1 
ATOM   140 C CB  . GLU A 1 18 ? 14.498  -3.395  5.002   1.00 45.09 ? 16  GLU A CB  1 
ATOM   141 C CG  . GLU A 1 18 ? 15.385  -4.609  4.817   1.00 50.67 ? 16  GLU A CG  1 
ATOM   142 C CD  . GLU A 1 18 ? 16.870  -4.288  4.940   1.00 54.37 ? 16  GLU A CD  1 
ATOM   143 O OE1 . GLU A 1 18 ? 17.547  -4.243  3.891   1.00 53.73 ? 16  GLU A OE1 1 
ATOM   144 O OE2 . GLU A 1 18 ? 17.333  -4.016  6.081   1.00 56.54 ? 16  GLU A OE2 1 
ATOM   145 N N   . GLY A 1 19 ? 12.133  -3.914  2.825   1.00 37.08 ? 17  GLY A N   1 
ATOM   146 C CA  . GLY A 1 19 ? 11.620  -4.577  1.611   1.00 38.69 ? 17  GLY A CA  1 
ATOM   147 C C   . GLY A 1 19 ? 10.130  -4.880  1.664   1.00 38.17 ? 17  GLY A C   1 
ATOM   148 O O   . GLY A 1 19 ? 9.612   -5.265  0.600   1.00 41.65 ? 17  GLY A O   1 
ATOM   149 N N   . THR A 1 20 ? 9.450   -4.737  2.821   1.00 34.79 ? 18  THR A N   1 
ATOM   150 C CA  . THR A 1 20 ? 7.984   -5.006  2.980   1.00 34.29 ? 18  THR A CA  1 
ATOM   151 C C   . THR A 1 20 ? 7.177   -4.006  2.128   1.00 28.61 ? 18  THR A C   1 
ATOM   152 O O   . THR A 1 20 ? 7.433   -2.788  2.215   1.00 29.80 ? 18  THR A O   1 
ATOM   153 C CB  . THR A 1 20 ? 7.552   -4.937  4.454   1.00 34.64 ? 18  THR A CB  1 
ATOM   154 O OG1 . THR A 1 20 ? 8.295   -5.860  5.255   1.00 36.59 ? 18  THR A OG1 1 
ATOM   155 C CG2 . THR A 1 20 ? 6.076   -5.216  4.640   1.00 35.18 ? 18  THR A CG2 1 
ATOM   156 N N   . ILE A 1 21 ? 6.267   -4.470  1.259   1.00 27.60 ? 19  ILE A N   1 
ATOM   157 C CA  . ILE A 1 21 ? 5.502   -3.544  0.383   1.00 23.87 ? 19  ILE A CA  1 
ATOM   158 C C   . ILE A 1 21 ? 4.633   -2.650  1.278   1.00 23.49 ? 19  ILE A C   1 
ATOM   159 O O   . ILE A 1 21 ? 3.985   -3.176  2.197   1.00 23.07 ? 19  ILE A O   1 
ATOM   160 C CB  . ILE A 1 21 ? 4.682   -4.302  -0.682  1.00 25.47 ? 19  ILE A CB  1 
ATOM   161 C CG1 . ILE A 1 21 ? 4.069   -3.337  -1.698  1.00 25.00 ? 19  ILE A CG1 1 
ATOM   162 C CG2 . ILE A 1 21 ? 3.643   -5.234  -0.055  1.00 26.06 ? 19  ILE A CG2 1 
ATOM   163 C CD1 . ILE A 1 21 ? 3.442   -4.038  -2.904  1.00 26.10 ? 19  ILE A CD1 1 
ATOM   164 N N   . CYS A 1 22 ? 4.561   -1.357  0.979   1.00 22.11 ? 20  CYS A N   1 
ATOM   165 C CA  . CYS A 1 22 ? 3.668   -0.444  1.715   1.00 22.41 ? 20  CYS A CA  1 
ATOM   166 C C   . CYS A 1 22 ? 2.751   0.335   0.771   1.00 22.16 ? 20  CYS A C   1 
ATOM   167 O O   . CYS A 1 22 ? 1.698   0.795   1.234   1.00 20.26 ? 20  CYS A O   1 
ATOM   168 C CB  . CYS A 1 22 ? 4.459   0.413   2.698   1.00 21.80 ? 20  CYS A CB  1 
ATOM   169 S SG  . CYS A 1 22 ? 5.738   1.471   1.982   1.00 24.94 ? 20  CYS A SG  1 
ATOM   170 N N   . LYS A 1 23 ? 3.033   0.388   -0.526  1.00 23.74 ? 21  LYS A N   1 
ATOM   171 C CA  . LYS A 1 23 ? 2.104   1.026   -1.484  1.00 24.03 ? 21  LYS A CA  1 
ATOM   172 C C   . LYS A 1 23 ? 2.373   0.486   -2.885  1.00 24.72 ? 21  LYS A C   1 
ATOM   173 O O   . LYS A 1 23 ? 3.472   0.639   -3.404  1.00 25.57 ? 21  LYS A O   1 
ATOM   174 C CB  . LYS A 1 23 ? 2.208   2.543   -1.448  1.00 27.86 ? 21  LYS A CB  1 
ATOM   175 C CG  . LYS A 1 23 ? 1.097   3.279   -2.174  1.00 31.26 ? 21  LYS A CG  1 
ATOM   176 C CD  . LYS A 1 23 ? 0.943   4.702   -1.689  1.00 37.42 ? 21  LYS A CD  1 
ATOM   177 C CE  . LYS A 1 23 ? -0.333  5.357   -2.156  1.00 40.00 ? 21  LYS A CE  1 
ATOM   178 N NZ  . LYS A 1 23 ? -0.252  5.722   -3.586  1.00 44.73 ? 21  LYS A NZ  1 
ATOM   179 N N   . ARG A 1 24 ? 1.368   -0.144  -3.460  1.00 22.53 ? 22  ARG A N   1 
ATOM   180 C CA  . ARG A 1 24 ? 1.466   -0.738  -4.794  1.00 21.14 ? 22  ARG A CA  1 
ATOM   181 C C   . ARG A 1 24 ? 1.479   0.396   -5.810  1.00 21.57 ? 22  ARG A C   1 
ATOM   182 O O   . ARG A 1 24 ? 0.656   1.321   -5.694  1.00 20.17 ? 22  ARG A O   1 
ATOM   183 C CB  . ARG A 1 24 ? 0.331   -1.739  -4.977  1.00 20.89 ? 22  ARG A CB  1 
ATOM   184 C CG  . ARG A 1 24 ? 0.424   -2.524  -6.268  1.00 22.97 ? 22  ARG A CG  1 
ATOM   185 C CD  . ARG A 1 24 ? -0.373  -3.802  -6.220  1.00 23.39 ? 22  ARG A CD  1 
ATOM   186 N NE  . ARG A 1 24 ? -0.161  -4.601  -5.026  1.00 24.06 ? 22  ARG A NE  1 
ATOM   187 C CZ  . ARG A 1 24 ? 0.813   -5.492  -4.845  1.00 25.61 ? 22  ARG A CZ  1 
ATOM   188 N NH1 . ARG A 1 24 ? 1.689   -5.735  -5.804  1.00 26.52 ? 22  ARG A NH1 1 
ATOM   189 N NH2 . ARG A 1 24 ? 0.818   -6.234  -3.756  1.00 25.84 ? 22  ARG A NH2 1 
ATOM   190 N N   . ALA A 1 25 ? 2.382   0.287   -6.785  1.00 25.72 ? 23  ALA A N   1 
ATOM   191 C CA  . ALA A 1 25 ? 2.621   1.261   -7.869  1.00 27.27 ? 23  ALA A CA  1 
ATOM   192 C C   . ALA A 1 25 ? 1.482   1.194   -8.887  1.00 25.52 ? 23  ALA A C   1 
ATOM   193 O O   . ALA A 1 25 ? 0.895   0.116   -9.044  1.00 21.34 ? 23  ALA A O   1 
ATOM   194 C CB  . ALA A 1 25 ? 3.936   0.934   -8.540  1.00 29.54 ? 23  ALA A CB  1 
ATOM   195 N N   . ARG A 1 26 ? 1.313   2.258   -9.662  1.00 25.68 ? 24  ARG A N   1 
ATOM   196 C CA  . ARG A 1 26 ? 0.489   2.287   -10.892 1.00 28.53 ? 24  ARG A CA  1 
ATOM   197 C C   . ARG A 1 26 ? 1.355   1.784   -12.060 1.00 27.62 ? 24  ARG A C   1 
ATOM   198 O O   . ARG A 1 26 ? 2.567   2.067   -12.064 1.00 27.51 ? 24  ARG A O   1 
ATOM   199 C CB  . ARG A 1 26 ? -0.048  3.715   -11.085 1.00 34.93 ? 24  ARG A CB  1 
ATOM   200 C CG  . ARG A 1 26 ? -0.523  4.368   -9.789  1.00 41.37 ? 24  ARG A CG  1 
ATOM   201 C CD  . ARG A 1 26 ? -1.100  5.773   -9.925  1.00 48.42 ? 24  ARG A CD  1 
ATOM   202 N NE  . ARG A 1 26 ? -2.389  5.775   -10.611 1.00 57.01 ? 24  ARG A NE  1 
ATOM   203 C CZ  . ARG A 1 26 ? -2.598  6.151   -11.882 1.00 61.87 ? 24  ARG A CZ  1 
ATOM   204 N NH1 . ARG A 1 26 ? -1.597  6.588   -12.630 1.00 65.11 ? 24  ARG A NH1 1 
ATOM   205 N NH2 . ARG A 1 26 ? -3.820  6.098   -12.395 1.00 58.65 ? 24  ARG A NH2 1 
ATOM   206 N N   . GLY A 1 27 ? 0.780   1.039   -12.997 1.00 26.15 ? 25  GLY A N   1 
ATOM   207 C CA  . GLY A 1 27 ? 1.457   0.654   -14.251 1.00 28.08 ? 25  GLY A CA  1 
ATOM   208 C C   . GLY A 1 27 ? 2.687   -0.203  -13.971 1.00 29.20 ? 25  GLY A C   1 
ATOM   209 O O   . GLY A 1 27 ? 2.582   -1.119  -13.135 1.00 26.72 ? 25  GLY A O   1 
ATOM   210 N N   . ASP A 1 28 ? 3.833   0.128   -14.585 1.00 27.64 ? 26  ASP A N   1 
ATOM   211 C CA  . ASP A 1 28 ? 5.048   -0.725  -14.550 1.00 28.29 ? 26  ASP A CA  1 
ATOM   212 C C   . ASP A 1 28 ? 6.011   -0.235  -13.464 1.00 29.07 ? 26  ASP A C   1 
ATOM   213 O O   . ASP A 1 28 ? 7.142   -0.772  -13.396 1.00 28.39 ? 26  ASP A O   1 
ATOM   214 C CB  . ASP A 1 28 ? 5.776   -0.773  -15.891 1.00 28.64 ? 26  ASP A CB  1 
ATOM   215 C CG  . ASP A 1 28 ? 6.798   -1.902  -15.947 1.00 29.68 ? 26  ASP A CG  1 
ATOM   216 O OD1 . ASP A 1 28 ? 6.496   -2.963  -15.399 1.00 26.69 ? 26  ASP A OD1 1 
ATOM   217 O OD2 . ASP A 1 28 ? 7.876   -1.712  -16.549 1.00 30.60 ? 26  ASP A OD2 1 
ATOM   218 N N   . ASP A 1 29 ? 5.593   0.708   -12.615 1.00 30.00 ? 27  ASP A N   1 
ATOM   219 C CA  . ASP A 1 29 ? 6.528   1.371   -11.669 1.00 30.17 ? 27  ASP A CA  1 
ATOM   220 C C   . ASP A 1 29 ? 6.981   0.393   -10.578 1.00 30.98 ? 27  ASP A C   1 
ATOM   221 O O   . ASP A 1 29 ? 6.315   -0.625  -10.303 1.00 26.37 ? 27  ASP A O   1 
ATOM   222 C CB  . ASP A 1 29 ? 5.930   2.625   -11.035 1.00 33.02 ? 27  ASP A CB  1 
ATOM   223 C CG  . ASP A 1 29 ? 5.928   3.810   -11.973 1.00 37.96 ? 27  ASP A CG  1 
ATOM   224 O OD1 . ASP A 1 29 ? 6.883   3.914   -12.788 1.00 40.19 ? 27  ASP A OD1 1 
ATOM   225 O OD2 . ASP A 1 29 ? 4.967   4.604   -11.901 1.00 40.63 ? 27  ASP A OD2 1 
ATOM   226 N N   . MET A 1 30 ? 8.079   0.746   -9.929  1.00 31.68 ? 28  MET A N   1 
ATOM   227 C CA  . MET A 1 30 ? 8.538   0.065   -8.709  1.00 30.69 ? 28  MET A CA  1 
ATOM   228 C C   . MET A 1 30 ? 7.544   0.380   -7.590  1.00 28.70 ? 28  MET A C   1 
ATOM   229 O O   . MET A 1 30 ? 7.134   1.545   -7.496  1.00 27.04 ? 28  MET A O   1 
ATOM   230 C CB  . MET A 1 30 ? 9.926   0.567   -8.332  1.00 33.10 ? 28  MET A CB  1 
ATOM   231 C CG  . MET A 1 30 ? 10.638  -0.367  -7.408  1.00 33.31 ? 28  MET A CG  1 
ATOM   232 S SD  . MET A 1 30 ? 12.203  0.323   -6.913  1.00 34.97 ? 28  MET A SD  1 
ATOM   233 C CE  . MET A 1 30 ? 13.001  0.549   -8.503  1.00 33.12 ? 28  MET A CE  1 
ATOM   234 N N   . ASP A 1 31 ? 7.120   -0.644  -6.850  1.00 28.00 ? 29  ASP A N   1 
ATOM   235 C CA  . ASP A 1 31 ? 6.264   -0.488  -5.650  1.00 29.22 ? 29  ASP A CA  1 
ATOM   236 C C   . ASP A 1 31 ? 7.071   0.273   -4.595  1.00 29.92 ? 29  ASP A C   1 
ATOM   237 O O   . ASP A 1 31 ? 8.300   0.286   -4.688  1.00 33.24 ? 29  ASP A O   1 
ATOM   238 C CB  . ASP A 1 31 ? 5.769   -1.852  -5.171  1.00 28.89 ? 29  ASP A CB  1 
ATOM   239 C CG  . ASP A 1 31 ? 4.889   -2.554  -6.197  1.00 28.48 ? 29  ASP A CG  1 
ATOM   240 O OD1 . ASP A 1 31 ? 3.960   -1.921  -6.708  1.00 28.55 ? 29  ASP A OD1 1 
ATOM   241 O OD2 . ASP A 1 31 ? 5.200   -3.704  -6.530  1.00 31.78 ? 29  ASP A OD2 1 
ATOM   242 N N   . ASP A 1 32 ? 6.387   1.008   -3.735  1.00 30.91 ? 30  ASP A N   1 
ATOM   243 C CA  . ASP A 1 32 ? 6.959   1.586   -2.490  1.00 30.34 ? 30  ASP A CA  1 
ATOM   244 C C   . ASP A 1 32 ? 7.093   0.476   -1.441  1.00 29.82 ? 30  ASP A C   1 
ATOM   245 O O   . ASP A 1 32 ? 6.138   -0.330  -1.282  1.00 28.73 ? 30  ASP A O   1 
ATOM   246 C CB  . ASP A 1 32 ? 6.096   2.740   -1.997  1.00 30.76 ? 30  ASP A CB  1 
ATOM   247 C CG  . ASP A 1 32 ? 5.932   3.885   -2.976  1.00 33.87 ? 30  ASP A CG  1 
ATOM   248 O OD1 . ASP A 1 32 ? 6.715   3.962   -3.954  1.00 36.43 ? 30  ASP A OD1 1 
ATOM   249 O OD2 . ASP A 1 32 ? 5.055   4.719   -2.730  1.00 34.00 ? 30  ASP A OD2 1 
ATOM   250 N N   . TYR A 1 33 ? 8.213   0.472   -0.707  1.00 30.03 ? 31  TYR A N   1 
ATOM   251 C CA  . TYR A 1 33 ? 8.565   -0.570  0.282   1.00 29.87 ? 31  TYR A CA  1 
ATOM   252 C C   . TYR A 1 33 ? 9.089   0.124   1.536   1.00 28.10 ? 31  TYR A C   1 
ATOM   253 O O   . TYR A 1 33 ? 9.739   1.190   1.422   1.00 26.84 ? 31  TYR A O   1 
ATOM   254 C CB  . TYR A 1 33 ? 9.607   -1.546  -0.272  1.00 32.67 ? 31  TYR A CB  1 
ATOM   255 C CG  . TYR A 1 33 ? 9.188   -2.278  -1.526  1.00 38.41 ? 31  TYR A CG  1 
ATOM   256 C CD1 . TYR A 1 33 ? 8.482   -3.468  -1.459  1.00 41.34 ? 31  TYR A CD1 1 
ATOM   257 C CD2 . TYR A 1 33 ? 9.498   -1.780  -2.783  1.00 42.88 ? 31  TYR A CD2 1 
ATOM   258 C CE1 . TYR A 1 33 ? 8.106   -4.149  -2.609  1.00 40.53 ? 31  TYR A CE1 1 
ATOM   259 C CE2 . TYR A 1 33 ? 9.128   -2.445  -3.941  1.00 42.36 ? 31  TYR A CE2 1 
ATOM   260 C CZ  . TYR A 1 33 ? 8.437   -3.642  -3.850  1.00 44.08 ? 31  TYR A CZ  1 
ATOM   261 O OH  . TYR A 1 33 ? 8.076   -4.316  -4.984  1.00 46.88 ? 31  TYR A OH  1 
ATOM   262 N N   . CYS A 1 34 ? 8.833   -0.479  2.690   1.00 28.32 ? 32  CYS A N   1 
ATOM   263 C CA  . CYS A 1 34 ? 9.404   -0.042  3.996   1.00 27.50 ? 32  CYS A CA  1 
ATOM   264 C C   . CYS A 1 34 ? 10.925  -0.240  3.965   1.00 31.12 ? 32  CYS A C   1 
ATOM   265 O O   . CYS A 1 34 ? 11.380  -1.212  3.353   1.00 29.54 ? 32  CYS A O   1 
ATOM   266 C CB  . CYS A 1 34 ? 8.781   -0.827  5.139   1.00 27.92 ? 32  CYS A CB  1 
ATOM   267 S SG  . CYS A 1 34 ? 6.985   -0.649  5.230   1.00 26.55 ? 32  CYS A SG  1 
ATOM   268 N N   . ASN A 1 35 ? 11.688  0.643   4.621   1.00 32.16 ? 33  ASN A N   1 
ATOM   269 C CA  . ASN A 1 35 ? 13.174  0.639   4.569   1.00 37.49 ? 33  ASN A CA  1 
ATOM   270 C C   . ASN A 1 35 ? 13.723  -0.010  5.848   1.00 39.04 ? 33  ASN A C   1 
ATOM   271 O O   . ASN A 1 35 ? 14.946  -0.233  5.919   1.00 42.34 ? 33  ASN A O   1 
ATOM   272 C CB  . ASN A 1 35 ? 13.729  2.050   4.377   1.00 38.86 ? 33  ASN A CB  1 
ATOM   273 C CG  . ASN A 1 35 ? 13.235  2.985   5.451   1.00 37.71 ? 33  ASN A CG  1 
ATOM   274 O OD1 . ASN A 1 35 ? 12.839  2.525   6.514   1.00 38.96 ? 33  ASN A OD1 1 
ATOM   275 N ND2 . ASN A 1 35 ? 13.114  4.256   5.129   1.00 38.42 ? 33  ASN A ND2 1 
ATOM   276 N N   . GLY A 1 36 ? 12.854  -0.315  6.812   1.00 37.31 ? 34  GLY A N   1 
ATOM   277 C CA  . GLY A 1 36 ? 13.236  -0.947  8.087   1.00 39.15 ? 34  GLY A CA  1 
ATOM   278 C C   . GLY A 1 36 ? 13.947  0.041   9.000   1.00 39.22 ? 34  GLY A C   1 
ATOM   279 O O   . GLY A 1 36 ? 14.599  -0.418  9.956   1.00 40.63 ? 34  GLY A O   1 
ATOM   280 N N   . LYS A 1 37 ? 13.787  1.349   8.745   1.00 38.22 ? 35  LYS A N   1 
ATOM   281 C CA  . LYS A 1 37 ? 14.478  2.445   9.480   1.00 40.62 ? 35  LYS A CA  1 
ATOM   282 C C   . LYS A 1 37 ? 13.484  3.514   9.958   1.00 38.47 ? 35  LYS A C   1 
ATOM   283 O O   . LYS A 1 37 ? 13.765  4.065   11.021  1.00 38.63 ? 35  LYS A O   1 
ATOM   284 C CB  . LYS A 1 37 ? 15.559  3.093   8.603   1.00 45.82 ? 35  LYS A CB  1 
ATOM   285 C CG  . LYS A 1 37 ? 16.690  2.166   8.185   1.00 49.31 ? 35  LYS A CG  1 
ATOM   286 C CD  . LYS A 1 37 ? 17.840  2.878   7.495   1.00 54.77 ? 35  LYS A CD  1 
ATOM   287 C CE  . LYS A 1 37 ? 17.499  3.337   6.093   1.00 57.84 ? 35  LYS A CE  1 
ATOM   288 N NZ  . LYS A 1 37 ? 18.578  4.175   5.518   1.00 61.02 ? 35  LYS A NZ  1 
ATOM   289 N N   . THR A 1 38 ? 12.377  3.766   9.233   1.00 35.91 ? 36  THR A N   1 
ATOM   290 C CA  . THR A 1 38 ? 11.419  4.908   9.416   1.00 34.01 ? 36  THR A CA  1 
ATOM   291 C C   . THR A 1 38 ? 9.958   4.441   9.234   1.00 32.30 ? 36  THR A C   1 
ATOM   292 O O   . THR A 1 38 ? 9.777   3.365   8.652   1.00 26.87 ? 36  THR A O   1 
ATOM   293 C CB  . THR A 1 38 ? 11.743  6.060   8.460   1.00 38.36 ? 36  THR A CB  1 
ATOM   294 O OG1 . THR A 1 38 ? 11.509  5.665   7.109   1.00 40.94 ? 36  THR A OG1 1 
ATOM   295 C CG2 . THR A 1 38 ? 13.178  6.525   8.599   1.00 43.87 ? 36  THR A CG2 1 
ATOM   296 N N   . CYS A 1 39 ? 8.966   5.166   9.789   1.00 28.10 ? 37  CYS A N   1 
ATOM   297 C CA  . CYS A 1 39 ? 7.571   4.666   9.956   1.00 28.51 ? 37  CYS A CA  1 
ATOM   298 C C   . CYS A 1 39 ? 6.718   5.024   8.738   1.00 29.80 ? 37  CYS A C   1 
ATOM   299 O O   . CYS A 1 39 ? 5.668   4.393   8.556   1.00 30.60 ? 37  CYS A O   1 
ATOM   300 C CB  . CYS A 1 39 ? 6.881   5.192   11.204  1.00 27.51 ? 37  CYS A CB  1 
ATOM   301 S SG  . CYS A 1 39 ? 7.570   4.521   12.743  1.00 28.76 ? 37  CYS A SG  1 
ATOM   302 N N   . ASP A 1 40 ? 7.162   5.983   7.931   1.00 31.03 ? 38  ASP A N   1 
ATOM   303 C CA  . ASP A 1 40 ? 6.411   6.424   6.734   1.00 34.24 ? 38  ASP A CA  1 
ATOM   304 C C   . ASP A 1 40 ? 6.684   5.419   5.608   1.00 30.40 ? 38  ASP A C   1 
ATOM   305 O O   . ASP A 1 40 ? 7.608   4.570   5.708   1.00 27.03 ? 38  ASP A O   1 
ATOM   306 C CB  . ASP A 1 40 ? 6.662   7.907   6.439   1.00 37.68 ? 38  ASP A CB  1 
ATOM   307 C CG  . ASP A 1 40 ? 5.862   8.856   7.356   1.00 52.16 ? 38  ASP A CG  1 
ATOM   308 O OD1 . ASP A 1 40 ? 4.846   8.404   7.945   1.00 50.97 ? 38  ASP A OD1 1 
ATOM   309 O OD2 . ASP A 1 40 ? 6.272   10.046  7.518   1.00 51.00 ? 38  ASP A OD2 1 
ATOM   310 N N   . CYS A 1 41 ? 5.781   5.376   4.650   1.00 30.11 ? 39  CYS A N   1 
ATOM   311 C CA  . CYS A 1 41 ? 5.950   4.604   3.409   1.00 31.25 ? 39  CYS A CA  1 
ATOM   312 C C   . CYS A 1 41 ? 6.651   5.501   2.388   1.00 34.71 ? 39  CYS A C   1 
ATOM   313 O O   . CYS A 1 41 ? 6.059   6.479   1.936   1.00 37.05 ? 39  CYS A O   1 
ATOM   314 C CB  . CYS A 1 41 ? 4.596   4.132   2.907   1.00 28.93 ? 39  CYS A CB  1 
ATOM   315 S SG  . CYS A 1 41 ? 4.751   3.150   1.404   1.00 28.18 ? 39  CYS A SG  1 
ATOM   316 N N   . PRO A 1 42 ? 7.975   5.350   2.172   1.00 37.62 ? 40  PRO A N   1 
ATOM   317 C CA  . PRO A 1 42 ? 8.712   6.324   1.376   1.00 39.56 ? 40  PRO A CA  1 
ATOM   318 C C   . PRO A 1 42 ? 8.253   6.262   -0.095  1.00 42.28 ? 40  PRO A C   1 
ATOM   319 O O   . PRO A 1 42 ? 8.198   5.163   -0.655  1.00 37.25 ? 40  PRO A O   1 
ATOM   320 C CB  . PRO A 1 42 ? 10.185  5.920   1.545   1.00 41.55 ? 40  PRO A CB  1 
ATOM   321 C CG  . PRO A 1 42 ? 10.160  4.453   1.978   1.00 40.07 ? 40  PRO A CG  1 
ATOM   322 C CD  . PRO A 1 42 ? 8.803   4.208   2.601   1.00 35.88 ? 40  PRO A CD  1 
ATOM   323 N N   . ARG A 1 43 ? 7.860   7.410   -0.667  1.00 45.94 ? 41  ARG A N   1 
ATOM   324 C CA  . ARG A 1 43 ? 7.551   7.522   -2.117  1.00 48.67 ? 41  ARG A CA  1 
ATOM   325 C C   . ARG A 1 43 ? 8.858   7.242   -2.868  1.00 46.34 ? 41  ARG A C   1 
ATOM   326 O O   . ARG A 1 43 ? 9.857   7.936   -2.629  1.00 46.22 ? 41  ARG A O   1 
ATOM   327 C CB  . ARG A 1 43 ? 6.831   8.840   -2.446  1.00 53.77 ? 41  ARG A CB  1 
ATOM   328 C CG  . ARG A 1 43 ? 7.721   10.007  -2.854  1.00 60.13 ? 41  ARG A CG  1 
ATOM   329 C CD  . ARG A 1 43 ? 6.920   11.195  -3.371  1.00 65.02 ? 41  ARG A CD  1 
ATOM   330 N NE  . ARG A 1 43 ? 6.000   10.835  -4.451  1.00 68.19 ? 41  ARG A NE  1 
ATOM   331 C CZ  . ARG A 1 43 ? 6.330   10.725  -5.739  1.00 72.85 ? 41  ARG A CZ  1 
ATOM   332 N NH1 . ARG A 1 43 ? 7.571   10.957  -6.136  1.00 75.49 ? 41  ARG A NH1 1 
ATOM   333 N NH2 . ARG A 1 43 ? 5.416   10.389  -6.632  1.00 71.99 ? 41  ARG A NH2 1 
ATOM   334 N N   . ASN A 1 44 ? 8.909   6.084   -3.509  1.00 46.78 ? 42  ASN A N   1 
ATOM   335 C CA  . ASN A 1 44 ? 10.056  5.586   -4.305  1.00 49.35 ? 42  ASN A CA  1 
ATOM   336 C C   . ASN A 1 44 ? 10.642  6.734   -5.128  1.00 50.96 ? 42  ASN A C   1 
ATOM   337 O O   . ASN A 1 44 ? 9.899   7.426   -5.821  1.00 52.75 ? 42  ASN A O   1 
ATOM   338 C CB  . ASN A 1 44 ? 9.591   4.451   -5.216  1.00 50.58 ? 42  ASN A CB  1 
ATOM   339 C CG  . ASN A 1 44 ? 10.720  3.562   -5.664  1.00 51.87 ? 42  ASN A CG  1 
ATOM   340 O OD1 . ASN A 1 44 ? 11.550  3.978   -6.466  1.00 53.17 ? 42  ASN A OD1 1 
ATOM   341 N ND2 . ASN A 1 44 ? 10.727  2.329   -5.176  1.00 52.40 ? 42  ASN A ND2 1 
ATOM   342 N N   . PRO A 1 45 ? 11.980  6.957   -5.108  1.00 49.51 ? 43  PRO A N   1 
ATOM   343 C CA  . PRO A 1 45 ? 12.594  8.012   -5.918  1.00 52.92 ? 43  PRO A CA  1 
ATOM   344 C C   . PRO A 1 45 ? 12.593  7.673   -7.424  1.00 55.51 ? 43  PRO A C   1 
ATOM   345 O O   . PRO A 1 45 ? 12.428  8.584   -8.255  1.00 50.75 ? 43  PRO A O   1 
ATOM   346 C CB  . PRO A 1 45 ? 14.023  8.126   -5.339  1.00 53.56 ? 43  PRO A CB  1 
ATOM   347 C CG  . PRO A 1 45 ? 14.308  6.768   -4.714  1.00 52.36 ? 43  PRO A CG  1 
ATOM   348 C CD  . PRO A 1 45 ? 12.960  6.219   -4.295  1.00 50.25 ? 43  PRO A CD  1 
ATOM   349 N N   . HIS A 1 46 ? 12.671  6.375   -7.749  1.00 54.41 ? 44  HIS A N   1 
ATOM   350 C CA  . HIS A 1 46 ? 13.024  5.855   -9.099  1.00 56.38 ? 44  HIS A CA  1 
ATOM   351 C C   . HIS A 1 46 ? 11.768  5.752   -9.981  1.00 51.80 ? 44  HIS A C   1 
ATOM   352 O O   . HIS A 1 46 ? 11.430  4.619   -10.382 1.00 47.70 ? 44  HIS A O   1 
ATOM   353 C CB  . HIS A 1 46 ? 13.757  4.507   -8.972  1.00 59.40 ? 44  HIS A CB  1 
ATOM   354 C CG  . HIS A 1 46 ? 14.939  4.540   -8.056  1.00 66.38 ? 44  HIS A CG  1 
ATOM   355 N ND1 . HIS A 1 46 ? 15.714  5.676   -7.885  1.00 67.91 ? 44  HIS A ND1 1 
ATOM   356 C CD2 . HIS A 1 46 ? 15.482  3.587   -7.263  1.00 68.62 ? 44  HIS A CD2 1 
ATOM   357 C CE1 . HIS A 1 46 ? 16.674  5.422   -7.016  1.00 68.94 ? 44  HIS A CE1 1 
ATOM   358 N NE2 . HIS A 1 46 ? 16.553  4.145   -6.621  1.00 69.59 ? 44  HIS A NE2 1 
ATOM   359 N N   . LYS A 1 47 ? 11.106  6.884   -10.264 1.00 50.99 ? 45  LYS A N   1 
ATOM   360 C CA  . LYS A 1 47 ? 9.936   6.963   -11.191 1.00 52.78 ? 45  LYS A CA  1 
ATOM   361 C C   . LYS A 1 47 ? 9.623   8.428   -11.513 1.00 51.58 ? 45  LYS A C   1 
ATOM   362 O O   . LYS A 1 47 ? 9.939   9.294   -10.698 1.00 55.57 ? 45  LYS A O   1 
ATOM   363 C CB  . LYS A 1 47 ? 8.716   6.258   -10.588 1.00 52.62 ? 45  LYS A CB  1 
ATOM   364 C CG  . LYS A 1 47 ? 8.128   6.910   -9.343  1.00 57.34 ? 45  LYS A CG  1 
ATOM   365 C CD  . LYS A 1 47 ? 7.124   6.028   -8.611  1.00 56.02 ? 45  LYS A CD  1 
ATOM   366 C CE  . LYS A 1 47 ? 6.705   6.605   -7.278  1.00 58.32 ? 45  LYS A CE  1 
ATOM   367 N NZ  . LYS A 1 47 ? 6.115   5.568   -6.398  1.00 62.03 ? 45  LYS A NZ  1 
ATOM   368 N N   . GLU B 1 1  ? -11.398 -3.997  -29.438 1.00 56.18 ? -1  GLU B N   1 
ATOM   369 C CA  . GLU B 1 1  ? -10.246 -4.210  -28.537 1.00 49.56 ? -1  GLU B CA  1 
ATOM   370 C C   . GLU B 1 1  ? -10.777 -4.411  -27.116 1.00 41.95 ? -1  GLU B C   1 
ATOM   371 O O   . GLU B 1 1  ? -11.914 -4.906  -26.982 1.00 33.93 ? -1  GLU B O   1 
ATOM   372 C CB  . GLU B 1 1  ? -9.282  -3.024  -28.622 1.00 53.33 ? -1  GLU B CB  1 
ATOM   373 C CG  . GLU B 1 1  ? -7.836  -3.412  -28.373 1.00 56.73 ? -1  GLU B CG  1 
ATOM   374 C CD  . GLU B 1 1  ? -7.190  -4.196  -29.500 1.00 59.28 ? -1  GLU B CD  1 
ATOM   375 O OE1 . GLU B 1 1  ? -6.441  -3.577  -30.298 1.00 64.31 ? -1  GLU B OE1 1 
ATOM   376 O OE2 . GLU B 1 1  ? -7.448  -5.421  -29.587 1.00 61.70 ? -1  GLU B OE2 1 
ATOM   377 N N   . PHE B 1 2  ? -9.986  -4.049  -26.101 1.00 36.31 ? 0   PHE B N   1 
ATOM   378 C CA  . PHE B 1 2  ? -10.313 -4.262  -24.672 1.00 36.69 ? 0   PHE B CA  1 
ATOM   379 C C   . PHE B 1 2  ? -10.377 -2.918  -23.948 1.00 37.58 ? 0   PHE B C   1 
ATOM   380 O O   . PHE B 1 2  ? -9.724  -1.921  -24.377 1.00 40.02 ? 0   PHE B O   1 
ATOM   381 C CB  . PHE B 1 2  ? -9.293  -5.200  -24.030 1.00 38.73 ? 0   PHE B CB  1 
ATOM   382 C CG  . PHE B 1 2  ? -8.972  -6.411  -24.864 1.00 39.91 ? 0   PHE B CG  1 
ATOM   383 C CD1 . PHE B 1 2  ? -9.758  -7.549  -24.791 1.00 41.39 ? 0   PHE B CD1 1 
ATOM   384 C CD2 . PHE B 1 2  ? -7.853  -6.433  -25.683 1.00 43.27 ? 0   PHE B CD2 1 
ATOM   385 C CE1 . PHE B 1 2  ? -9.447  -8.670  -25.546 1.00 44.66 ? 0   PHE B CE1 1 
ATOM   386 C CE2 . PHE B 1 2  ? -7.532  -7.558  -26.422 1.00 41.86 ? 0   PHE B CE2 1 
ATOM   387 C CZ  . PHE B 1 2  ? -8.333  -8.674  -26.358 1.00 44.38 ? 0   PHE B CZ  1 
ATOM   388 N N   . GLU B 1 3  ? -11.205 -2.870  -22.916 1.00 34.33 ? 1   GLU B N   1 
ATOM   389 C CA  . GLU B 1 3  ? -11.159 -1.841  -21.865 1.00 34.22 ? 1   GLU B CA  1 
ATOM   390 C C   . GLU B 1 3  ? -9.784  -1.940  -21.199 1.00 33.03 ? 1   GLU B C   1 
ATOM   391 O O   . GLU B 1 3  ? -9.341  -3.078  -20.937 1.00 33.09 ? 1   GLU B O   1 
ATOM   392 C CB  . GLU B 1 3  ? -12.327 -2.067  -20.902 1.00 36.98 ? 1   GLU B CB  1 
ATOM   393 C CG  . GLU B 1 3  ? -12.991 -0.797  -20.408 1.00 36.10 ? 1   GLU B CG  1 
ATOM   394 C CD  . GLU B 1 3  ? -13.415 0.213   -21.463 1.00 40.79 ? 1   GLU B CD  1 
ATOM   395 O OE1 . GLU B 1 3  ? -13.889 -0.188  -22.557 1.00 36.99 ? 1   GLU B OE1 1 
ATOM   396 O OE2 . GLU B 1 3  ? -13.305 1.413   -21.166 1.00 41.03 ? 1   GLU B OE2 1 
ATOM   397 N N   . CYS B 1 4  ? -9.079  -0.815  -21.056 1.00 30.60 ? 2   CYS B N   1 
ATOM   398 C CA  . CYS B 1 4  ? -7.758  -0.767  -20.389 1.00 29.41 ? 2   CYS B CA  1 
ATOM   399 C C   . CYS B 1 4  ? -7.655  0.517   -19.564 1.00 30.50 ? 2   CYS B C   1 
ATOM   400 O O   . CYS B 1 4  ? -7.912  1.606   -20.114 1.00 29.91 ? 2   CYS B O   1 
ATOM   401 C CB  . CYS B 1 4  ? -6.622  -0.913  -21.399 1.00 31.50 ? 2   CYS B CB  1 
ATOM   402 S SG  . CYS B 1 4  ? -5.081  -1.536  -20.653 1.00 33.97 ? 2   CYS B SG  1 
ATOM   403 N N   . GLU B 1 5  ? -7.322  0.386   -18.285 1.00 28.08 ? 3   GLU B N   1 
ATOM   404 C CA  . GLU B 1 5  ? -7.095  1.524   -17.364 1.00 28.42 ? 3   GLU B CA  1 
ATOM   405 C C   . GLU B 1 5  ? -5.788  1.244   -16.626 1.00 27.73 ? 3   GLU B C   1 
ATOM   406 O O   . GLU B 1 5  ? -5.376  0.060   -16.554 1.00 27.72 ? 3   GLU B O   1 
ATOM   407 C CB  . GLU B 1 5  ? -8.303  1.639   -16.430 1.00 32.13 ? 3   GLU B CB  1 
ATOM   408 C CG  . GLU B 1 5  ? -8.481  2.980   -15.745 1.00 33.87 ? 3   GLU B CG  1 
ATOM   409 C CD  . GLU B 1 5  ? -9.717  3.032   -14.848 1.00 34.86 ? 3   GLU B CD  1 
ATOM   410 O OE1 . GLU B 1 5  ? -9.609  3.551   -13.726 1.00 38.06 ? 3   GLU B OE1 1 
ATOM   411 O OE2 . GLU B 1 5  ? -10.759 2.476   -15.240 1.00 35.15 ? 3   GLU B OE2 1 
ATOM   412 N N   . SER B 1 6  ? -5.100  2.282   -16.191 1.00 27.95 ? 4   SER B N   1 
ATOM   413 C CA  . SER B 1 6  ? -3.908  2.124   -15.338 1.00 28.26 ? 4   SER B CA  1 
ATOM   414 C C   . SER B 1 6  ? -4.287  2.454   -13.892 1.00 26.96 ? 4   SER B C   1 
ATOM   415 O O   . SER B 1 6  ? -5.286  3.180   -13.655 1.00 30.00 ? 4   SER B O   1 
ATOM   416 C CB  . SER B 1 6  ? -2.741  2.918   -15.863 1.00 33.06 ? 4   SER B CB  1 
ATOM   417 O OG  . SER B 1 6  ? -3.094  4.261   -16.112 1.00 38.72 ? 4   SER B OG  1 
ATOM   418 N N   . GLY B 1 7  ? -3.655  1.765   -12.957 1.00 23.94 ? 5   GLY B N   1 
ATOM   419 C CA  . GLY B 1 7  ? -3.877  1.975   -11.525 1.00 21.88 ? 5   GLY B CA  1 
ATOM   420 C C   . GLY B 1 7  ? -3.065  0.983   -10.719 1.00 19.31 ? 5   GLY B C   1 
ATOM   421 O O   . GLY B 1 7  ? -2.430  0.099   -11.291 1.00 21.54 ? 5   GLY B O   1 
ATOM   422 N N   . PRO B 1 8  ? -3.016  1.143   -9.377  1.00 18.57 ? 6   PRO B N   1 
ATOM   423 C CA  . PRO B 1 8  ? -2.370  0.171   -8.484  1.00 18.09 ? 6   PRO B CA  1 
ATOM   424 C C   . PRO B 1 8  ? -2.906  -1.266  -8.581  1.00 18.72 ? 6   PRO B C   1 
ATOM   425 O O   . PRO B 1 8  ? -2.172  -2.204  -8.359  1.00 18.60 ? 6   PRO B O   1 
ATOM   426 C CB  . PRO B 1 8  ? -2.744  0.671   -7.067  1.00 18.99 ? 6   PRO B CB  1 
ATOM   427 C CG  . PRO B 1 8  ? -3.216  2.095   -7.249  1.00 19.39 ? 6   PRO B CG  1 
ATOM   428 C CD  . PRO B 1 8  ? -3.719  2.205   -8.657  1.00 18.02 ? 6   PRO B CD  1 
ATOM   429 N N   . CYS B 1 9  ? -4.140  -1.436  -9.048  1.00 17.16 ? 7   CYS B N   1 
ATOM   430 C CA  . CYS B 1 9  ? -4.844  -2.743  -8.958  1.00 17.70 ? 7   CYS B CA  1 
ATOM   431 C C   . CYS B 1 9  ? -5.144  -3.283  -10.364 1.00 17.36 ? 7   CYS B C   1 
ATOM   432 O O   . CYS B 1 9  ? -5.915  -4.255  -10.477 1.00 16.94 ? 7   CYS B O   1 
ATOM   433 C CB  . CYS B 1 9  ? -6.097  -2.558  -8.114  1.00 18.11 ? 7   CYS B CB  1 
ATOM   434 S SG  . CYS B 1 9  ? -5.736  -2.361  -6.349  1.00 19.23 ? 7   CYS B SG  1 
ATOM   435 N N   . CYS B 1 10 ? -4.420  -2.788  -11.362 1.00 18.19 ? 8   CYS B N   1 
ATOM   436 C CA  . CYS B 1 10 ? -4.487  -3.246  -12.766 1.00 19.26 ? 8   CYS B CA  1 
ATOM   437 C C   . CYS B 1 10 ? -3.089  -3.396  -13.352 1.00 19.27 ? 8   CYS B C   1 
ATOM   438 O O   . CYS B 1 10 ? -2.227  -2.549  -13.063 1.00 18.30 ? 8   CYS B O   1 
ATOM   439 C CB  . CYS B 1 10 ? -5.314  -2.271  -13.606 1.00 20.20 ? 8   CYS B CB  1 
ATOM   440 S SG  . CYS B 1 10 ? -7.070  -2.519  -13.291 1.00 24.27 ? 8   CYS B SG  1 
ATOM   441 N N   . ARG B 1 11 ? -2.886  -4.439  -14.158 1.00 19.56 ? 9   ARG B N   1 
ATOM   442 C CA  . ARG B 1 11 ? -1.651  -4.651  -14.952 1.00 19.63 ? 9   ARG B CA  1 
ATOM   443 C C   . ARG B 1 11 ? -2.037  -5.159  -16.336 1.00 20.21 ? 9   ARG B C   1 
ATOM   444 O O   . ARG B 1 11 ? -2.770  -6.174  -16.398 1.00 19.52 ? 9   ARG B O   1 
ATOM   445 C CB  . ARG B 1 11 ? -0.768  -5.694  -14.261 1.00 19.43 ? 9   ARG B CB  1 
ATOM   446 C CG  . ARG B 1 11 ? -0.255  -5.269  -12.899 1.00 20.72 ? 9   ARG B CG  1 
ATOM   447 C CD  . ARG B 1 11 ? 0.760   -4.144  -12.968 1.00 21.23 ? 9   ARG B CD  1 
ATOM   448 N NE  . ARG B 1 11 ? 1.312   -3.803  -11.653 1.00 22.26 ? 9   ARG B NE  1 
ATOM   449 C CZ  . ARG B 1 11 ? 0.806   -2.910  -10.786 1.00 23.53 ? 9   ARG B CZ  1 
ATOM   450 N NH1 . ARG B 1 11 ? -0.239  -2.161  -11.098 1.00 22.00 ? 9   ARG B NH1 1 
ATOM   451 N NH2 . ARG B 1 11 ? 1.457   -2.664  -9.666  1.00 25.10 ? 9   ARG B NH2 1 
ATOM   452 N N   . ASN B 1 12 ? -1.542  -4.503  -17.380 1.00 20.75 ? 10  ASN B N   1 
ATOM   453 C CA  . ASN B 1 12 ? -1.769  -4.889  -18.806 1.00 21.90 ? 10  ASN B CA  1 
ATOM   454 C C   . ASN B 1 12 ? -3.281  -5.085  -19.074 1.00 23.79 ? 10  ASN B C   1 
ATOM   455 O O   . ASN B 1 12 ? -3.655  -6.074  -19.764 1.00 22.76 ? 10  ASN B O   1 
ATOM   456 C CB  . ASN B 1 12 ? -0.904  -6.110  -19.132 1.00 23.98 ? 10  ASN B CB  1 
ATOM   457 C CG  . ASN B 1 12 ? 0.556   -5.870  -18.807 1.00 22.76 ? 10  ASN B CG  1 
ATOM   458 O OD1 . ASN B 1 12 ? 1.226   -5.063  -19.460 1.00 26.26 ? 10  ASN B OD1 1 
ATOM   459 N ND2 . ASN B 1 12 ? 1.027   -6.479  -17.745 1.00 21.79 ? 10  ASN B ND2 1 
ATOM   460 N N   . CYS B 1 13 ? -4.130  -4.253  -18.458 1.00 22.28 ? 11  CYS B N   1 
ATOM   461 C CA  . CYS B 1 13 ? -5.617  -4.208  -18.640 1.00 22.70 ? 11  CYS B CA  1 
ATOM   462 C C   . CYS B 1 13 ? -6.332  -5.301  -17.829 1.00 23.54 ? 11  CYS B C   1 
ATOM   463 O O   . CYS B 1 13 ? -7.534  -5.520  -18.081 1.00 24.22 ? 11  CYS B O   1 
ATOM   464 C CB  . CYS B 1 13 ? -6.020  -4.360  -20.101 1.00 24.67 ? 11  CYS B CB  1 
ATOM   465 S SG  . CYS B 1 13 ? -4.927  -3.470  -21.247 1.00 29.18 ? 11  CYS B SG  1 
ATOM   466 N N   . LYS B 1 14 ? -5.616  -6.046  -16.985 1.00 21.38 ? 12  LYS B N   1 
ATOM   467 C CA  . LYS B 1 14 ? -6.215  -7.086  -16.115 1.00 21.55 ? 12  LYS B CA  1 
ATOM   468 C C   . LYS B 1 14 ? -6.332  -6.556  -14.676 1.00 21.31 ? 12  LYS B C   1 
ATOM   469 O O   . LYS B 1 14 ? -5.510  -5.703  -14.281 1.00 21.20 ? 12  LYS B O   1 
ATOM   470 C CB  . LYS B 1 14 ? -5.388  -8.369  -16.200 1.00 23.40 ? 12  LYS B CB  1 
ATOM   471 C CG  . LYS B 1 14 ? -5.337  -9.002  -17.586 1.00 25.02 ? 12  LYS B CG  1 
ATOM   472 C CD  . LYS B 1 14 ? -4.489  -10.242 -17.629 1.00 28.64 ? 12  LYS B CD  1 
ATOM   473 C CE  . LYS B 1 14 ? -3.036  -9.979  -17.926 1.00 33.35 ? 12  LYS B CE  1 
ATOM   474 N NZ  . LYS B 1 14 ? -2.676  -10.528 -19.258 1.00 39.99 ? 12  LYS B NZ  1 
ATOM   475 N N   . PHE B 1 15 ? -7.297  -7.071  -13.917 1.00 22.39 ? 13  PHE B N   1 
ATOM   476 C CA  . PHE B 1 15 ? -7.494  -6.747  -12.484 1.00 21.30 ? 13  PHE B CA  1 
ATOM   477 C C   . PHE B 1 15 ? -6.689  -7.728  -11.645 1.00 19.48 ? 13  PHE B C   1 
ATOM   478 O O   . PHE B 1 15 ? -6.729  -8.925  -11.912 1.00 18.50 ? 13  PHE B O   1 
ATOM   479 C CB  . PHE B 1 15 ? -8.978  -6.737  -12.141 1.00 25.07 ? 13  PHE B CB  1 
ATOM   480 C CG  . PHE B 1 15 ? -9.680  -5.688  -12.952 1.00 26.38 ? 13  PHE B CG  1 
ATOM   481 C CD1 . PHE B 1 15 ? -9.981  -5.929  -14.287 1.00 30.23 ? 13  PHE B CD1 1 
ATOM   482 C CD2 . PHE B 1 15 ? -9.717  -4.378  -12.506 1.00 27.23 ? 13  PHE B CD2 1 
ATOM   483 C CE1 . PHE B 1 15 ? -10.442 -4.911  -15.106 1.00 31.76 ? 13  PHE B CE1 1 
ATOM   484 C CE2 . PHE B 1 15 ? -10.255 -3.378  -13.300 1.00 28.23 ? 13  PHE B CE2 1 
ATOM   485 C CZ  . PHE B 1 15 ? -10.614 -3.645  -14.596 1.00 31.97 ? 13  PHE B CZ  1 
ATOM   486 N N   . LEU B 1 16 ? -5.896  -7.187  -10.733 1.00 17.56 ? 14  LEU B N   1 
ATOM   487 C CA  . LEU B 1 16 ? -5.196  -7.967  -9.707  1.00 18.03 ? 14  LEU B CA  1 
ATOM   488 C C   . LEU B 1 16 ? -6.259  -8.625  -8.857  1.00 17.10 ? 14  LEU B C   1 
ATOM   489 O O   . LEU B 1 16 ? -7.337  -8.002  -8.630  1.00 19.13 ? 14  LEU B O   1 
ATOM   490 C CB  . LEU B 1 16 ? -4.275  -7.078  -8.879  1.00 18.72 ? 14  LEU B CB  1 
ATOM   491 C CG  . LEU B 1 16 ? -3.106  -6.465  -9.651  1.00 19.04 ? 14  LEU B CG  1 
ATOM   492 C CD1 . LEU B 1 16 ? -2.204  -5.663  -8.743  1.00 19.05 ? 14  LEU B CD1 1 
ATOM   493 C CD2 . LEU B 1 16 ? -2.292  -7.536  -10.394 1.00 21.42 ? 14  LEU B CD2 1 
ATOM   494 N N   . LYS B 1 17 ? -5.941  -9.801  -8.380  1.00 17.95 ? 15  LYS B N   1 
ATOM   495 C CA  . LYS B 1 17 ? -6.868  -10.671 -7.615  1.00 19.25 ? 15  LYS B CA  1 
ATOM   496 C C   . LYS B 1 17 ? -7.397  -9.872  -6.422  1.00 17.96 ? 15  LYS B C   1 
ATOM   497 O O   . LYS B 1 17 ? -6.609  -9.136  -5.773  1.00 17.96 ? 15  LYS B O   1 
ATOM   498 C CB  . LYS B 1 17 ? -6.122  -11.943 -7.197  1.00 21.74 ? 15  LYS B CB  1 
ATOM   499 C CG  . LYS B 1 17 ? -6.953  -13.001 -6.494  1.00 26.14 ? 15  LYS B CG  1 
ATOM   500 C CD  . LYS B 1 17 ? -7.773  -13.877 -7.428  1.00 28.87 ? 15  LYS B CD  1 
ATOM   501 C CE  . LYS B 1 17 ? -8.712  -14.806 -6.663  1.00 31.44 ? 15  LYS B CE  1 
ATOM   502 N NZ  . LYS B 1 17 ? -10.081 -14.244 -6.523  1.00 29.00 ? 15  LYS B NZ  1 
ATOM   503 N N   . GLU B 1 18 ? -8.687  -9.961  -6.181  1.00 18.69 ? 16  GLU B N   1 
ATOM   504 C CA  . GLU B 1 18 ? -9.323  -9.363  -4.997  1.00 18.96 ? 16  GLU B CA  1 
ATOM   505 C C   . GLU B 1 18 ? -8.547  -9.830  -3.763  1.00 18.58 ? 16  GLU B C   1 
ATOM   506 O O   . GLU B 1 18 ? -8.240  -11.056 -3.659  1.00 20.02 ? 16  GLU B O   1 
ATOM   507 C CB  . GLU B 1 18 ? -10.782 -9.780  -4.925  1.00 20.81 ? 16  GLU B CB  1 
ATOM   508 C CG  . GLU B 1 18 ? -11.507 -9.213  -3.715  1.00 21.66 ? 16  GLU B CG  1 
ATOM   509 C CD  . GLU B 1 18 ? -13.013 -9.342  -3.744  1.00 23.65 ? 16  GLU B CD  1 
ATOM   510 O OE1 . GLU B 1 18 ? -13.542 -10.058 -4.625  1.00 23.93 ? 16  GLU B OE1 1 
ATOM   511 O OE2 . GLU B 1 18 ? -13.665 -8.666  -2.931  1.00 26.04 ? 16  GLU B OE2 1 
ATOM   512 N N   . GLY B 1 19 ? -8.223  -8.900  -2.877  1.00 18.85 ? 17  GLY B N   1 
ATOM   513 C CA  . GLY B 1 19 ? -7.514  -9.192  -1.618  1.00 18.50 ? 17  GLY B CA  1 
ATOM   514 C C   . GLY B 1 19 ? -6.009  -8.954  -1.711  1.00 18.79 ? 17  GLY B C   1 
ATOM   515 O O   . GLY B 1 19 ? -5.353  -9.068  -0.664  1.00 19.84 ? 17  GLY B O   1 
ATOM   516 N N   . THR B 1 20 ? -5.479  -8.606  -2.889  1.00 18.85 ? 18  THR B N   1 
ATOM   517 C CA  . THR B 1 20 ? -4.062  -8.163  -3.076  1.00 18.62 ? 18  THR B CA  1 
ATOM   518 C C   . THR B 1 20 ? -3.840  -6.838  -2.346  1.00 17.89 ? 18  THR B C   1 
ATOM   519 O O   . THR B 1 20 ? -4.576  -5.887  -2.610  1.00 17.18 ? 18  THR B O   1 
ATOM   520 C CB  . THR B 1 20 ? -3.742  -7.973  -4.562  1.00 19.71 ? 18  THR B CB  1 
ATOM   521 O OG1 . THR B 1 20 ? -4.047  -9.198  -5.207  1.00 19.98 ? 18  THR B OG1 1 
ATOM   522 C CG2 . THR B 1 20 ? -2.298  -7.581  -4.837  1.00 20.09 ? 18  THR B CG2 1 
ATOM   523 N N   . ILE B 1 21 ? -2.943  -6.793  -1.369  1.00 19.29 ? 19  ILE B N   1 
ATOM   524 C CA  . ILE B 1 21 ? -2.692  -5.530  -0.621  1.00 20.12 ? 19  ILE B CA  1 
ATOM   525 C C   . ILE B 1 21 ? -2.273  -4.451  -1.615  1.00 18.68 ? 19  ILE B C   1 
ATOM   526 O O   . ILE B 1 21 ? -1.518  -4.772  -2.553  1.00 17.89 ? 19  ILE B O   1 
ATOM   527 C CB  . ILE B 1 21 ? -1.638  -5.725  0.485   1.00 20.76 ? 19  ILE B CB  1 
ATOM   528 C CG1 . ILE B 1 21 ? -1.494  -4.438  1.297   1.00 23.52 ? 19  ILE B CG1 1 
ATOM   529 C CG2 . ILE B 1 21 ? -0.311  -6.199  -0.095  1.00 23.22 ? 19  ILE B CG2 1 
ATOM   530 C CD1 . ILE B 1 21 ? -0.856  -4.625  2.642   1.00 25.83 ? 19  ILE B CD1 1 
ATOM   531 N N   . CYS B 1 22 ? -2.831  -3.244  -1.489  1.00 17.86 ? 20  CYS B N   1 
ATOM   532 C CA  . CYS B 1 22 ? -2.454  -2.102  -2.345  1.00 19.64 ? 20  CYS B CA  1 
ATOM   533 C C   . CYS B 1 22 ? -1.958  -0.927  -1.497  1.00 19.50 ? 20  CYS B C   1 
ATOM   534 O O   . CYS B 1 22 ? -1.135  -0.191  -2.003  1.00 19.25 ? 20  CYS B O   1 
ATOM   535 C CB  . CYS B 1 22 ? -3.530  -1.748  -3.369  1.00 19.47 ? 20  CYS B CB  1 
ATOM   536 S SG  . CYS B 1 22 ? -5.156  -1.359  -2.690  1.00 23.29 ? 20  CYS B SG  1 
ATOM   537 N N   . LYS B 1 23 ? -2.311  -0.825  -0.217  1.00 19.88 ? 21  LYS B N   1 
ATOM   538 C CA  . LYS B 1 23 ? -1.703  0.231   0.633   1.00 21.11 ? 21  LYS B CA  1 
ATOM   539 C C   . LYS B 1 23 ? -1.666  -0.227  2.075   1.00 21.22 ? 21  LYS B C   1 
ATOM   540 O O   . LYS B 1 23 ? -2.746  -0.577  2.627   1.00 20.75 ? 21  LYS B O   1 
ATOM   541 C CB  . LYS B 1 23 ? -2.471  1.542   0.563   1.00 21.43 ? 21  LYS B CB  1 
ATOM   542 C CG  . LYS B 1 23 ? -1.725  2.712   1.177   1.00 23.73 ? 21  LYS B CG  1 
ATOM   543 C CD  . LYS B 1 23 ? -2.324  4.013   0.769   1.00 27.23 ? 21  LYS B CD  1 
ATOM   544 C CE  . LYS B 1 23 ? -3.346  4.471   1.774   1.00 27.71 ? 21  LYS B CE  1 
ATOM   545 N NZ  . LYS B 1 23 ? -2.655  4.992   2.970   1.00 31.61 ? 21  LYS B NZ  1 
ATOM   546 N N   . ARG B 1 24 ? -0.494  -0.137  2.690   1.00 20.43 ? 22  ARG B N   1 
ATOM   547 C CA  . ARG B 1 24 ? -0.346  -0.479  4.118   1.00 21.67 ? 22  ARG B CA  1 
ATOM   548 C C   . ARG B 1 24 ? -0.798  0.719   4.961   1.00 21.01 ? 22  ARG B C   1 
ATOM   549 O O   . ARG B 1 24 ? -0.421  1.857   4.652   1.00 19.02 ? 22  ARG B O   1 
ATOM   550 C CB  . ARG B 1 24 ? 1.079   -0.951  4.400   1.00 23.29 ? 22  ARG B CB  1 
ATOM   551 C CG  . ARG B 1 24 ? 1.209   -1.685  5.725   1.00 26.33 ? 22  ARG B CG  1 
ATOM   552 C CD  . ARG B 1 24 ? 2.520   -2.424  5.876   1.00 27.26 ? 22  ARG B CD  1 
ATOM   553 N NE  . ARG B 1 24 ? 2.764   -3.331  4.764   1.00 27.15 ? 22  ARG B NE  1 
ATOM   554 C CZ  . ARG B 1 24 ? 2.359   -4.599  4.696   1.00 28.47 ? 22  ARG B CZ  1 
ATOM   555 N NH1 . ARG B 1 24 ? 1.549   -5.081  5.619   1.00 31.99 ? 22  ARG B NH1 1 
ATOM   556 N NH2 . ARG B 1 24 ? 2.674   -5.340  3.637   1.00 26.47 ? 22  ARG B NH2 1 
ATOM   557 N N   . ALA B 1 25 ? -1.559  0.444   6.019   1.00 19.84 ? 23  ALA B N   1 
ATOM   558 C CA  . ALA B 1 25 ? -2.090  1.459   6.949   1.00 20.43 ? 23  ALA B CA  1 
ATOM   559 C C   . ALA B 1 25 ? -1.243  1.503   8.218   1.00 20.91 ? 23  ALA B C   1 
ATOM   560 O O   . ALA B 1 25 ? -0.495  0.548   8.488   1.00 21.13 ? 23  ALA B O   1 
ATOM   561 C CB  . ALA B 1 25 ? -3.543  1.171   7.233   1.00 20.35 ? 23  ALA B CB  1 
ATOM   562 N N   . ARG B 1 26 ? -1.512  2.490   9.076   1.00 21.65 ? 24  ARG B N   1 
ATOM   563 C CA  . ARG B 1 26 ? -0.974  2.543   10.455  1.00 24.29 ? 24  ARG B CA  1 
ATOM   564 C C   . ARG B 1 26 ? -1.330  1.243   11.189  1.00 23.76 ? 24  ARG B C   1 
ATOM   565 O O   . ARG B 1 26 ? -2.337  0.630   10.845  1.00 21.80 ? 24  ARG B O   1 
ATOM   566 C CB  . ARG B 1 26 ? -1.571  3.753   11.180  1.00 27.63 ? 24  ARG B CB  1 
ATOM   567 C CG  . ARG B 1 26 ? -0.741  4.254   12.345  1.00 30.83 ? 24  ARG B CG  1 
ATOM   568 C CD  . ARG B 1 26 ? -1.311  5.554   12.869  1.00 31.38 ? 24  ARG B CD  1 
ATOM   569 N NE  . ARG B 1 26 ? -2.481  5.372   13.716  1.00 33.72 ? 24  ARG B NE  1 
ATOM   570 C CZ  . ARG B 1 26 ? -2.975  6.317   14.509  1.00 33.87 ? 24  ARG B CZ  1 
ATOM   571 N NH1 . ARG B 1 26 ? -2.386  7.504   14.560  1.00 34.75 ? 24  ARG B NH1 1 
ATOM   572 N NH2 . ARG B 1 26 ? -4.019  6.062   15.275  1.00 34.44 ? 24  ARG B NH2 1 
ATOM   573 N N   . GLY B 1 27 ? -0.581  0.894   12.244  1.00 24.81 ? 25  GLY B N   1 
ATOM   574 C CA  . GLY B 1 27 ? -0.715  -0.393  12.952  1.00 25.88 ? 25  GLY B CA  1 
ATOM   575 C C   . GLY B 1 27 ? -2.127  -0.664  13.455  1.00 27.27 ? 25  GLY B C   1 
ATOM   576 O O   . GLY B 1 27 ? -2.535  -1.834  13.497  1.00 26.22 ? 25  GLY B O   1 
ATOM   577 N N   . ASP B 1 28 ? -2.866  0.357   13.882  1.00 28.58 ? 26  ASP B N   1 
ATOM   578 C CA  . ASP B 1 28 ? -4.203  0.127   14.491  1.00 29.96 ? 26  ASP B CA  1 
ATOM   579 C C   . ASP B 1 28 ? -5.259  0.029   13.392  1.00 28.75 ? 26  ASP B C   1 
ATOM   580 O O   . ASP B 1 28 ? -6.417  -0.191  13.739  1.00 28.41 ? 26  ASP B O   1 
ATOM   581 C CB  . ASP B 1 28 ? -4.600  1.226   15.477  1.00 32.22 ? 26  ASP B CB  1 
ATOM   582 C CG  . ASP B 1 28 ? -4.459  2.639   14.932  1.00 32.93 ? 26  ASP B CG  1 
ATOM   583 O OD1 . ASP B 1 28 ? -3.735  2.830   13.936  1.00 37.38 ? 26  ASP B OD1 1 
ATOM   584 O OD2 . ASP B 1 28 ? -4.989  3.549   15.568  1.00 37.46 ? 26  ASP B OD2 1 
ATOM   585 N N   . ASP B 1 29 ? -4.890  0.317   12.142  1.00 26.74 ? 27  ASP B N   1 
ATOM   586 C CA  . ASP B 1 29 ? -5.848  0.557   11.020  1.00 25.60 ? 27  ASP B CA  1 
ATOM   587 C C   . ASP B 1 29 ? -5.812  -0.609  10.034  1.00 23.61 ? 27  ASP B C   1 
ATOM   588 O O   . ASP B 1 29 ? -4.805  -1.283  9.961   1.00 22.53 ? 27  ASP B O   1 
ATOM   589 C CB  . ASP B 1 29 ? -5.509  1.854   10.278  1.00 25.55 ? 27  ASP B CB  1 
ATOM   590 C CG  . ASP B 1 29 ? -6.009  3.070   11.014  1.00 26.94 ? 27  ASP B CG  1 
ATOM   591 O OD1 . ASP B 1 29 ? -6.857  2.889   11.874  1.00 29.51 ? 27  ASP B OD1 1 
ATOM   592 O OD2 . ASP B 1 29 ? -5.591  4.183   10.680  1.00 29.91 ? 27  ASP B OD2 1 
ATOM   593 N N   . MET B 1 30 ? -6.892  -0.816  9.282   1.00 26.16 ? 28  MET B N   1 
ATOM   594 C CA  . MET B 1 30 ? -6.945  -1.861  8.238   1.00 24.54 ? 28  MET B CA  1 
ATOM   595 C C   . MET B 1 30 ? -6.197  -1.378  7.000   1.00 20.95 ? 28  MET B C   1 
ATOM   596 O O   . MET B 1 30 ? -6.381  -0.236  6.575   1.00 19.78 ? 28  MET B O   1 
ATOM   597 C CB  . MET B 1 30 ? -8.382  -2.205  7.853   1.00 29.70 ? 28  MET B CB  1 
ATOM   598 C CG  . MET B 1 30 ? -8.639  -3.702  7.812   1.00 34.95 ? 28  MET B CG  1 
ATOM   599 S SD  . MET B 1 30 ? -8.075  -4.568  9.306   1.00 38.58 ? 28  MET B SD  1 
ATOM   600 C CE  . MET B 1 30 ? -9.016  -3.706  10.557  1.00 35.18 ? 28  MET B CE  1 
ATOM   601 N N   . ASP B 1 31 ? -5.442  -2.274  6.402   1.00 19.35 ? 29  ASP B N   1 
ATOM   602 C CA  . ASP B 1 31 ? -4.754  -2.050  5.112   1.00 19.41 ? 29  ASP B CA  1 
ATOM   603 C C   . ASP B 1 31 ? -5.799  -1.986  4.017   1.00 19.25 ? 29  ASP B C   1 
ATOM   604 O O   . ASP B 1 31 ? -6.917  -2.435  4.265   1.00 18.45 ? 29  ASP B O   1 
ATOM   605 C CB  . ASP B 1 31 ? -3.729  -3.134  4.865   1.00 19.63 ? 29  ASP B CB  1 
ATOM   606 C CG  . ASP B 1 31 ? -2.683  -3.194  5.953   1.00 21.39 ? 29  ASP B CG  1 
ATOM   607 O OD1 . ASP B 1 31 ? -2.384  -2.113  6.544   1.00 22.50 ? 29  ASP B OD1 1 
ATOM   608 O OD2 . ASP B 1 31 ? -2.094  -4.291  6.123   1.00 23.35 ? 29  ASP B OD2 1 
ATOM   609 N N   . ASP B 1 32 ? -5.447  -1.389  2.871   1.00 18.37 ? 30  ASP B N   1 
ATOM   610 C CA  . ASP B 1 32 ? -6.331  -1.312  1.689   1.00 17.79 ? 30  ASP B CA  1 
ATOM   611 C C   . ASP B 1 32 ? -5.940  -2.448  0.743   1.00 17.19 ? 30  ASP B C   1 
ATOM   612 O O   . ASP B 1 32 ? -4.708  -2.661  0.547   1.00 17.72 ? 30  ASP B O   1 
ATOM   613 C CB  . ASP B 1 32 ? -6.221  0.049   0.994   1.00 18.27 ? 30  ASP B CB  1 
ATOM   614 C CG  . ASP B 1 32 ? -6.562  1.248   1.856   1.00 20.80 ? 30  ASP B CG  1 
ATOM   615 O OD1 . ASP B 1 32 ? -7.409  1.115   2.793   1.00 21.46 ? 30  ASP B OD1 1 
ATOM   616 O OD2 . ASP B 1 32 ? -6.024  2.305   1.568   1.00 22.83 ? 30  ASP B OD2 1 
ATOM   617 N N   . TYR B 1 33 ? -6.941  -3.055  0.086   1.00 16.77 ? 31  TYR B N   1 
ATOM   618 C CA  . TYR B 1 33 ? -6.766  -4.208  -0.819  1.00 17.10 ? 31  TYR B CA  1 
ATOM   619 C C   . TYR B 1 33 ? -7.508  -3.959  -2.117  1.00 16.39 ? 31  TYR B C   1 
ATOM   620 O O   . TYR B 1 33 ? -8.566  -3.291  -2.127  1.00 16.45 ? 31  TYR B O   1 
ATOM   621 C CB  . TYR B 1 33 ? -7.250  -5.506  -0.176  1.00 18.32 ? 31  TYR B CB  1 
ATOM   622 C CG  . TYR B 1 33 ? -6.664  -5.765  1.179   1.00 19.60 ? 31  TYR B CG  1 
ATOM   623 C CD1 . TYR B 1 33 ? -5.482  -6.446  1.312   1.00 20.99 ? 31  TYR B CD1 1 
ATOM   624 C CD2 . TYR B 1 33 ? -7.339  -5.387  2.330   1.00 22.20 ? 31  TYR B CD2 1 
ATOM   625 C CE1 . TYR B 1 33 ? -4.970  -6.766  2.565   1.00 22.25 ? 31  TYR B CE1 1 
ATOM   626 C CE2 . TYR B 1 33 ? -6.814  -5.643  3.587   1.00 23.27 ? 31  TYR B CE2 1 
ATOM   627 C CZ  . TYR B 1 33 ? -5.659  -6.387  3.703   1.00 23.32 ? 31  TYR B CZ  1 
ATOM   628 O OH  . TYR B 1 33 ? -5.174  -6.710  4.935   1.00 24.24 ? 31  TYR B OH  1 
ATOM   629 N N   . CYS B 1 34 ? -6.944  -4.473  -3.198  1.00 16.07 ? 32  CYS B N   1 
ATOM   630 C CA  . CYS B 1 34 ? -7.612  -4.486  -4.525  1.00 16.77 ? 32  CYS B CA  1 
ATOM   631 C C   . CYS B 1 34 ? -8.922  -5.245  -4.395  1.00 18.59 ? 32  CYS B C   1 
ATOM   632 O O   . CYS B 1 34 ? -8.974  -6.267  -3.630  1.00 18.68 ? 32  CYS B O   1 
ATOM   633 C CB  . CYS B 1 34 ? -6.699  -5.096  -5.580  1.00 17.59 ? 32  CYS B CB  1 
ATOM   634 S SG  . CYS B 1 34 ? -5.137  -4.214  -5.806  1.00 18.87 ? 32  CYS B SG  1 
ATOM   635 N N   . ASN B 1 35 ? -9.944  -4.828  -5.149  1.00 18.45 ? 33  ASN B N   1 
ATOM   636 C CA  . ASN B 1 35 ? -11.315 -5.394  -5.051  1.00 18.92 ? 33  ASN B CA  1 
ATOM   637 C C   . ASN B 1 35 ? -11.569 -6.358  -6.234  1.00 18.97 ? 33  ASN B C   1 
ATOM   638 O O   . ASN B 1 35 ? -12.614 -7.047  -6.233  1.00 19.45 ? 33  ASN B O   1 
ATOM   639 C CB  . ASN B 1 35 ? -12.350 -4.264  -4.968  1.00 20.07 ? 33  ASN B CB  1 
ATOM   640 C CG  . ASN B 1 35 ? -12.350 -3.370  -6.195  1.00 20.68 ? 33  ASN B CG  1 
ATOM   641 O OD1 . ASN B 1 35 ? -11.897 -3.771  -7.266  1.00 21.18 ? 33  ASN B OD1 1 
ATOM   642 N ND2 . ASN B 1 35 ? -12.864 -2.154  -6.060  1.00 21.75 ? 33  ASN B ND2 1 
ATOM   643 N N   . GLY B 1 36 ? -10.632 -6.463  -7.183  1.00 19.20 ? 34  GLY B N   1 
ATOM   644 C CA  . GLY B 1 36 ? -10.733 -7.355  -8.349  1.00 20.63 ? 34  GLY B CA  1 
ATOM   645 C C   . GLY B 1 36 ? -11.666 -6.819  -9.417  1.00 22.34 ? 34  GLY B C   1 
ATOM   646 O O   . GLY B 1 36 ? -11.926 -7.547  -10.411 1.00 23.45 ? 34  GLY B O   1 
ATOM   647 N N   . LYS B 1 37 ? -12.189 -5.607  -9.269  1.00 23.17 ? 35  LYS B N   1 
ATOM   648 C CA  . LYS B 1 37 ? -13.150 -5.084  -10.275 1.00 23.68 ? 35  LYS B CA  1 
ATOM   649 C C   . LYS B 1 37 ? -12.818 -3.636  -10.683 1.00 23.26 ? 35  LYS B C   1 
ATOM   650 O O   . LYS B 1 37 ? -13.334 -3.193  -11.751 1.00 25.59 ? 35  LYS B O   1 
ATOM   651 C CB  . LYS B 1 37 ? -14.583 -5.280  -9.770  1.00 27.45 ? 35  LYS B CB  1 
ATOM   652 C CG  . LYS B 1 37 ? -15.018 -4.394  -8.620  1.00 33.65 ? 35  LYS B CG  1 
ATOM   653 C CD  . LYS B 1 37 ? -16.389 -4.773  -8.061  1.00 40.83 ? 35  LYS B CD  1 
ATOM   654 C CE  . LYS B 1 37 ? -16.752 -4.054  -6.773  1.00 48.01 ? 35  LYS B CE  1 
ATOM   655 N NZ  . LYS B 1 37 ? -16.852 -2.583  -6.948  1.00 52.72 ? 35  LYS B NZ  1 
ATOM   656 N N   . THR B 1 38 ? -11.950 -2.934  -9.963  1.00 21.70 ? 36  THR B N   1 
ATOM   657 C CA  . THR B 1 38 ? -11.518 -1.569  -10.345 1.00 21.48 ? 36  THR B CA  1 
ATOM   658 C C   . THR B 1 38 ? -9.993  -1.447  -10.202 1.00 21.07 ? 36  THR B C   1 
ATOM   659 O O   . THR B 1 38 ? -9.364  -2.322  -9.562  1.00 18.09 ? 36  THR B O   1 
ATOM   660 C CB  . THR B 1 38 ? -12.284 -0.480  -9.579  1.00 23.05 ? 36  THR B CB  1 
ATOM   661 O OG1 . THR B 1 38 ? -11.866 -0.496  -8.217  1.00 24.79 ? 36  THR B OG1 1 
ATOM   662 C CG2 . THR B 1 38 ? -13.796 -0.615  -9.637  1.00 25.45 ? 36  THR B CG2 1 
ATOM   663 N N   . CYS B 1 39 ? -9.399  -0.437  -10.855 1.00 21.30 ? 37  CYS B N   1 
ATOM   664 C CA  . CYS B 1 39 ? -7.934  -0.310  -11.014 1.00 21.99 ? 37  CYS B CA  1 
ATOM   665 C C   . CYS B 1 39 ? -7.359  0.506   -9.866  1.00 22.00 ? 37  CYS B C   1 
ATOM   666 O O   . CYS B 1 39 ? -6.094  0.492   -9.702  1.00 21.99 ? 37  CYS B O   1 
ATOM   667 C CB  . CYS B 1 39 ? -7.550  0.332   -12.346 1.00 23.07 ? 37  CYS B CB  1 
ATOM   668 S SG  . CYS B 1 39 ? -7.889  -0.742  -13.769 1.00 27.42 ? 37  CYS B SG  1 
ATOM   669 N N   . ASP B 1 40 ? -8.213  1.294   -9.193  1.00 21.88 ? 38  ASP B N   1 
ATOM   670 C CA  . ASP B 1 40 ? -7.802  2.140   -8.043  1.00 21.30 ? 38  ASP B CA  1 
ATOM   671 C C   . ASP B 1 40 ? -7.528  1.241   -6.834  1.00 21.47 ? 38  ASP B C   1 
ATOM   672 O O   . ASP B 1 40 ? -7.894  0.019   -6.845  1.00 20.48 ? 38  ASP B O   1 
ATOM   673 C CB  . ASP B 1 40 ? -8.853  3.213   -7.721  1.00 22.41 ? 38  ASP B CB  1 
ATOM   674 C CG  . ASP B 1 40 ? -10.160 2.615   -7.222  1.00 24.58 ? 38  ASP B CG  1 
ATOM   675 O OD1 . ASP B 1 40 ? -10.786 1.888   -8.009  1.00 23.67 ? 38  ASP B OD1 1 
ATOM   676 O OD2 . ASP B 1 40 ? -10.498 2.824   -6.042  1.00 24.98 ? 38  ASP B OD2 1 
ATOM   677 N N   . CYS B 1 41 ? -6.857  1.801   -5.827  1.00 21.09 ? 39  CYS B N   1 
ATOM   678 C CA  . CYS B 1 41 ? -6.694  1.146   -4.513  1.00 20.63 ? 39  CYS B CA  1 
ATOM   679 C C   . CYS B 1 41 ? -7.801  1.651   -3.594  1.00 20.32 ? 39  CYS B C   1 
ATOM   680 O O   . CYS B 1 41 ? -7.756  2.815   -3.185  1.00 20.83 ? 39  CYS B O   1 
ATOM   681 C CB  . CYS B 1 41 ? -5.326  1.452   -3.947  1.00 21.37 ? 39  CYS B CB  1 
ATOM   682 S SG  . CYS B 1 41 ? -5.015  0.653   -2.351  1.00 23.71 ? 39  CYS B SG  1 
ATOM   683 N N   . PRO B 1 42 ? -8.897  0.887   -3.385  1.00 20.06 ? 40  PRO B N   1 
ATOM   684 C CA  . PRO B 1 42 ? -10.035 1.389   -2.612  1.00 21.09 ? 40  PRO B CA  1 
ATOM   685 C C   . PRO B 1 42 ? -9.683  1.481   -1.129  1.00 21.57 ? 40  PRO B C   1 
ATOM   686 O O   . PRO B 1 42 ? -8.995  0.613   -0.611  1.00 21.10 ? 40  PRO B O   1 
ATOM   687 C CB  . PRO B 1 42 ? -11.164 0.371   -2.829  1.00 21.63 ? 40  PRO B CB  1 
ATOM   688 C CG  . PRO B 1 42 ? -10.488 -0.878  -3.324  1.00 20.85 ? 40  PRO B CG  1 
ATOM   689 C CD  . PRO B 1 42 ? -9.111  -0.493  -3.840  1.00 20.70 ? 40  PRO B CD  1 
ATOM   690 N N   . ARG B 1 43 ? -10.147 2.526   -0.462  1.00 23.87 ? 41  ARG B N   1 
ATOM   691 C CA  . ARG B 1 43 ? -9.943  2.671   0.991   1.00 24.08 ? 41  ARG B CA  1 
ATOM   692 C C   . ARG B 1 43 ? -10.813 1.616   1.677   1.00 22.91 ? 41  ARG B C   1 
ATOM   693 O O   . ARG B 1 43 ? -11.934 1.454   1.249   1.00 23.34 ? 41  ARG B O   1 
ATOM   694 C CB  . ARG B 1 43 ? -10.290 4.094   1.423   1.00 26.12 ? 41  ARG B CB  1 
ATOM   695 C CG  . ARG B 1 43 ? -9.833  4.434   2.829   1.00 26.93 ? 41  ARG B CG  1 
ATOM   696 C CD  . ARG B 1 43 ? -9.736  5.934   3.012   1.00 27.92 ? 41  ARG B CD  1 
ATOM   697 N NE  . ARG B 1 43 ? -9.142  6.225   4.312   1.00 27.31 ? 41  ARG B NE  1 
ATOM   698 C CZ  . ARG B 1 43 ? -9.822  6.228   5.449   1.00 26.73 ? 41  ARG B CZ  1 
ATOM   699 N NH1 . ARG B 1 43 ? -11.120 5.993   5.433   1.00 29.52 ? 41  ARG B NH1 1 
ATOM   700 N NH2 . ARG B 1 43 ? -9.210  6.498   6.591   1.00 27.59 ? 41  ARG B NH2 1 
ATOM   701 N N   . ASN B 1 44 ? -10.218 0.758   2.501   1.00 22.59 ? 42  ASN B N   1 
ATOM   702 C CA  . ASN B 1 44 ? -10.936 -0.316  3.226   1.00 22.67 ? 42  ASN B CA  1 
ATOM   703 C C   . ASN B 1 44 ? -12.158 0.302   3.891   1.00 24.94 ? 42  ASN B C   1 
ATOM   704 O O   . ASN B 1 44 ? -12.026 1.258   4.630   1.00 25.12 ? 42  ASN B O   1 
ATOM   705 C CB  . ASN B 1 44 ? -10.051 -0.975  4.288   1.00 22.17 ? 42  ASN B CB  1 
ATOM   706 C CG  . ASN B 1 44 ? -10.570 -2.313  4.781   1.00 22.74 ? 42  ASN B CG  1 
ATOM   707 O OD1 . ASN B 1 44 ? -11.729 -2.445  5.163   1.00 24.50 ? 42  ASN B OD1 1 
ATOM   708 N ND2 . ASN B 1 44 ? -9.716  -3.316  4.782   1.00 20.81 ? 42  ASN B ND2 1 
ATOM   709 N N   . PRO B 1 45 ? -13.384 -0.161  3.618   1.00 27.86 ? 43  PRO B N   1 
ATOM   710 C CA  . PRO B 1 45 ? -14.541 0.318   4.379   1.00 29.90 ? 43  PRO B CA  1 
ATOM   711 C C   . PRO B 1 45 ? -14.450 0.093   5.896   1.00 28.95 ? 43  PRO B C   1 
ATOM   712 O O   . PRO B 1 45 ? -15.095 0.824   6.640   1.00 28.91 ? 43  PRO B O   1 
ATOM   713 C CB  . PRO B 1 45 ? -15.717 -0.463  3.795   1.00 30.13 ? 43  PRO B CB  1 
ATOM   714 C CG  . PRO B 1 45 ? -15.089 -1.667  3.143   1.00 30.17 ? 43  PRO B CG  1 
ATOM   715 C CD  . PRO B 1 45 ? -13.731 -1.203  2.640   1.00 29.23 ? 43  PRO B CD  1 
ATOM   716 N N   . HIS B 1 46 ? -13.665 -0.890  6.351   1.00 28.33 ? 44  HIS B N   1 
ATOM   717 C CA  . HIS B 1 46 ? -13.510 -1.201  7.805   1.00 27.74 ? 44  HIS B CA  1 
ATOM   718 C C   . HIS B 1 46 ? -12.427 -0.294  8.406   1.00 30.16 ? 44  HIS B C   1 
ATOM   719 O O   . HIS B 1 46 ? -11.485 -0.814  9.055   1.00 27.38 ? 44  HIS B O   1 
ATOM   720 C CB  . HIS B 1 46 ? -13.232 -2.688  8.035   1.00 26.57 ? 44  HIS B CB  1 
ATOM   721 C CG  . HIS B 1 46 ? -14.252 -3.555  7.402   1.00 27.44 ? 44  HIS B CG  1 
ATOM   722 N ND1 . HIS B 1 46 ? -15.545 -3.633  7.889   1.00 25.95 ? 44  HIS B ND1 1 
ATOM   723 C CD2 . HIS B 1 46 ? -14.205 -4.311  6.285   1.00 28.49 ? 44  HIS B CD2 1 
ATOM   724 C CE1 . HIS B 1 46 ? -16.235 -4.464  7.127   1.00 29.74 ? 44  HIS B CE1 1 
ATOM   725 N NE2 . HIS B 1 46 ? -15.440 -4.879  6.122   1.00 29.63 ? 44  HIS B NE2 1 
ATOM   726 N N   . LYS B 1 47 ? -12.579 1.008   8.183   1.00 30.47 ? 45  LYS B N   1 
ATOM   727 C CA  . LYS B 1 47 ? -11.649 2.083   8.610   1.00 30.33 ? 45  LYS B CA  1 
ATOM   728 C C   . LYS B 1 47 ? -12.468 3.363   8.834   1.00 31.71 ? 45  LYS B C   1 
ATOM   729 O O   . LYS B 1 47 ? -13.433 3.584   8.061   1.00 32.08 ? 45  LYS B O   1 
ATOM   730 C CB  . LYS B 1 47 ? -10.578 2.281   7.533   1.00 29.03 ? 45  LYS B CB  1 
ATOM   731 C CG  . LYS B 1 47 ? -9.412  3.169   7.934   1.00 29.54 ? 45  LYS B CG  1 
ATOM   732 C CD  . LYS B 1 47 ? -8.082  2.722   7.366   1.00 27.12 ? 45  LYS B CD  1 
ATOM   733 C CE  . LYS B 1 47 ? -8.112  2.563   5.864   1.00 26.35 ? 45  LYS B CE  1 
ATOM   734 N NZ  . LYS B 1 47 ? -6.781  2.198   5.331   1.00 24.22 ? 45  LYS B NZ  1 
ATOM   735 N N   . GLY B 1 48 ? -12.164 4.118   9.899   1.00 32.04 ? 46  GLY B N   1 
ATOM   736 C CA  . GLY B 1 48 ? -12.727 5.460   10.138  1.00 34.07 ? 46  GLY B CA  1 
ATOM   737 C C   . GLY B 1 48 ? -12.322 6.398   9.007   1.00 35.39 ? 46  GLY B C   1 
ATOM   738 O O   . GLY B 1 48 ? -11.365 6.121   8.286   1.00 36.45 ? 46  GLY B O   1 
ATOM   739 N N   . PRO B 1 49 ? -13.026 7.531   8.816   1.00 36.20 ? 47  PRO B N   1 
ATOM   740 C CA  . PRO B 1 49 ? -12.709 8.442   7.716   1.00 35.06 ? 47  PRO B CA  1 
ATOM   741 C C   . PRO B 1 49 ? -11.299 9.028   7.904   1.00 33.47 ? 47  PRO B C   1 
ATOM   742 O O   . PRO B 1 49 ? -10.846 9.150   9.045   1.00 30.29 ? 47  PRO B O   1 
ATOM   743 C CB  . PRO B 1 49 ? -13.805 9.515   7.813   1.00 38.20 ? 47  PRO B CB  1 
ATOM   744 C CG  . PRO B 1 49 ? -14.168 9.527   9.291   1.00 38.61 ? 47  PRO B CG  1 
ATOM   745 C CD  . PRO B 1 49 ? -14.031 8.083   9.741   1.00 38.75 ? 47  PRO B CD  1 
ATOM   746 N N   . ALA B 1 50 ? -10.610 9.323   6.800   1.00 31.12 ? 48  ALA B N   1 
ATOM   747 C CA  . ALA B 1 50 ? -9.290  9.991   6.820   1.00 31.92 ? 48  ALA B CA  1 
ATOM   748 C C   . ALA B 1 50 ? -9.405  11.250  7.670   1.00 33.23 ? 48  ALA B C   1 
ATOM   749 O O   . ALA B 1 50 ? -10.358 12.024  7.431   1.00 35.75 ? 48  ALA B O   1 
ATOM   750 C CB  . ALA B 1 50 ? -8.817  10.307  5.430   1.00 30.45 ? 48  ALA B CB  1 
ATOM   751 N N   . THR B 1 51 ? -8.548  11.365  8.692   1.00 33.02 ? 49  THR B N   1 
ATOM   752 C CA  . THR B 1 51 ? -8.373  12.561  9.564   1.00 32.60 ? 49  THR B CA  1 
ATOM   753 C C   . THR B 1 51 ? -7.193  13.374  9.032   1.00 31.84 ? 49  THR B C   1 
ATOM   754 O O   . THR B 1 51 ? -7.081  14.584  9.265   1.00 30.04 ? 49  THR B O   1 
ATOM   755 C CB  . THR B 1 51 ? -8.137  12.165  11.030  1.00 33.90 ? 49  THR B CB  1 
ATOM   756 O OG1 . THR B 1 51 ? -6.876  11.493  11.109  1.00 35.23 ? 49  THR B OG1 1 
ATOM   757 C CG2 . THR B 1 51 ? -9.225  11.270  11.592  1.00 34.01 ? 49  THR B CG2 1 
ATOM   758 O OXT . THR B 1 51 ? -6.359  12.803  8.334   1.00 30.56 ? 49  THR B OXT 1 
HETATM 759 S S   . SO4 C 2 .  ? -5.474  5.879   5.691   1.00 35.34 ? 101 SO4 B S   1 
HETATM 760 O O1  . SO4 C 2 .  ? -5.063  4.563   6.137   1.00 32.87 ? 101 SO4 B O1  1 
HETATM 761 O O2  . SO4 C 2 .  ? -6.405  5.748   4.603   1.00 39.00 ? 101 SO4 B O2  1 
HETATM 762 O O3  . SO4 C 2 .  ? -4.322  6.628   5.256   1.00 32.33 ? 101 SO4 B O3  1 
HETATM 763 O O4  . SO4 C 2 .  ? -6.115  6.567   6.770   1.00 36.18 ? 101 SO4 B O4  1 
HETATM 764 O O   . HOH D 3 .  ? 18.821  -6.315  3.742   1.00 25.59 ? 101 HOH A O   1 
HETATM 765 O O   . HOH D 3 .  ? 11.457  1.940   18.502  1.00 23.96 ? 102 HOH A O   1 
HETATM 766 O O   . HOH D 3 .  ? 9.448   3.154   -11.468 1.00 29.79 ? 103 HOH A O   1 
HETATM 767 O O   . HOH D 3 .  ? 4.143   6.067   -0.568  1.00 33.42 ? 104 HOH A O   1 
HETATM 768 O O   . HOH D 3 .  ? 4.212   2.485   -15.978 1.00 32.90 ? 105 HOH A O   1 
HETATM 769 O O   . HOH D 3 .  ? 1.549   -0.914  10.458  1.00 28.24 ? 106 HOH A O   1 
HETATM 770 O O   . HOH D 3 .  ? 10.296  -0.123  8.232   1.00 26.09 ? 107 HOH A O   1 
HETATM 771 O O   . HOH D 3 .  ? 9.851   2.821   5.853   1.00 27.10 ? 108 HOH A O   1 
HETATM 772 O O   . HOH D 3 .  ? 8.351   3.257   16.224  1.00 25.67 ? 109 HOH A O   1 
HETATM 773 O O   . HOH D 3 .  ? 0.106   8.381   13.093  1.00 30.03 ? 110 HOH A O   1 
HETATM 774 O O   . HOH D 3 .  ? 3.825   -8.142  -3.593  1.00 37.73 ? 111 HOH A O   1 
HETATM 775 O O   . HOH E 3 .  ? -3.950  13.032  8.743   1.00 21.03 ? 201 HOH B O   1 
HETATM 776 O O   . HOH E 3 .  ? -13.054 -12.402 -5.613  1.00 22.24 ? 202 HOH B O   1 
HETATM 777 O O   . HOH E 3 .  ? -9.781  -5.202  -19.471 1.00 27.78 ? 203 HOH B O   1 
HETATM 778 O O   . HOH E 3 .  ? -6.951  9.096   9.963   1.00 37.44 ? 204 HOH B O   1 
HETATM 779 O O   . HOH E 3 .  ? -3.562  -1.852  -16.904 1.00 26.95 ? 205 HOH B O   1 
HETATM 780 O O   . HOH E 3 .  ? -5.893  -10.088 1.746   1.00 29.03 ? 206 HOH B O   1 
HETATM 781 O O   . HOH E 3 .  ? -12.944 2.257   -5.057  1.00 37.05 ? 207 HOH B O   1 
HETATM 782 O O   . HOH E 3 .  ? -9.578  -1.731  0.644   1.00 19.35 ? 208 HOH B O   1 
HETATM 783 O O   . HOH E 3 .  ? -2.190  -10.047 -7.042  1.00 33.19 ? 209 HOH B O   1 
HETATM 784 O O   . HOH E 3 .  ? -3.623  4.389   8.506   1.00 32.48 ? 210 HOH B O   1 
HETATM 785 O O   . HOH E 3 .  ? 1.422   3.100   2.982   1.00 27.08 ? 211 HOH B O   1 
HETATM 786 O O   . HOH E 3 .  ? -6.212  13.366  5.606   1.00 21.68 ? 212 HOH B O   1 
HETATM 787 O O   . HOH E 3 .  ? -1.717  0.048   -14.021 1.00 23.22 ? 213 HOH B O   1 
HETATM 788 O O   . HOH E 3 .  ? -8.301  -5.363  -8.672  1.00 19.40 ? 214 HOH B O   1 
HETATM 789 O O   . HOH E 3 .  ? -11.369 4.702   -1.784  1.00 33.70 ? 215 HOH B O   1 
HETATM 790 O O   . HOH E 3 .  ? -9.201  0.161   10.582  1.00 26.12 ? 216 HOH B O   1 
HETATM 791 O O   . HOH E 3 .  ? -9.248  -2.461  -6.735  1.00 18.75 ? 217 HOH B O   1 
HETATM 792 O O   . HOH E 3 .  ? -1.875  1.818   -3.975  1.00 25.25 ? 218 HOH B O   1 
HETATM 793 O O   . HOH E 3 .  ? -11.306 0.567   -13.000 1.00 33.79 ? 219 HOH B O   1 
HETATM 794 O O   . HOH E 3 .  ? -1.549  -9.391  -0.766  1.00 26.00 ? 220 HOH B O   1 
HETATM 795 O O   . HOH E 3 .  ? -7.832  -2.450  -16.806 1.00 31.89 ? 221 HOH B O   1 
HETATM 796 O O   . HOH E 3 .  ? -1.667  -9.359  3.114   1.00 43.86 ? 222 HOH B O   1 
# 
loop_
_atom_site_anisotrop.id 
_atom_site_anisotrop.type_symbol 
_atom_site_anisotrop.pdbx_label_atom_id 
_atom_site_anisotrop.pdbx_label_alt_id 
_atom_site_anisotrop.pdbx_label_comp_id 
_atom_site_anisotrop.pdbx_label_asym_id 
_atom_site_anisotrop.pdbx_label_seq_id 
_atom_site_anisotrop.pdbx_PDB_ins_code 
_atom_site_anisotrop.U[1][1] 
_atom_site_anisotrop.U[2][2] 
_atom_site_anisotrop.U[3][3] 
_atom_site_anisotrop.U[1][2] 
_atom_site_anisotrop.U[1][3] 
_atom_site_anisotrop.U[2][3] 
_atom_site_anisotrop.pdbx_auth_seq_id 
_atom_site_anisotrop.pdbx_auth_comp_id 
_atom_site_anisotrop.pdbx_auth_asym_id 
_atom_site_anisotrop.pdbx_auth_atom_id 
1   N N   . GLU A 1  ? 0.5199 0.6215 0.4722 0.0491  -0.0315 -0.0734 -1 GLU A N   
2   C CA  . GLU A 1  ? 0.4658 0.5747 0.4270 0.0555  -0.0314 -0.0709 -1 GLU A CA  
3   C C   . GLU A 1  ? 0.3588 0.4760 0.3275 0.0481  -0.0304 -0.0737 -1 GLU A C   
4   O O   . GLU A 1  ? 0.3179 0.4519 0.2914 0.0455  -0.0323 -0.0824 -1 GLU A O   
5   C CB  . GLU A 1  ? 0.5319 0.6307 0.4895 0.0613  -0.0294 -0.0611 -1 GLU A CB  
6   C CG  . GLU A 1  ? 0.6164 0.7151 0.5758 0.0654  -0.0301 -0.0571 -1 GLU A CG  
7   C CD  . GLU A 1  ? 0.7113 0.8050 0.6691 0.0632  -0.0269 -0.0480 -1 GLU A CD  
8   O OE1 . GLU A 1  ? 0.7406 0.8346 0.7021 0.0578  -0.0245 -0.0468 -1 GLU A OE1 
9   O OE2 . GLU A 1  ? 0.8396 0.9310 0.7914 0.0663  -0.0267 -0.0422 -1 GLU A OE2 
10  N N   . PHE A 2  ? 0.3159 0.4252 0.2857 0.0448  -0.0277 -0.0677 0  PHE A N   
11  C CA  . PHE A 2  ? 0.3053 0.4211 0.2813 0.0378  -0.0266 -0.0699 0  PHE A CA  
12  C C   . PHE A 2  ? 0.3050 0.4119 0.2753 0.0269  -0.0241 -0.0691 0  PHE A C   
13  O O   . PHE A 2  ? 0.3041 0.3960 0.2647 0.0286  -0.0238 -0.0647 0  PHE A O   
14  C CB  . PHE A 2  ? 0.3042 0.4153 0.2833 0.0423  -0.0264 -0.0640 0  PHE A CB  
15  C CG  . PHE A 2  ? 0.3341 0.4462 0.3115 0.0521  -0.0305 -0.0652 0  PHE A CG  
16  C CD1 . PHE A 2  ? 0.3531 0.4782 0.3332 0.0566  -0.0343 -0.0741 0  PHE A CD1 
17  C CD2 . PHE A 2  ? 0.3533 0.4538 0.3233 0.0574  -0.0312 -0.0581 0  PHE A CD2 
18  C CE1 . PHE A 2  ? 0.3523 0.4732 0.3253 0.0688  -0.0400 -0.0761 0  PHE A CE1 
19  C CE2 . PHE A 2  ? 0.3778 0.4719 0.3398 0.0658  -0.0361 -0.0588 0  PHE A CE2 
20  C CZ  . PHE A 2  ? 0.3654 0.4674 0.3275 0.0729  -0.0411 -0.0680 0  PHE A CZ  
21  N N   . GLU A 3  ? 0.2941 0.4101 0.2675 0.0169  -0.0233 -0.0739 1  GLU A N   
22  C CA  . GLU A 3  ? 0.3124 0.4164 0.2774 0.0053  -0.0212 -0.0725 1  GLU A CA  
23  C C   . GLU A 3  ? 0.3342 0.4322 0.3038 0.0095  -0.0195 -0.0661 1  GLU A C   
24  O O   . GLU A 3  ? 0.3518 0.4623 0.3320 0.0106  -0.0193 -0.0675 1  GLU A O   
25  C CB  . GLU A 3  ? 0.3273 0.4473 0.2930 -0.0095 -0.0206 -0.0804 1  GLU A CB  
26  C CG  . GLU A 3  ? 0.3566 0.4571 0.3048 -0.0248 -0.0195 -0.0792 1  GLU A CG  
27  C CD  . GLU A 3  ? 0.3810 0.4586 0.3076 -0.0308 -0.0220 -0.0792 1  GLU A CD  
28  O OE1 . GLU A 3  ? 0.3595 0.4452 0.2867 -0.0291 -0.0239 -0.0831 1  GLU A OE1 
29  O OE2 . GLU A 3  ? 0.4378 0.4868 0.3442 -0.0364 -0.0229 -0.0757 1  GLU A OE2 
30  N N   . CYS A 4  ? 0.3283 0.4093 0.2897 0.0136  -0.0191 -0.0598 2  CYS A N   
31  C CA  . CYS A 4  ? 0.3342 0.4133 0.3005 0.0184  -0.0177 -0.0535 2  CYS A CA  
32  C C   . CYS A 4  ? 0.3458 0.4096 0.3007 0.0148  -0.0172 -0.0518 2  CYS A C   
33  O O   . CYS A 4  ? 0.3804 0.4278 0.3185 0.0154  -0.0189 -0.0524 2  CYS A O   
34  C CB  . CYS A 4  ? 0.3547 0.4355 0.3224 0.0287  -0.0179 -0.0482 2  CYS A CB  
35  S SG  . CYS A 4  ? 0.3783 0.4700 0.3543 0.0334  -0.0194 -0.0489 2  CYS A SG  
36  N N   . GLU A 5  ? 0.3495 0.4156 0.3100 0.0116  -0.0157 -0.0502 3  GLU A N   
37  C CA  . GLU A 5  ? 0.3668 0.4180 0.3159 0.0100  -0.0157 -0.0482 3  GLU A CA  
38  C C   . GLU A 5  ? 0.3478 0.4082 0.3084 0.0141  -0.0143 -0.0439 3  GLU A C   
39  O O   . GLU A 5  ? 0.3453 0.4186 0.3194 0.0132  -0.0138 -0.0435 3  GLU A O   
40  C CB  . GLU A 5  ? 0.4543 0.4978 0.3945 -0.0039 -0.0154 -0.0526 3  GLU A CB  
41  C CG  . GLU A 5  ? 0.5209 0.5451 0.4461 -0.0065 -0.0159 -0.0508 3  GLU A CG  
42  C CD  . GLU A 5  ? 0.5993 0.6100 0.5077 -0.0232 -0.0160 -0.0544 3  GLU A CD  
43  O OE1 . GLU A 5  ? 0.6670 0.6831 0.5728 -0.0332 -0.0159 -0.0588 3  GLU A OE1 
44  O OE2 . GLU A 5  ? 0.6712 0.6668 0.5677 -0.0272 -0.0162 -0.0532 3  GLU A OE2 
45  N N   . SER A 6  ? 0.3147 0.3675 0.2678 0.0185  -0.0148 -0.0412 4  SER A N   
46  C CA  . SER A 6  ? 0.3053 0.3683 0.2683 0.0203  -0.0137 -0.0375 4  SER A CA  
47  C C   . SER A 6  ? 0.3202 0.3721 0.2765 0.0157  -0.0137 -0.0385 4  SER A C   
48  O O   . SER A 6  ? 0.3418 0.3762 0.2829 0.0109  -0.0147 -0.0415 4  SER A O   
49  C CB  . SER A 6  ? 0.3309 0.4040 0.2938 0.0302  -0.0140 -0.0342 4  SER A CB  
50  O OG  . SER A 6  ? 0.3460 0.4072 0.2918 0.0388  -0.0163 -0.0360 4  SER A OG  
51  N N   . GLY A 7  ? 0.2842 0.3452 0.2511 0.0143  -0.0127 -0.0363 5  GLY A N   
52  C CA  . GLY A 7  ? 0.2899 0.3427 0.2527 0.0098  -0.0126 -0.0370 5  GLY A CA  
53  C C   . GLY A 7  ? 0.2789 0.3441 0.2565 0.0065  -0.0116 -0.0353 5  GLY A C   
54  O O   . GLY A 7  ? 0.2514 0.3268 0.2389 0.0066  -0.0119 -0.0337 5  GLY A O   
55  N N   . PRO A 8  ? 0.3001 0.3606 0.2758 0.0037  -0.0116 -0.0354 6  PRO A N   
56  C CA  . PRO A 8  ? 0.2679 0.3367 0.2547 0.0011  -0.0117 -0.0339 6  PRO A CA  
57  C C   . PRO A 8  ? 0.2752 0.3495 0.2700 -0.0023 -0.0121 -0.0363 6  PRO A C   
58  O O   . PRO A 8  ? 0.2498 0.3273 0.2500 -0.0023 -0.0138 -0.0346 6  PRO A O   
59  C CB  . PRO A 8  ? 0.2796 0.3392 0.2598 -0.0021 -0.0113 -0.0354 6  PRO A CB  
60  C CG  . PRO A 8  ? 0.3070 0.3519 0.2699 0.0022  -0.0121 -0.0359 6  PRO A CG  
61  C CD  . PRO A 8  ? 0.2939 0.3369 0.2528 0.0034  -0.0122 -0.0370 6  PRO A CD  
62  N N   . CYS A 9  ? 0.2624 0.3372 0.2551 -0.0054 -0.0113 -0.0411 7  CYS A N   
63  C CA  . CYS A 9  ? 0.2762 0.3611 0.2754 -0.0058 -0.0124 -0.0459 7  CYS A CA  
64  C C   . CYS A 9  ? 0.2726 0.3619 0.2732 -0.0016 -0.0137 -0.0471 7  CYS A C   
65  O O   . CYS A 9  ? 0.2653 0.3648 0.2688 -0.0001 -0.0152 -0.0529 7  CYS A O   
66  C CB  . CYS A 9  ? 0.2770 0.3677 0.2738 -0.0131 -0.0105 -0.0518 7  CYS A CB  
67  S SG  . CYS A 9  ? 0.3052 0.3918 0.3007 -0.0167 -0.0097 -0.0510 7  CYS A SG  
68  N N   . CYS A 10 ? 0.2814 0.3661 0.2801 0.0016  -0.0137 -0.0423 8  CYS A N   
69  C CA  . CYS A 10 ? 0.2662 0.3535 0.2650 0.0060  -0.0151 -0.0422 8  CYS A CA  
70  C C   . CYS A 10 ? 0.2717 0.3564 0.2697 0.0083  -0.0161 -0.0354 8  CYS A C   
71  O O   . CYS A 10 ? 0.2644 0.3497 0.2623 0.0070  -0.0148 -0.0313 8  CYS A O   
72  C CB  . CYS A 10 ? 0.2940 0.3799 0.2879 0.0056  -0.0136 -0.0439 8  CYS A CB  
73  S SG  . CYS A 10 ? 0.3167 0.4098 0.3092 -0.0018 -0.0128 -0.0525 8  CYS A SG  
74  N N   . ARG A 11 ? 0.2537 0.3374 0.2498 0.0114  -0.0186 -0.0349 9  ARG A N   
75  C CA  . ARG A 11 ? 0.2903 0.3717 0.2821 0.0103  -0.0194 -0.0283 9  ARG A CA  
76  C C   . ARG A 11 ? 0.2911 0.3713 0.2787 0.0147  -0.0209 -0.0290 9  ARG A C   
77  O O   . ARG A 11 ? 0.2751 0.3508 0.2601 0.0190  -0.0243 -0.0339 9  ARG A O   
78  C CB  . ARG A 11 ? 0.3254 0.3976 0.3123 0.0064  -0.0231 -0.0254 9  ARG A CB  
79  C CG  . ARG A 11 ? 0.3874 0.4574 0.3667 -0.0002 -0.0238 -0.0178 9  ARG A CG  
80  C CD  . ARG A 11 ? 0.4157 0.5016 0.4012 -0.0049 -0.0197 -0.0141 9  ARG A CD  
81  N NE  . ARG A 11 ? 0.4743 0.5649 0.4527 -0.0144 -0.0199 -0.0073 9  ARG A NE  
82  C CZ  . ARG A 11 ? 0.4918 0.5996 0.4706 -0.0157 -0.0169 -0.0043 9  ARG A CZ  
83  N NH1 . ARG A 11 ? 0.4714 0.5896 0.4559 -0.0058 -0.0141 -0.0074 9  ARG A NH1 
84  N NH2 . ARG A 11 ? 0.4902 0.6052 0.4614 -0.0278 -0.0169 0.0017  9  ARG A NH2 
85  N N   . ASN A 12 ? 0.2809 0.3670 0.2675 0.0153  -0.0185 -0.0255 10 ASN A N   
86  C CA  . ASN A 12 ? 0.3392 0.4242 0.3207 0.0192  -0.0197 -0.0251 10 ASN A CA  
87  C C   . ASN A 12 ? 0.3196 0.4036 0.3027 0.0248  -0.0213 -0.0328 10 ASN A C   
88  O O   . ASN A 12 ? 0.2879 0.3666 0.2657 0.0291  -0.0251 -0.0351 10 ASN A O   
89  C CB  . ASN A 12 ? 0.4080 0.4824 0.3785 0.0154  -0.0231 -0.0201 10 ASN A CB  
90  C CG  . ASN A 12 ? 0.4570 0.5388 0.4249 0.0063  -0.0208 -0.0124 10 ASN A CG  
91  O OD1 . ASN A 12 ? 0.4918 0.5910 0.4654 0.0071  -0.0167 -0.0111 10 ASN A OD1 
92  N ND2 . ASN A 12 ? 0.5040 0.5734 0.4610 -0.0021 -0.0240 -0.0080 10 ASN A ND2 
93  N N   . CYS A 13 ? 0.3229 0.4117 0.3111 0.0239  -0.0190 -0.0373 11 CYS A N   
94  C CA  . CYS A 13 ? 0.3250 0.4181 0.3144 0.0253  -0.0196 -0.0448 11 CYS A CA  
95  C C   . CYS A 13 ? 0.3190 0.4176 0.3115 0.0263  -0.0224 -0.0512 11 CYS A C   
96  O O   . CYS A 13 ? 0.3196 0.4283 0.3135 0.0281  -0.0237 -0.0587 11 CYS A O   
97  C CB  . CYS A 13 ? 0.3829 0.4762 0.3684 0.0306  -0.0208 -0.0449 11 CYS A CB  
98  S SG  . CYS A 13 ? 0.4244 0.5243 0.4097 0.0295  -0.0208 -0.0532 11 CYS A SG  
99  N N   . LYS A 14 ? 0.2946 0.3887 0.2870 0.0258  -0.0239 -0.0494 12 LYS A N   
100 C CA  . LYS A 14 ? 0.3215 0.4214 0.3150 0.0295  -0.0274 -0.0564 12 LYS A CA  
101 C C   . LYS A 14 ? 0.3060 0.4096 0.3045 0.0227  -0.0246 -0.0570 12 LYS A C   
102 O O   . LYS A 14 ? 0.2937 0.3900 0.2925 0.0173  -0.0217 -0.0505 12 LYS A O   
103 C CB  . LYS A 14 ? 0.3614 0.4465 0.3443 0.0367  -0.0334 -0.0544 12 LYS A CB  
104 C CG  . LYS A 14 ? 0.3880 0.4649 0.3621 0.0420  -0.0362 -0.0523 12 LYS A CG  
105 C CD  . LYS A 14 ? 0.4516 0.5064 0.4075 0.0483  -0.0437 -0.0503 12 LYS A CD  
106 C CE  . LYS A 14 ? 0.5045 0.5431 0.4534 0.0395  -0.0438 -0.0417 12 LYS A CE  
107 N NZ  . LYS A 14 ? 0.5268 0.5703 0.4813 0.0286  -0.0374 -0.0331 12 LYS A NZ  
108 N N   . PHE A 15 ? 0.3234 0.4416 0.3256 0.0236  -0.0255 -0.0653 13 PHE A N   
109 C CA  . PHE A 15 ? 0.3136 0.4371 0.3192 0.0169  -0.0230 -0.0668 13 PHE A CA  
110 C C   . PHE A 15 ? 0.3381 0.4534 0.3408 0.0230  -0.0272 -0.0659 13 PHE A C   
111 O O   . PHE A 15 ? 0.3305 0.4460 0.3279 0.0342  -0.0334 -0.0708 13 PHE A O   
112 C CB  . PHE A 15 ? 0.3338 0.4819 0.3437 0.0122  -0.0212 -0.0765 13 PHE A CB  
113 C CG  . PHE A 15 ? 0.3644 0.5132 0.3722 0.0021  -0.0173 -0.0761 13 PHE A CG  
114 C CD1 . PHE A 15 ? 0.3878 0.5402 0.3949 0.0061  -0.0189 -0.0781 13 PHE A CD1 
115 C CD2 . PHE A 15 ? 0.3785 0.5162 0.3810 -0.0096 -0.0134 -0.0721 13 PHE A CD2 
116 C CE1 . PHE A 15 ? 0.4400 0.5872 0.4418 -0.0025 -0.0164 -0.0768 13 PHE A CE1 
117 C CE2 . PHE A 15 ? 0.4197 0.5489 0.4135 -0.0176 -0.0116 -0.0710 13 PHE A CE2 
118 C CZ  . PHE A 15 ? 0.4317 0.5665 0.4258 -0.0145 -0.0132 -0.0736 13 PHE A CZ  
119 N N   . LEU A 16 ? 0.2889 0.3946 0.2919 0.0171  -0.0251 -0.0601 14 LEU A N   
120 C CA  . LEU A 16 ? 0.3372 0.4336 0.3361 0.0208  -0.0293 -0.0594 14 LEU A CA  
121 C C   . LEU A 16 ? 0.3126 0.4260 0.3132 0.0269  -0.0318 -0.0698 14 LEU A C   
122 O O   . LEU A 16 ? 0.3247 0.4591 0.3322 0.0211  -0.0272 -0.0753 14 LEU A O   
123 C CB  . LEU A 16 ? 0.3380 0.4262 0.3386 0.0125  -0.0259 -0.0525 14 LEU A CB  
124 C CG  . LEU A 16 ? 0.3611 0.4380 0.3594 0.0087  -0.0249 -0.0432 14 LEU A CG  
125 C CD1 . LEU A 16 ? 0.3365 0.4100 0.3363 0.0030  -0.0231 -0.0387 14 LEU A CD1 
126 C CD2 . LEU A 16 ? 0.4192 0.4829 0.4079 0.0118  -0.0303 -0.0398 14 LEU A CD2 
127 N N   . LYS A 17 ? 0.3606 0.4651 0.3516 0.0384  -0.0394 -0.0729 15 LYS A N   
128 C CA  . LYS A 17 ? 0.3845 0.5065 0.3744 0.0490  -0.0435 -0.0842 15 LYS A CA  
129 C C   . LYS A 17 ? 0.3614 0.5041 0.3624 0.0389  -0.0368 -0.0867 15 LYS A C   
130 O O   . LYS A 17 ? 0.3444 0.4729 0.3462 0.0301  -0.0337 -0.0792 15 LYS A O   
131 C CB  . LYS A 17 ? 0.4340 0.5307 0.4068 0.0606  -0.0530 -0.0840 15 LYS A CB  
132 C CG  . LYS A 17 ? 0.4557 0.5657 0.4204 0.0791  -0.0608 -0.0971 15 LYS A CG  
133 C CD  . LYS A 17 ? 0.4747 0.5907 0.4319 0.0935  -0.0667 -0.1046 15 LYS A CD  
134 C CE  . LYS A 17 ? 0.4947 0.6304 0.4435 0.1154  -0.0751 -0.1199 15 LYS A CE  
135 N NZ  . LYS A 17 ? 0.4572 0.6459 0.4270 0.1115  -0.0680 -0.1301 15 LYS A NZ  
136 N N   . GLU A 18 ? 0.3731 0.5490 0.3805 0.0396  -0.0349 -0.0972 16 GLU A N   
137 C CA  . GLU A 18 ? 0.4250 0.6219 0.4390 0.0286  -0.0290 -0.1005 16 GLU A CA  
138 C C   . GLU A 18 ? 0.4295 0.6150 0.4391 0.0347  -0.0326 -0.0996 16 GLU A C   
139 O O   . GLU A 18 ? 0.4356 0.6099 0.4357 0.0513  -0.0413 -0.1028 16 GLU A O   
140 C CB  . GLU A 18 ? 0.4841 0.7250 0.5041 0.0287  -0.0276 -0.1135 16 GLU A CB  
141 C CG  . GLU A 18 ? 0.5494 0.8098 0.5660 0.0502  -0.0358 -0.1256 16 GLU A CG  
142 C CD  . GLU A 18 ? 0.5764 0.8891 0.6002 0.0516  -0.0346 -0.1400 16 GLU A CD  
143 O OE1 . GLU A 18 ? 0.5560 0.9017 0.5837 0.0497  -0.0326 -0.1483 16 GLU A OE1 
144 O OE2 . GLU A 18 ? 0.5997 0.9229 0.6256 0.0528  -0.0352 -0.1431 16 GLU A OE2 
145 N N   . GLY A 19 ? 0.4041 0.5881 0.4164 0.0222  -0.0270 -0.0956 17 GLY A N   
146 C CA  . GLY A 19 ? 0.4297 0.6020 0.4380 0.0258  -0.0295 -0.0940 17 GLY A CA  
147 C C   . GLY A 19 ? 0.4366 0.5730 0.4404 0.0233  -0.0311 -0.0823 17 GLY A C   
148 O O   . GLY A 19 ? 0.4849 0.6115 0.4859 0.0233  -0.0324 -0.0803 17 GLY A O   
149 N N   . THR A 20 ? 0.3996 0.5199 0.4022 0.0211  -0.0311 -0.0754 18 THR A N   
150 C CA  . THR A 20 ? 0.4035 0.4972 0.4020 0.0170  -0.0322 -0.0648 18 THR A CA  
151 C C   . THR A 20 ? 0.3306 0.4230 0.3336 0.0060  -0.0260 -0.0597 18 THR A C   
152 O O   . THR A 20 ? 0.3414 0.4428 0.3478 -0.0012 -0.0203 -0.0601 18 THR A O   
153 C CB  . THR A 20 ? 0.4116 0.4963 0.4083 0.0164  -0.0325 -0.0597 18 THR A CB  
154 O OG1 . THR A 20 ? 0.4397 0.5217 0.4286 0.0277  -0.0390 -0.0646 18 THR A OG1 
155 C CG2 . THR A 20 ? 0.4259 0.4919 0.4189 0.0107  -0.0331 -0.0499 18 THR A CG2 
156 N N   . ILE A 21 ? 0.3228 0.4027 0.3231 0.0047  -0.0279 -0.0554 19 ILE A N   
157 C CA  . ILE A 21 ? 0.2752 0.3537 0.2778 -0.0032 -0.0231 -0.0516 19 ILE A CA  
158 C C   . ILE A 21 ? 0.2715 0.3459 0.2750 -0.0072 -0.0200 -0.0457 19 ILE A C   
159 O O   . ILE A 21 ? 0.2681 0.3371 0.2711 -0.0059 -0.0222 -0.0415 19 ILE A O   
160 C CB  . ILE A 21 ? 0.2999 0.3679 0.2996 -0.0028 -0.0264 -0.0489 19 ILE A CB  
161 C CG1 . ILE A 21 ? 0.2939 0.3616 0.2943 -0.0083 -0.0222 -0.0468 19 ILE A CG1 
162 C CG2 . ILE A 21 ? 0.3133 0.3678 0.3089 -0.0033 -0.0311 -0.0428 19 ILE A CG2 
163 C CD1 . ILE A 21 ? 0.3108 0.3716 0.3091 -0.0077 -0.0253 -0.0456 19 ILE A CD1 
164 N N   . CYS A 22 ? 0.2545 0.3292 0.2559 -0.0120 -0.0155 -0.0454 20 CYS A N   
165 C CA  . CYS A 22 ? 0.2613 0.3303 0.2596 -0.0126 -0.0137 -0.0409 20 CYS A CA  
166 C C   . CYS A 22 ? 0.2629 0.3239 0.2549 -0.0134 -0.0128 -0.0387 20 CYS A C   
167 O O   . CYS A 22 ? 0.2404 0.2993 0.2300 -0.0099 -0.0132 -0.0353 20 CYS A O   
168 C CB  . CYS A 22 ? 0.2538 0.3250 0.2493 -0.0144 -0.0115 -0.0433 20 CYS A CB  
169 S SG  . CYS A 22 ? 0.2956 0.3688 0.2831 -0.0238 -0.0081 -0.0489 20 CYS A SG  
170 N N   . LYS A 23 ? 0.2848 0.3432 0.2738 -0.0161 -0.0122 -0.0407 21 LYS A N   
171 C CA  . LYS A 23 ? 0.2946 0.3432 0.2754 -0.0152 -0.0124 -0.0388 21 LYS A CA  
172 C C   . LYS A 23 ? 0.3029 0.3520 0.2844 -0.0174 -0.0128 -0.0406 21 LYS A C   
173 O O   . LYS A 23 ? 0.3137 0.3655 0.2924 -0.0226 -0.0107 -0.0444 21 LYS A O   
174 C CB  . LYS A 23 ? 0.3536 0.3875 0.3173 -0.0171 -0.0108 -0.0392 21 LYS A CB  
175 C CG  . LYS A 23 ? 0.4056 0.4260 0.3561 -0.0116 -0.0129 -0.0376 21 LYS A CG  
176 C CD  . LYS A 23 ? 0.4974 0.4980 0.4264 -0.0090 -0.0139 -0.0378 21 LYS A CD  
177 C CE  . LYS A 23 ? 0.5388 0.5277 0.4532 0.0025  -0.0178 -0.0373 21 LYS A CE  
178 N NZ  . LYS A 23 ? 0.6093 0.5812 0.5087 -0.0006 -0.0184 -0.0380 21 LYS A NZ  
179 N N   . ARG A 24 ? 0.2738 0.3231 0.2590 -0.0140 -0.0154 -0.0383 22 ARG A N   
180 C CA  . ARG A 24 ? 0.2563 0.3048 0.2419 -0.0148 -0.0166 -0.0399 22 ARG A CA  
181 C C   . ARG A 24 ? 0.2697 0.3074 0.2421 -0.0169 -0.0145 -0.0407 22 ARG A C   
182 O O   . ARG A 24 ? 0.2584 0.2867 0.2212 -0.0136 -0.0150 -0.0388 22 ARG A O   
183 C CB  . ARG A 24 ? 0.2505 0.3015 0.2417 -0.0124 -0.0205 -0.0369 22 ARG A CB  
184 C CG  . ARG A 24 ? 0.2778 0.3262 0.2688 -0.0125 -0.0230 -0.0385 22 ARG A CG  
185 C CD  . ARG A 24 ? 0.2819 0.3304 0.2764 -0.0133 -0.0281 -0.0361 22 ARG A CD  
186 N NE  . ARG A 24 ? 0.2899 0.3382 0.2859 -0.0146 -0.0303 -0.0347 22 ARG A NE  
187 C CZ  . ARG A 24 ? 0.3124 0.3550 0.3056 -0.0122 -0.0335 -0.0376 22 ARG A CZ  
188 N NH1 . ARG A 24 ? 0.3251 0.3666 0.3158 -0.0081 -0.0345 -0.0426 22 ARG A NH1 
189 N NH2 . ARG A 24 ? 0.3179 0.3556 0.3082 -0.0131 -0.0367 -0.0356 22 ARG A NH2 
190 N N   . ALA A 25 ? 0.3227 0.3619 0.2924 -0.0214 -0.0129 -0.0441 23 ALA A N   
191 C CA  . ALA A 25 ? 0.3516 0.3791 0.3053 -0.0267 -0.0107 -0.0450 23 ALA A CA  
192 C C   . ALA A 25 ? 0.3340 0.3523 0.2834 -0.0210 -0.0135 -0.0431 23 ALA A C   
193 O O   . ALA A 25 ? 0.2740 0.3008 0.2358 -0.0162 -0.0166 -0.0424 23 ALA A O   
194 C CB  . ALA A 25 ? 0.3756 0.4159 0.3307 -0.0335 -0.0079 -0.0498 23 ALA A CB  
195 N N   . ARG A 26 ? 0.3484 0.3488 0.2782 -0.0230 -0.0130 -0.0427 24 ARG A N   
196 C CA  . ARG A 26 ? 0.3902 0.3813 0.3125 -0.0182 -0.0155 -0.0422 24 ARG A CA  
197 C C   . ARG A 26 ? 0.3764 0.3732 0.2996 -0.0245 -0.0133 -0.0448 24 ARG A C   
198 O O   . ARG A 26 ? 0.3751 0.3764 0.2938 -0.0346 -0.0093 -0.0471 24 ARG A O   
199 C CB  . ARG A 26 ? 0.4892 0.4536 0.3842 -0.0153 -0.0171 -0.0411 24 ARG A CB  
200 C CG  . ARG A 26 ? 0.5739 0.5333 0.4644 -0.0093 -0.0188 -0.0400 24 ARG A CG  
201 C CD  . ARG A 26 ? 0.6844 0.6127 0.5424 -0.0025 -0.0226 -0.0399 24 ARG A CD  
202 N NE  . ARG A 26 ? 0.7950 0.7221 0.6488 0.0120  -0.0276 -0.0408 24 ARG A NE  
203 C CZ  . ARG A 26 ? 0.8693 0.7774 0.7039 0.0139  -0.0298 -0.0415 24 ARG A CZ  
204 N NH1 . ARG A 26 ? 0.9233 0.8109 0.7394 0.0003  -0.0270 -0.0409 24 ARG A NH1 
205 N NH2 . ARG A 26 ? 0.8277 0.7398 0.6608 0.0287  -0.0349 -0.0432 24 ARG A NH2 
206 N N   . GLY A 27 ? 0.3548 0.3547 0.2839 -0.0193 -0.0160 -0.0451 25 GLY A N   
207 C CA  . GLY A 27 ? 0.3788 0.3824 0.3055 -0.0231 -0.0147 -0.0479 25 GLY A CA  
208 C C   . GLY A 27 ? 0.3814 0.4065 0.3214 -0.0263 -0.0128 -0.0519 25 GLY A C   
209 O O   . GLY A 27 ? 0.3420 0.3765 0.2964 -0.0210 -0.0155 -0.0521 25 GLY A O   
210 N N   . ASP A 28 ? 0.3615 0.3946 0.2939 -0.0349 -0.0084 -0.0555 26 ASP A N   
211 C CA  . ASP A 28 ? 0.3570 0.4172 0.3007 -0.0348 -0.0074 -0.0617 26 ASP A CA  
212 C C   . ASP A 28 ? 0.3619 0.4353 0.3070 -0.0425 -0.0035 -0.0638 26 ASP A C   
213 O O   . ASP A 28 ? 0.3417 0.4423 0.2945 -0.0424 -0.0023 -0.0704 26 ASP A O   
214 C CB  . ASP A 28 ? 0.3597 0.4316 0.2967 -0.0390 -0.0048 -0.0661 26 ASP A CB  
215 C CG  . ASP A 28 ? 0.3588 0.4607 0.3081 -0.0318 -0.0062 -0.0741 26 ASP A CG  
216 O OD1 . ASP A 28 ? 0.3177 0.4188 0.2775 -0.0195 -0.0121 -0.0748 26 ASP A OD1 
217 O OD2 . ASP A 28 ? 0.3638 0.4894 0.3093 -0.0386 -0.0018 -0.0799 26 ASP A OD2 
218 N N   . ASP A 29 ? 0.3817 0.4386 0.3194 -0.0473 -0.0024 -0.0593 27 ASP A N   
219 C CA  . ASP A 29 ? 0.3816 0.4480 0.3166 -0.0575 0.0014  -0.0610 27 ASP A CA  
220 C C   . ASP A 29 ? 0.3782 0.4659 0.3328 -0.0489 -0.0007 -0.0646 27 ASP A C   
221 O O   . ASP A 29 ? 0.3171 0.4019 0.2829 -0.0361 -0.0058 -0.0633 27 ASP A O   
222 C CB  . ASP A 29 ? 0.4325 0.4711 0.3508 -0.0627 0.0016  -0.0558 27 ASP A CB  
223 C CG  . ASP A 29 ? 0.5125 0.5275 0.4023 -0.0749 0.0037  -0.0538 27 ASP A CG  
224 O OD1 . ASP A 29 ? 0.5384 0.5670 0.4216 -0.0874 0.0077  -0.0572 27 ASP A OD1 
225 O OD2 . ASP A 29 ? 0.5626 0.5461 0.4349 -0.0712 0.0006  -0.0493 27 ASP A OD2 
226 N N   . MET A 30 ? 0.3807 0.4871 0.3358 -0.0571 0.0026  -0.0687 28 MET A N   
227 C CA  . MET A 30 ? 0.3578 0.4809 0.3273 -0.0492 0.0005  -0.0720 28 MET A CA  
228 C C   . MET A 30 ? 0.3404 0.4402 0.3098 -0.0457 -0.0016 -0.0652 28 MET A C   
229 O O   . MET A 30 ? 0.3304 0.4107 0.2860 -0.0541 0.0005  -0.0609 28 MET A O   
230 C CB  . MET A 30 ? 0.3793 0.5304 0.3478 -0.0607 0.0050  -0.0785 28 MET A CB  
231 C CG  . MET A 30 ? 0.3686 0.5448 0.3519 -0.0492 0.0020  -0.0850 28 MET A CG  
232 S SD  . MET A 30 ? 0.3772 0.5916 0.3600 -0.0637 0.0073  -0.0933 28 MET A SD  
233 C CE  . MET A 30 ? 0.3470 0.5885 0.3228 -0.0761 0.0122  -0.0993 28 MET A CE  
234 N N   . ASP A 31 ? 0.3275 0.4275 0.3088 -0.0333 -0.0063 -0.0643 29 ASP A N   
235 C CA  . ASP A 31 ? 0.3472 0.4327 0.3303 -0.0299 -0.0080 -0.0587 29 ASP A CA  
236 C C   . ASP A 31 ? 0.3541 0.4474 0.3354 -0.0365 -0.0050 -0.0608 29 ASP A C   
237 O O   . ASP A 31 ? 0.3882 0.5033 0.3712 -0.0414 -0.0028 -0.0673 29 ASP A O   
238 C CB  . ASP A 31 ? 0.3403 0.4248 0.3323 -0.0188 -0.0137 -0.0578 29 ASP A CB  
239 C CG  . ASP A 31 ? 0.3387 0.4132 0.3301 -0.0148 -0.0171 -0.0554 29 ASP A CG  
240 O OD1 . ASP A 31 ? 0.3448 0.4082 0.3318 -0.0176 -0.0160 -0.0512 29 ASP A OD1 
241 O OD2 . ASP A 31 ? 0.3788 0.4567 0.3720 -0.0081 -0.0216 -0.0588 29 ASP A OD2 
242 N N   . ASP A 32 ? 0.3734 0.4511 0.3498 -0.0373 -0.0048 -0.0559 30 ASP A N   
243 C CA  . ASP A 32 ? 0.3652 0.4469 0.3406 -0.0412 -0.0034 -0.0570 30 ASP A CA  
244 C C   . ASP A 32 ? 0.3501 0.4433 0.3393 -0.0310 -0.0066 -0.0584 30 ASP A C   
245 O O   . ASP A 32 ? 0.3374 0.4225 0.3314 -0.0228 -0.0101 -0.0543 30 ASP A O   
246 C CB  . ASP A 32 ? 0.3830 0.4408 0.3449 -0.0428 -0.0034 -0.0517 30 ASP A CB  
247 C CG  . ASP A 32 ? 0.4364 0.4738 0.3767 -0.0514 -0.0020 -0.0504 30 ASP A CG  
248 O OD1 . ASP A 32 ? 0.4680 0.5125 0.4035 -0.0612 0.0006  -0.0535 30 ASP A OD1 
249 O OD2 . ASP A 32 ? 0.4505 0.4647 0.3764 -0.0479 -0.0039 -0.0467 30 ASP A OD2 
250 N N   . TYR A 33 ? 0.3458 0.4566 0.3386 -0.0328 -0.0057 -0.0637 31 TYR A N   
251 C CA  . TYR A 33 ? 0.3372 0.4584 0.3393 -0.0222 -0.0095 -0.0664 31 TYR A CA  
252 C C   . TYR A 33 ? 0.3132 0.4396 0.3146 -0.0260 -0.0079 -0.0677 31 TYR A C   
253 O O   . TYR A 33 ? 0.2974 0.4300 0.2923 -0.0382 -0.0039 -0.0702 31 TYR A O   
254 C CB  . TYR A 33 ? 0.3636 0.5072 0.3703 -0.0155 -0.0119 -0.0750 31 TYR A CB  
255 C CG  . TYR A 33 ? 0.4385 0.5764 0.4441 -0.0109 -0.0143 -0.0747 31 TYR A CG  
256 C CD1 . TYR A 33 ? 0.4812 0.6034 0.4862 -0.0002 -0.0206 -0.0719 31 TYR A CD1 
257 C CD2 . TYR A 33 ? 0.4933 0.6398 0.4961 -0.0188 -0.0106 -0.0770 31 TYR A CD2 
258 C CE1 . TYR A 33 ? 0.4742 0.5894 0.4763 0.0035  -0.0236 -0.0718 31 TYR A CE1 
259 C CE2 . TYR A 33 ? 0.4889 0.6303 0.4904 -0.0139 -0.0130 -0.0770 31 TYR A CE2 
260 C CZ  . TYR A 33 ? 0.5157 0.6416 0.5174 -0.0023 -0.0198 -0.0746 31 TYR A CZ  
261 O OH  . TYR A 33 ? 0.5545 0.6736 0.5532 0.0021  -0.0229 -0.0748 31 TYR A OH  
262 N N   . CYS A 34 ? 0.3158 0.4386 0.3213 -0.0171 -0.0111 -0.0660 32 CYS A N   
263 C CA  . CYS A 34 ? 0.3030 0.4327 0.3091 -0.0178 -0.0106 -0.0681 32 CYS A CA  
264 C C   . CYS A 34 ? 0.3375 0.4971 0.3477 -0.0181 -0.0105 -0.0786 32 CYS A C   
265 O O   . CYS A 34 ? 0.3120 0.4845 0.3258 -0.0096 -0.0136 -0.0839 32 CYS A O   
266 C CB  . CYS A 34 ? 0.3110 0.4303 0.3193 -0.0077 -0.0146 -0.0641 32 CYS A CB  
267 S SG  . CYS A 34 ? 0.3025 0.3985 0.3076 -0.0080 -0.0143 -0.0534 32 CYS A SG  
268 N N   . ASN A 35 ? 0.3471 0.5189 0.3558 -0.0268 -0.0078 -0.0822 33 ASN A N   
269 C CA  . ASN A 35 ? 0.4010 0.6097 0.4138 -0.0302 -0.0070 -0.0932 33 ASN A CA  
270 C C   . ASN A 35 ? 0.4145 0.6358 0.4329 -0.0172 -0.0113 -0.0983 33 ASN A C   
271 O O   . ASN A 35 ? 0.4428 0.6995 0.4661 -0.0148 -0.0122 -0.1093 33 ASN A O   
272 C CB  . ASN A 35 ? 0.4187 0.6345 0.4231 -0.0520 -0.0015 -0.0946 33 ASN A CB  
273 C CG  . ASN A 35 ? 0.4152 0.6065 0.4110 -0.0575 -0.0010 -0.0886 33 ASN A CG  
274 O OD1 . ASN A 35 ? 0.4321 0.6152 0.4329 -0.0449 -0.0042 -0.0862 33 ASN A OD1 
275 N ND2 . ASN A 35 ? 0.4355 0.6094 0.4149 -0.0750 0.0020  -0.0852 33 ASN A ND2 
276 N N   . GLY A 36 ? 0.4015 0.5974 0.4186 -0.0086 -0.0142 -0.0913 34 GLY A N   
277 C CA  . GLY A 36 ? 0.4227 0.6231 0.4413 0.0041  -0.0189 -0.0946 34 GLY A CA  
278 C C   . GLY A 36 ? 0.4185 0.6336 0.4377 -0.0048 -0.0161 -0.0982 34 GLY A C   
279 O O   . GLY A 36 ? 0.4312 0.6597 0.4527 0.0054  -0.0199 -0.1042 34 GLY A O   
280 N N   . LYS A 37 ? 0.4099 0.6183 0.4238 -0.0228 -0.0108 -0.0948 35 LYS A N   
281 C CA  . LYS A 37 ? 0.4385 0.6567 0.4482 -0.0357 -0.0085 -0.0980 35 LYS A CA  
282 C C   . LYS A 37 ? 0.4271 0.6096 0.4247 -0.0430 -0.0070 -0.0884 35 LYS A C   
283 O O   . LYS A 37 ? 0.4307 0.6124 0.4246 -0.0455 -0.0075 -0.0894 35 LYS A O   
284 C CB  . LYS A 37 ? 0.4954 0.7426 0.5029 -0.0539 -0.0046 -0.1056 35 LYS A CB  
285 C CG  . LYS A 37 ? 0.5206 0.8129 0.5399 -0.0458 -0.0062 -0.1178 35 LYS A CG  
286 C CD  . LYS A 37 ? 0.5776 0.9081 0.5952 -0.0666 -0.0016 -0.1264 35 LYS A CD  
287 C CE  . LYS A 37 ? 0.6227 0.9425 0.6321 -0.0815 0.0027  -0.1221 35 LYS A CE  
288 N NZ  . LYS A 37 ? 0.6538 1.0076 0.6570 -0.1074 0.0078  -0.1292 35 LYS A NZ  
289 N N   . THR A 38 ? 0.4060 0.5617 0.3967 -0.0441 -0.0059 -0.0804 36 THR A N   
290 C CA  . THR A 38 ? 0.3984 0.5206 0.3729 -0.0495 -0.0054 -0.0729 36 THR A CA  
291 C C   . THR A 38 ? 0.3828 0.4850 0.3593 -0.0372 -0.0067 -0.0650 36 THR A C   
292 O O   . THR A 38 ? 0.3074 0.4184 0.2949 -0.0302 -0.0074 -0.0648 36 THR A O   
293 C CB  . THR A 38 ? 0.4628 0.5749 0.4195 -0.0687 -0.0029 -0.0735 36 THR A CB  
294 O OG1 . THR A 38 ? 0.4942 0.6080 0.4531 -0.0698 -0.0014 -0.0726 36 THR A OG1 
295 C CG2 . THR A 38 ? 0.5255 0.6621 0.4792 -0.0853 -0.0011 -0.0816 36 THR A CG2 
296 N N   . CYS A 39 ? 0.3410 0.4199 0.3066 -0.0335 -0.0077 -0.0593 37 CYS A N   
297 C CA  . CYS A 39 ? 0.3479 0.4176 0.3176 -0.0209 -0.0090 -0.0528 37 CYS A CA  
298 C C   . CYS A 39 ? 0.3716 0.4271 0.3332 -0.0220 -0.0087 -0.0496 37 CYS A C   
299 O O   . CYS A 39 ? 0.3794 0.4356 0.3477 -0.0138 -0.0094 -0.0454 37 CYS A O   
300 C CB  . CYS A 39 ? 0.3407 0.4003 0.3041 -0.0134 -0.0106 -0.0498 37 CYS A CB  
301 S SG  . CYS A 39 ? 0.3477 0.4230 0.3219 -0.0084 -0.0115 -0.0522 37 CYS A SG  
302 N N   . ASP A 40 ? 0.3966 0.4398 0.3425 -0.0330 -0.0079 -0.0514 38 ASP A N   
303 C CA  . ASP A 40 ? 0.4472 0.4728 0.3808 -0.0337 -0.0083 -0.0488 38 ASP A CA  
304 C C   . ASP A 40 ? 0.3882 0.4304 0.3363 -0.0361 -0.0064 -0.0500 38 ASP A C   
305 O O   . ASP A 40 ? 0.3331 0.3980 0.2959 -0.0381 -0.0053 -0.0540 38 ASP A O   
306 C CB  . ASP A 40 ? 0.5104 0.5075 0.4139 -0.0439 -0.0095 -0.0495 38 ASP A CB  
307 C CG  . ASP A 40 ? 0.7082 0.6809 0.5926 -0.0340 -0.0137 -0.0474 38 ASP A CG  
308 O OD1 . ASP A 40 ? 0.6869 0.6675 0.5823 -0.0183 -0.0149 -0.0450 38 ASP A OD1 
309 O OD2 . ASP A 40 ? 0.7119 0.6579 0.5679 -0.0426 -0.0161 -0.0487 38 ASP A OD2 
310 N N   . CYS A 41 ? 0.3889 0.4214 0.3336 -0.0323 -0.0071 -0.0470 39 CYS A N   
311 C CA  . CYS A 41 ? 0.3971 0.4397 0.3505 -0.0349 -0.0058 -0.0480 39 CYS A CA  
312 C C   . CYS A 41 ? 0.4501 0.4825 0.3859 -0.0488 -0.0040 -0.0503 39 CYS A C   
313 O O   . CYS A 41 ? 0.4957 0.5020 0.4101 -0.0501 -0.0054 -0.0479 39 CYS A O   
314 C CB  . CYS A 41 ? 0.3678 0.4058 0.3253 -0.0250 -0.0077 -0.0438 39 CYS A CB  
315 S SG  . CYS A 41 ? 0.3522 0.3996 0.3187 -0.0272 -0.0071 -0.0449 39 CYS A SG  
316 N N   . PRO A 42 ? 0.4791 0.5309 0.4191 -0.0603 -0.0013 -0.0556 40 PRO A N   
317 C CA  . PRO A 42 ? 0.5130 0.5568 0.4330 -0.0783 0.0010  -0.0577 40 PRO A CA  
318 C C   . PRO A 42 ? 0.5530 0.5873 0.4663 -0.0795 0.0015  -0.0559 40 PRO A C   
319 O O   . PRO A 42 ? 0.4764 0.5301 0.4086 -0.0721 0.0019  -0.0571 40 PRO A O   
320 C CB  . PRO A 42 ? 0.5223 0.6020 0.4543 -0.0882 0.0040  -0.0651 40 PRO A CB  
321 C CG  . PRO A 42 ? 0.4864 0.5909 0.4453 -0.0710 0.0023  -0.0672 40 PRO A CG  
322 C CD  . PRO A 42 ? 0.4395 0.5228 0.4011 -0.0561 -0.0008 -0.0605 40 PRO A CD  
323 N N   . ARG A 43 ? 0.6201 0.6211 0.5044 -0.0870 0.0004  -0.0529 41 ARG A N   
324 C CA  . ARG A 43 ? 0.6626 0.6514 0.5352 -0.0904 0.0009  -0.0516 41 ARG A CA  
325 C C   . ARG A 43 ? 0.6220 0.6389 0.4997 -0.1073 0.0057  -0.0566 41 ARG A C   
326 O O   . ARG A 43 ? 0.6236 0.6446 0.4880 -0.1260 0.0081  -0.0593 41 ARG A O   
327 C CB  . ARG A 43 ? 0.7553 0.6973 0.5903 -0.0924 -0.0030 -0.0476 41 ARG A CB  
328 C CG  . ARG A 43 ? 0.8550 0.7744 0.6549 -0.1166 -0.0020 -0.0482 41 ARG A CG  
329 C CD  . ARG A 43 ? 0.9496 0.8147 0.7061 -0.1156 -0.0077 -0.0444 41 ARG A CD  
330 N NE  . ARG A 43 ? 0.9914 0.8499 0.7496 -0.1025 -0.0092 -0.0426 41 ARG A NE  
331 C CZ  . ARG A 43 ? 1.0520 0.9120 0.8040 -0.1135 -0.0064 -0.0427 41 ARG A CZ  
332 N NH1 . ARG A 43 ? 1.0848 0.9553 0.8281 -0.1389 -0.0015 -0.0447 41 ARG A NH1 
333 N NH2 . ARG A 43 ? 1.0423 0.8962 0.7965 -0.0996 -0.0086 -0.0413 41 ARG A NH2 
334 N N   . ASN A 44 ? 0.6110 0.6544 0.5117 -0.0991 0.0069  -0.0589 42 ASN A N   
335 C CA  . ASN A 44 ? 0.6292 0.7070 0.5386 -0.1092 0.0109  -0.0652 42 ASN A CA  
336 C C   . ASN A 44 ? 0.6634 0.7289 0.5438 -0.1335 0.0142  -0.0652 42 ASN A C   
337 O O   . ASN A 44 ? 0.7062 0.7349 0.5629 -0.1359 0.0125  -0.0600 42 ASN A O   
338 C CB  . ASN A 44 ? 0.6358 0.7241 0.5615 -0.0952 0.0096  -0.0657 42 ASN A CB  
339 C CG  . ASN A 44 ? 0.6326 0.7636 0.5744 -0.0958 0.0118  -0.0739 42 ASN A CG  
340 O OD1 . ASN A 44 ? 0.6469 0.7937 0.5794 -0.1115 0.0159  -0.0778 42 ASN A OD1 
341 N ND2 . ASN A 44 ? 0.6264 0.7753 0.5892 -0.0782 0.0084  -0.0769 42 ASN A ND2 
342 N N   . PRO A 45 ? 0.6352 0.7316 0.5143 -0.1526 0.0185  -0.0713 43 PRO A N   
343 C CA  . PRO A 45 ? 0.6919 0.7785 0.5402 -0.1805 0.0220  -0.0712 43 PRO A CA  
344 C C   . PRO A 45 ? 0.7225 0.8173 0.5691 -0.1831 0.0245  -0.0718 43 PRO A C   
345 O O   . PRO A 45 ? 0.6838 0.7464 0.4979 -0.1995 0.0251  -0.0675 43 PRO A O   
346 C CB  . PRO A 45 ? 0.6835 0.8135 0.5380 -0.1989 0.0261  -0.0789 43 PRO A CB  
347 C CG  . PRO A 45 ? 0.6402 0.8148 0.5341 -0.1758 0.0252  -0.0856 43 PRO A CG  
348 C CD  . PRO A 45 ? 0.6206 0.7637 0.5248 -0.1490 0.0198  -0.0792 43 PRO A CD  
349 N N   . HIS A 46 ? 0.6864 0.8170 0.5639 -0.1652 0.0247  -0.0766 44 HIS A N   
350 C CA  . HIS A 46 ? 0.7020 0.8567 0.5834 -0.1672 0.0275  -0.0803 44 HIS A CA  
351 C C   . HIS A 46 ? 0.6592 0.7758 0.5329 -0.1547 0.0243  -0.0735 44 HIS A C   
352 O O   . HIS A 46 ? 0.5953 0.7267 0.4904 -0.1352 0.0221  -0.0756 44 HIS A O   
353 C CB  . HIS A 46 ? 0.7111 0.9204 0.6253 -0.1514 0.0275  -0.0900 44 HIS A CB  
354 C CG  . HIS A 46 ? 0.7826 1.0331 0.7062 -0.1594 0.0297  -0.0980 44 HIS A CG  
355 N ND1 . HIS A 46 ? 0.8067 1.0630 0.7105 -0.1889 0.0342  -0.0988 44 HIS A ND1 
356 C CD2 . HIS A 46 ? 0.7907 1.0777 0.7386 -0.1425 0.0272  -0.1058 44 HIS A CD2 
357 C CE1 . HIS A 46 ? 0.8003 1.0995 0.7194 -0.1896 0.0351  -0.1072 44 HIS A CE1 
358 N NE2 . HIS A 46 ? 0.7932 1.1116 0.7393 -0.1600 0.0306  -0.1118 44 HIS A NE2 
359 N N   . LYS A 47 ? 0.6759 0.7439 0.5173 -0.1647 0.0230  -0.0663 45 LYS A N   
360 C CA  . LYS A 47 ? 0.7151 0.7465 0.5437 -0.1540 0.0195  -0.0606 45 LYS A CA  
361 C C   . LYS A 47 ? 0.7323 0.7120 0.5154 -0.1704 0.0181  -0.0548 45 LYS A C   
362 O O   . LYS A 47 ? 0.7948 0.7574 0.5588 -0.1831 0.0176  -0.0536 45 LYS A O   
363 C CB  . LYS A 47 ? 0.7099 0.7303 0.5589 -0.1268 0.0140  -0.0578 45 LYS A CB  
364 C CG  . LYS A 47 ? 0.7815 0.7751 0.6219 -0.1218 0.0103  -0.0539 45 LYS A CG  
365 C CD  . LYS A 47 ? 0.7549 0.7527 0.6209 -0.0977 0.0062  -0.0525 45 LYS A CD  
366 C CE  . LYS A 47 ? 0.7915 0.7723 0.6521 -0.0931 0.0034  -0.0500 45 LYS A CE  
367 N NZ  . LYS A 47 ? 0.8228 0.8213 0.7125 -0.0750 0.0012  -0.0498 45 LYS A NZ  
368 N N   . GLU B 1  ? 0.7086 0.7427 0.6832 -0.0047 -0.0107 0.0216  -1 GLU B N   
369 C CA  . GLU B 1  ? 0.6251 0.6547 0.6033 -0.0082 -0.0085 0.0198  -1 GLU B CA  
370 C C   . GLU B 1  ? 0.5273 0.5551 0.5115 -0.0050 -0.0089 0.0196  -1 GLU B C   
371 O O   . GLU B 1  ? 0.4222 0.4563 0.4105 -0.0021 -0.0103 0.0190  -1 GLU B O   
372 C CB  . GLU B 1  ? 0.6795 0.6985 0.6482 -0.0108 -0.0070 0.0224  -1 GLU B CB  
373 C CG  . GLU B 1  ? 0.7210 0.7412 0.6931 -0.0163 -0.0044 0.0188  -1 GLU B CG  
374 C CD  . GLU B 1  ? 0.7494 0.7792 0.7237 -0.0207 -0.0036 0.0148  -1 GLU B CD  
375 O OE1 . GLU B 1  ? 0.8162 0.8443 0.7827 -0.0255 -0.0021 0.0151  -1 GLU B OE1 
376 O OE2 . GLU B 1  ? 0.7743 0.8127 0.7571 -0.0198 -0.0044 0.0112  -1 GLU B OE2 
377 N N   . PHE B 2  ? 0.4581 0.4787 0.4425 -0.0059 -0.0075 0.0199  0  PHE B N   
378 C CA  . PHE B 2  ? 0.4619 0.4805 0.4516 -0.0038 -0.0076 0.0195  0  PHE B CA  
379 C C   . PHE B 2  ? 0.4784 0.4870 0.4622 -0.0013 -0.0075 0.0230  0  PHE B C   
380 O O   . PHE B 2  ? 0.5146 0.5156 0.4901 -0.0030 -0.0066 0.0250  0  PHE B O   
381 C CB  . PHE B 2  ? 0.4855 0.5049 0.4808 -0.0066 -0.0064 0.0160  0  PHE B CB  
382 C CG  . PHE B 2  ? 0.4967 0.5236 0.4961 -0.0090 -0.0064 0.0122  0  PHE B CG  
383 C CD1 . PHE B 2  ? 0.5123 0.5439 0.5164 -0.0086 -0.0073 0.0101  0  PHE B CD1 
384 C CD2 . PHE B 2  ? 0.5389 0.5682 0.5370 -0.0123 -0.0054 0.0101  0  PHE B CD2 
385 C CE1 . PHE B 2  ? 0.5509 0.5879 0.5579 -0.0107 -0.0073 0.0064  0  PHE B CE1 
386 C CE2 . PHE B 2  ? 0.5175 0.5537 0.5193 -0.0141 -0.0055 0.0059  0  PHE B CE2 
387 C CZ  . PHE B 2  ? 0.5468 0.5862 0.5530 -0.0130 -0.0065 0.0042  0  PHE B CZ  
388 N N   . GLU B 3  ? 0.4364 0.4448 0.4233 0.0021  -0.0082 0.0233  1  GLU B N   
389 C CA  . GLU B 3  ? 0.4389 0.4384 0.4228 0.0042  -0.0078 0.0253  1  GLU B CA  
390 C C   . GLU B 3  ? 0.4247 0.4203 0.4100 -0.0002 -0.0057 0.0239  1  GLU B C   
391 O O   . GLU B 3  ? 0.4214 0.4224 0.4133 -0.0023 -0.0053 0.0210  1  GLU B O   
392 C CB  . GLU B 3  ? 0.4708 0.4745 0.4598 0.0079  -0.0090 0.0247  1  GLU B CB  
393 C CG  . GLU B 3  ? 0.4634 0.4609 0.4473 0.0131  -0.0099 0.0269  1  GLU B CG  
394 C CD  . GLU B 3  ? 0.5275 0.5202 0.5021 0.0172  -0.0118 0.0298  1  GLU B CD  
395 O OE1 . GLU B 3  ? 0.4771 0.4768 0.4513 0.0181  -0.0132 0.0295  1  GLU B OE1 
396 O OE2 . GLU B 3  ? 0.5370 0.5181 0.5038 0.0199  -0.0119 0.0322  1  GLU B OE2 
397 N N   . CYS B 4  ? 0.3994 0.3856 0.3776 -0.0016 -0.0043 0.0257  2  CYS B N   
398 C CA  . CYS B 4  ? 0.3847 0.3687 0.3639 -0.0059 -0.0022 0.0238  2  CYS B CA  
399 C C   . CYS B 4  ? 0.4040 0.3773 0.3771 -0.0054 -0.0010 0.0258  2  CYS B C   
400 O O   . CYS B 4  ? 0.4030 0.3672 0.3663 -0.0047 -0.0010 0.0288  2  CYS B O   
401 C CB  . CYS B 4  ? 0.4110 0.3979 0.3879 -0.0111 -0.0006 0.0218  2  CYS B CB  
402 S SG  . CYS B 4  ? 0.4383 0.4308 0.4214 -0.0151 0.0011  0.0168  2  CYS B SG  
403 N N   . GLU B 5  ? 0.3718 0.3453 0.3496 -0.0056 -0.0002 0.0244  3  GLU B N   
404 C CA  . GLU B 5  ? 0.3808 0.3450 0.3539 -0.0059 0.0012  0.0255  3  GLU B CA  
405 C C   . GLU B 5  ? 0.3698 0.3373 0.3466 -0.0104 0.0032  0.0222  3  GLU B C   
406 O O   . GLU B 5  ? 0.3641 0.3407 0.3483 -0.0108 0.0025  0.0194  3  GLU B O   
407 C CB  . GLU B 5  ? 0.4271 0.3906 0.4031 -0.0004 -0.0003 0.0267  3  GLU B CB  
408 C CG  . GLU B 5  ? 0.4550 0.4075 0.4243 0.0013  0.0006  0.0283  3  GLU B CG  
409 C CD  . GLU B 5  ? 0.4656 0.4198 0.4389 0.0070  -0.0010 0.0284  3  GLU B CD  
410 O OE1 . GLU B 5  ? 0.5073 0.4577 0.4808 0.0070  0.0000  0.0280  3  GLU B OE1 
411 O OE2 . GLU B 5  ? 0.4658 0.4271 0.4426 0.0107  -0.0032 0.0285  3  GLU B OE2 
412 N N   . SER B 6  ? 0.3769 0.3372 0.3478 -0.0136 0.0056  0.0221  4  SER B N   
413 C CA  . SER B 6  ? 0.3781 0.3429 0.3525 -0.0174 0.0073  0.0186  4  SER B CA  
414 C C   . SER B 6  ? 0.3621 0.3236 0.3387 -0.0149 0.0073  0.0191  4  SER B C   
415 O O   . SER B 6  ? 0.4045 0.3579 0.3773 -0.0115 0.0068  0.0220  4  SER B O   
416 C CB  . SER B 6  ? 0.4422 0.4044 0.4092 -0.0245 0.0104  0.0168  4  SER B CB  
417 O OG  . SER B 6  ? 0.5227 0.4705 0.4779 -0.0258 0.0119  0.0201  4  SER B OG  
418 N N   . GLY B 7  ? 0.3190 0.2878 0.3025 -0.0153 0.0071  0.0161  5  GLY B N   
419 C CA  . GLY B 7  ? 0.2927 0.2600 0.2786 -0.0137 0.0072  0.0161  5  GLY B CA  
420 C C   . GLY B 7  ? 0.2548 0.2311 0.2477 -0.0138 0.0063  0.0127  5  GLY B C   
421 O O   . GLY B 7  ? 0.2797 0.2631 0.2754 -0.0141 0.0053  0.0104  5  GLY B O   
422 N N   . PRO B 8  ? 0.2449 0.2210 0.2395 -0.0132 0.0065  0.0122  6  PRO B N   
423 C CA  . PRO B 8  ? 0.2348 0.2180 0.2344 -0.0120 0.0049  0.0095  6  PRO B CA  
424 C C   . PRO B 8  ? 0.2405 0.2264 0.2442 -0.0084 0.0017  0.0101  6  PRO B C   
425 O O   . PRO B 8  ? 0.2364 0.2273 0.2427 -0.0070 -0.0001 0.0076  6  PRO B O   
426 C CB  . PRO B 8  ? 0.2472 0.2273 0.2467 -0.0114 0.0054  0.0104  6  PRO B CB  
427 C CG  . PRO B 8  ? 0.2568 0.2285 0.2511 -0.0132 0.0080  0.0122  6  PRO B CG  
428 C CD  . PRO B 8  ? 0.2417 0.2100 0.2329 -0.0127 0.0078  0.0143  6  PRO B CD  
429 N N   . CYS B 9  ? 0.2221 0.2044 0.2253 -0.0066 0.0010  0.0130  7  CYS B N   
430 C CA  . CYS B 9  ? 0.2278 0.2111 0.2335 -0.0042 -0.0015 0.0137  7  CYS B CA  
431 C C   . CYS B 9  ? 0.2227 0.2078 0.2288 -0.0039 -0.0022 0.0139  7  CYS B C   
432 O O   . CYS B 9  ? 0.2171 0.2022 0.2242 -0.0027 -0.0038 0.0144  7  CYS B O   
433 C CB  . CYS B 9  ? 0.2339 0.2143 0.2396 -0.0032 -0.0014 0.0160  7  CYS B CB  
434 S SG  . CYS B 9  ? 0.2484 0.2279 0.2540 -0.0037 -0.0012 0.0154  7  CYS B SG  
435 N N   . CYS B 10 ? 0.2332 0.2201 0.2378 -0.0056 -0.0011 0.0128  8  CYS B N   
436 C CA  . CYS B 10 ? 0.2456 0.2353 0.2505 -0.0059 -0.0016 0.0123  8  CYS B CA  
437 C C   . CYS B 10 ? 0.2438 0.2391 0.2492 -0.0079 -0.0011 0.0085  8  CYS B C   
438 O O   . CYS B 10 ? 0.2317 0.2279 0.2354 -0.0106 0.0008  0.0070  8  CYS B O   
439 C CB  . CYS B 10 ? 0.2603 0.2463 0.2610 -0.0063 -0.0005 0.0152  8  CYS B CB  
440 S SG  . CYS B 10 ? 0.3118 0.2965 0.3136 -0.0030 -0.0019 0.0180  8  CYS B SG  
441 N N   . ARG B 11 ? 0.2451 0.2449 0.2529 -0.0069 -0.0026 0.0063  9  ARG B N   
442 C CA  . ARG B 11 ? 0.2431 0.2506 0.2520 -0.0086 -0.0023 0.0019  9  ARG B CA  
443 C C   . ARG B 11 ? 0.2497 0.2595 0.2586 -0.0091 -0.0026 0.0018  9  ARG B C   
444 O O   . ARG B 11 ? 0.2408 0.2491 0.2516 -0.0064 -0.0047 0.0024  9  ARG B O   
445 C CB  . ARG B 11 ? 0.2377 0.2500 0.2505 -0.0054 -0.0046 -0.0024 9  ARG B CB  
446 C CG  . ARG B 11 ? 0.2541 0.2659 0.2669 -0.0048 -0.0045 -0.0029 9  ARG B CG  
447 C CD  . ARG B 11 ? 0.2591 0.2767 0.2709 -0.0094 -0.0016 -0.0056 9  ARG B CD  
448 N NE  . ARG B 11 ? 0.2715 0.2902 0.2837 -0.0090 -0.0015 -0.0069 9  ARG B NE  
449 C CZ  . ARG B 11 ? 0.2907 0.3028 0.3003 -0.0104 0.0001  -0.0037 9  ARG B CZ  
450 N NH1 . ARG B 11 ? 0.2754 0.2790 0.2815 -0.0122 0.0018  0.0010  9  ARG B NH1 
451 N NH2 . ARG B 11 ? 0.3093 0.3245 0.3198 -0.0104 0.0002  -0.0058 9  ARG B NH2 
452 N N   . ASN B 12 ? 0.2561 0.2694 0.2625 -0.0130 -0.0007 0.0008  10 ASN B N   
453 C CA  . ASN B 12 ? 0.2698 0.2867 0.2756 -0.0140 -0.0008 0.0003  10 ASN B CA  
454 C C   . ASN B 12 ? 0.2958 0.3072 0.3006 -0.0118 -0.0019 0.0048  10 ASN B C   
455 O O   . ASN B 12 ? 0.2808 0.2956 0.2881 -0.0107 -0.0033 0.0035  10 ASN B O   
456 C CB  . ASN B 12 ? 0.2915 0.3171 0.3024 -0.0125 -0.0024 -0.0055 10 ASN B CB  
457 C CG  . ASN B 12 ? 0.2728 0.3064 0.2853 -0.0143 -0.0015 -0.0108 10 ASN B CG  
458 O OD1 . ASN B 12 ? 0.3165 0.3549 0.3261 -0.0195 0.0012  -0.0127 10 ASN B OD1 
459 N ND2 . ASN B 12 ? 0.2589 0.2937 0.2749 -0.0102 -0.0035 -0.0133 10 ASN B ND2 
460 N N   . CYS B 13 ? 0.2800 0.2845 0.2819 -0.0109 -0.0015 0.0090  11 CYS B N   
461 C CA  . CYS B 13 ? 0.2867 0.2879 0.2875 -0.0086 -0.0025 0.0126  11 CYS B CA  
462 C C   . CYS B 13 ? 0.2959 0.2973 0.3012 -0.0060 -0.0042 0.0123  11 CYS B C   
463 O O   . CYS B 13 ? 0.3041 0.3062 0.3097 -0.0047 -0.0050 0.0139  11 CYS B O   
464 C CB  . CYS B 13 ? 0.3111 0.3158 0.3101 -0.0094 -0.0028 0.0130  11 CYS B CB  
465 S SG  . CYS B 13 ? 0.3700 0.3755 0.3630 -0.0143 -0.0007 0.0121  11 CYS B SG  
466 N N   . LYS B 14 ? 0.2676 0.2691 0.2757 -0.0054 -0.0050 0.0099  12 LYS B N   
467 C CA  . LYS B 14 ? 0.2698 0.2689 0.2798 -0.0038 -0.0065 0.0098  12 LYS B CA  
468 C C   . LYS B 14 ? 0.2685 0.2632 0.2779 -0.0030 -0.0062 0.0115  12 LYS B C   
469 O O   . LYS B 14 ? 0.2674 0.2618 0.2761 -0.0036 -0.0051 0.0112  12 LYS B O   
470 C CB  . LYS B 14 ? 0.2924 0.2925 0.3040 -0.0027 -0.0081 0.0060  12 LYS B CB  
471 C CG  . LYS B 14 ? 0.3110 0.3158 0.3236 -0.0034 -0.0085 0.0038  12 LYS B CG  
472 C CD  . LYS B 14 ? 0.3564 0.3614 0.3702 -0.0014 -0.0104 -0.0005 12 LYS B CD  
473 C CE  . LYS B 14 ? 0.4133 0.4247 0.4288 -0.0009 -0.0104 -0.0043 12 LYS B CE  
474 N NZ  . LYS B 14 ? 0.4946 0.5126 0.5119 -0.0015 -0.0105 -0.0080 12 LYS B NZ  
475 N N   . PHE B 15 ? 0.2831 0.2751 0.2923 -0.0026 -0.0069 0.0127  13 PHE B N   
476 C CA  . PHE B 15 ? 0.2707 0.2590 0.2794 -0.0024 -0.0066 0.0140  13 PHE B CA  
477 C C   . PHE B 15 ? 0.2491 0.2341 0.2570 -0.0016 -0.0083 0.0122  13 PHE B C   
478 O O   . PHE B 15 ? 0.2376 0.2205 0.2446 -0.0013 -0.0097 0.0110  13 PHE B O   
479 C CB  . PHE B 15 ? 0.3184 0.3072 0.3268 -0.0029 -0.0063 0.0156  13 PHE B CB  
480 C CG  . PHE B 15 ? 0.3340 0.3260 0.3423 -0.0020 -0.0054 0.0169  13 PHE B CG  
481 C CD1 . PHE B 15 ? 0.3813 0.3772 0.3899 -0.0020 -0.0058 0.0166  13 PHE B CD1 
482 C CD2 . PHE B 15 ? 0.3456 0.3358 0.3528 -0.0007 -0.0044 0.0184  13 PHE B CD2 
483 C CE1 . PHE B 15 ? 0.4005 0.3982 0.4076 -0.0005 -0.0055 0.0181  13 PHE B CE1 
484 C CE2 . PHE B 15 ? 0.3589 0.3496 0.3642 0.0010  -0.0042 0.0198  13 PHE B CE2 
485 C CZ  . PHE B 15 ? 0.4051 0.3995 0.4099 0.0014  -0.0049 0.0198  13 PHE B CZ  
486 N N   . LEU B 16 ? 0.2250 0.2092 0.2329 -0.0009 -0.0081 0.0119  14 LEU B N   
487 C CA  . LEU B 16 ? 0.2326 0.2134 0.2390 0.0007  -0.0101 0.0107  14 LEU B CA  
488 C C   . LEU B 16 ? 0.2239 0.1987 0.2270 -0.0003 -0.0106 0.0127  14 LEU B C   
489 O O   . LEU B 16 ? 0.2491 0.2250 0.2527 -0.0023 -0.0088 0.0146  14 LEU B O   
490 C CB  . LEU B 16 ? 0.2403 0.2234 0.2475 0.0012  -0.0094 0.0099  14 LEU B CB  
491 C CG  . LEU B 16 ? 0.2414 0.2311 0.2508 0.0009  -0.0084 0.0070  14 LEU B CG  
492 C CD1 . LEU B 16 ? 0.2405 0.2330 0.2501 0.0005  -0.0075 0.0055  14 LEU B CD1 
493 C CD2 . LEU B 16 ? 0.2701 0.2630 0.2805 0.0033  -0.0107 0.0034  14 LEU B CD2 
494 N N   . LYS B 17 ? 0.2381 0.2066 0.2373 0.0009  -0.0129 0.0119  15 LYS B N   
495 C CA  . LYS B 17 ? 0.2589 0.2196 0.2526 -0.0013 -0.0135 0.0135  15 LYS B CA  
496 C C   . LYS B 17 ? 0.2425 0.2037 0.2359 -0.0033 -0.0119 0.0155  15 LYS B C   
497 O O   . LYS B 17 ? 0.2413 0.2046 0.2362 -0.0016 -0.0120 0.0153  15 LYS B O   
498 C CB  . LYS B 17 ? 0.2956 0.2470 0.2832 0.0014  -0.0168 0.0124  15 LYS B CB  
499 C CG  . LYS B 17 ? 0.3581 0.2979 0.3371 -0.0016 -0.0175 0.0141  15 LYS B CG  
500 C CD  . LYS B 17 ? 0.3946 0.3311 0.3710 -0.0048 -0.0169 0.0135  15 LYS B CD  
501 C CE  . LYS B 17 ? 0.4343 0.3594 0.4008 -0.0100 -0.0167 0.0151  15 LYS B CE  
502 N NZ  . LYS B 17 ? 0.4001 0.3326 0.3689 -0.0162 -0.0132 0.0160  15 LYS B NZ  
503 N N   . GLU B 18 ? 0.2524 0.2134 0.2443 -0.0072 -0.0104 0.0168  16 GLU B N   
504 C CA  . GLU B 18 ? 0.2558 0.2176 0.2469 -0.0095 -0.0090 0.0179  16 GLU B CA  
505 C C   . GLU B 18 ? 0.2552 0.2097 0.2411 -0.0087 -0.0109 0.0185  16 GLU B C   
506 O O   . GLU B 18 ? 0.2788 0.2240 0.2579 -0.0083 -0.0132 0.0186  16 GLU B O   
507 C CB  . GLU B 18 ? 0.2796 0.2424 0.2685 -0.0143 -0.0075 0.0181  16 GLU B CB  
508 C CG  . GLU B 18 ? 0.2897 0.2552 0.2780 -0.0171 -0.0059 0.0184  16 GLU B CG  
509 C CD  . GLU B 18 ? 0.3128 0.2845 0.3012 -0.0218 -0.0039 0.0174  16 GLU B CD  
510 O OE1 . GLU B 18 ? 0.3164 0.2889 0.3040 -0.0239 -0.0038 0.0164  16 GLU B OE1 
511 O OE2 . GLU B 18 ? 0.3408 0.3180 0.3306 -0.0234 -0.0023 0.0168  16 GLU B OE2 
512 N N   . GLY B 19 ? 0.2568 0.2145 0.2446 -0.0079 -0.0102 0.0189  17 GLY B N   
513 C CA  . GLY B 19 ? 0.2559 0.2082 0.2388 -0.0070 -0.0120 0.0194  17 GLY B CA  
514 C C   . GLY B 19 ? 0.2579 0.2126 0.2432 -0.0020 -0.0138 0.0176  17 GLY B C   
515 O O   . GLY B 19 ? 0.2732 0.2255 0.2550 -0.0005 -0.0155 0.0176  17 GLY B O   
516 N N   . THR B 20 ? 0.2552 0.2154 0.2457 0.0000  -0.0135 0.0159  18 THR B N   
517 C CA  . THR B 20 ? 0.2491 0.2152 0.2430 0.0035  -0.0143 0.0132  18 THR B CA  
518 C C   . THR B 20 ? 0.2371 0.2086 0.2339 0.0020  -0.0119 0.0130  18 THR B C   
519 O O   . THR B 20 ? 0.2265 0.2002 0.2260 -0.0006 -0.0090 0.0140  18 THR B O   
520 C CB  . THR B 20 ? 0.2596 0.2309 0.2580 0.0042  -0.0136 0.0114  18 THR B CB  
521 O OG1 . THR B 20 ? 0.2660 0.2318 0.2614 0.0052  -0.0155 0.0114  18 THR B OG1 
522 C CG2 . THR B 20 ? 0.2609 0.2398 0.2626 0.0066  -0.0141 0.0076  18 THR B CG2 
523 N N   . ILE B 21 ? 0.2547 0.2279 0.2504 0.0037  -0.0133 0.0116  19 ILE B N   
524 C CA  . ILE B 21 ? 0.2626 0.2409 0.2606 0.0018  -0.0108 0.0109  19 ILE B CA  
525 C C   . ILE B 21 ? 0.2408 0.2253 0.2435 0.0003  -0.0080 0.0090  19 ILE B C   
526 O O   . ILE B 21 ? 0.2291 0.2171 0.2334 0.0019  -0.0089 0.0067  19 ILE B O   
527 C CB  . ILE B 21 ? 0.2704 0.2514 0.2667 0.0042  -0.0131 0.0090  19 ILE B CB  
528 C CG1 . ILE B 21 ? 0.3031 0.2890 0.3013 0.0012  -0.0101 0.0081  19 ILE B CG1 
529 C CG2 . ILE B 21 ? 0.2992 0.2860 0.2970 0.0084  -0.0156 0.0050  19 ILE B CG2 
530 C CD1 . ILE B 21 ? 0.3326 0.3204 0.3281 0.0027  -0.0120 0.0071  19 ILE B CD1 
531 N N   . CYS B 22 ? 0.2300 0.2146 0.2338 -0.0027 -0.0047 0.0100  20 CYS B N   
532 C CA  . CYS B 22 ? 0.2512 0.2383 0.2567 -0.0048 -0.0018 0.0086  20 CYS B CA  
533 C C   . CYS B 22 ? 0.2487 0.2380 0.2540 -0.0073 0.0007  0.0071  20 CYS B C   
534 O O   . CYS B 22 ? 0.2445 0.2368 0.2498 -0.0097 0.0026  0.0047  20 CYS B O   
535 C CB  . CYS B 22 ? 0.2504 0.2336 0.2557 -0.0054 -0.0005 0.0111  20 CYS B CB  
536 S SG  . CYS B 22 ? 0.3003 0.2793 0.3050 -0.0056 0.0004  0.0140  20 CYS B SG  
537 N N   . LYS B 23 ? 0.2541 0.2423 0.2587 -0.0075 0.0006  0.0078  21 LYS B N   
538 C CA  . LYS B 23 ? 0.2689 0.2599 0.2732 -0.0102 0.0031  0.0056  21 LYS B CA  
539 C C   . LYS B 23 ? 0.2700 0.2627 0.2735 -0.0093 0.0014  0.0055  21 LYS B C   
540 O O   . LYS B 23 ? 0.2658 0.2544 0.2683 -0.0088 0.0008  0.0082  21 LYS B O   
541 C CB  . LYS B 23 ? 0.2752 0.2608 0.2781 -0.0125 0.0065  0.0066  21 LYS B CB  
542 C CG  . LYS B 23 ? 0.3042 0.2913 0.3058 -0.0161 0.0095  0.0037  21 LYS B CG  
543 C CD  . LYS B 23 ? 0.3523 0.3313 0.3507 -0.0179 0.0126  0.0046  21 LYS B CD  
544 C CE  . LYS B 23 ? 0.3596 0.3353 0.3580 -0.0169 0.0133  0.0056  21 LYS B CE  
545 N NZ  . LYS B 23 ? 0.4078 0.3870 0.4059 -0.0198 0.0150  0.0027  21 LYS B NZ  
546 N N   . ARG B 24 ? 0.2575 0.2571 0.2615 -0.0096 0.0010  0.0021  22 ARG B N   
547 C CA  . ARG B 24 ? 0.2731 0.2748 0.2754 -0.0087 -0.0006 0.0019  22 ARG B CA  
548 C C   . ARG B 24 ? 0.2649 0.2659 0.2673 -0.0125 0.0029  0.0017  22 ARG B C   
549 O O   . ARG B 24 ? 0.2392 0.2412 0.2423 -0.0157 0.0064  -0.0006 22 ARG B O   
550 C CB  . ARG B 24 ? 0.2904 0.3011 0.2932 -0.0063 -0.0032 -0.0020 22 ARG B CB  
551 C CG  . ARG B 24 ? 0.3298 0.3410 0.3294 -0.0037 -0.0065 -0.0015 22 ARG B CG  
552 C CD  . ARG B 24 ? 0.3390 0.3582 0.3382 0.0011  -0.0106 -0.0052 22 ARG B CD  
553 N NE  . ARG B 24 ? 0.3379 0.3558 0.3375 0.0052  -0.0133 -0.0054 22 ARG B NE  
554 C CZ  . ARG B 24 ? 0.3591 0.3683 0.3544 0.0096  -0.0174 -0.0024 22 ARG B CZ  
555 N NH1 . ARG B 24 ? 0.4087 0.4086 0.3981 0.0096  -0.0188 0.0016  22 ARG B NH1 
556 N NH2 . ARG B 24 ? 0.3336 0.3424 0.3296 0.0133  -0.0197 -0.0036 22 ARG B NH2 
557 N N   . ALA B 25 ? 0.2515 0.2501 0.2522 -0.0125 0.0021  0.0037  23 ALA B N   
558 C CA  . ALA B 25 ? 0.2590 0.2573 0.2596 -0.0156 0.0052  0.0031  23 ALA B CA  
559 C C   . ALA B 25 ? 0.2633 0.2680 0.2629 -0.0164 0.0047  0.0007  23 ALA B C   
560 O O   . ALA B 25 ? 0.2654 0.2737 0.2635 -0.0136 0.0010  0.0003  23 ALA B O   
561 C CB  . ALA B 25 ? 0.2600 0.2533 0.2597 -0.0156 0.0051  0.0061  23 ALA B CB  
562 N N   . ARG B 26 ? 0.2724 0.2781 0.2721 -0.0196 0.0076  -0.0008 24 ARG B N   
563 C CA  . ARG B 26 ? 0.3041 0.3162 0.3026 -0.0208 0.0073  -0.0028 24 ARG B CA  
564 C C   . ARG B 26 ? 0.2991 0.3097 0.2938 -0.0185 0.0032  0.0003  24 ARG B C   
565 O O   . ARG B 26 ? 0.2770 0.2810 0.2702 -0.0177 0.0022  0.0036  24 ARG B O   
566 C CB  . ARG B 26 ? 0.3464 0.3577 0.3455 -0.0246 0.0113  -0.0043 24 ARG B CB  
567 C CG  . ARG B 26 ? 0.3843 0.4036 0.3832 -0.0272 0.0124  -0.0080 24 ARG B CG  
568 C CD  . ARG B 26 ? 0.3919 0.4090 0.3913 -0.0310 0.0169  -0.0100 24 ARG B CD  
569 N NE  . ARG B 26 ? 0.4222 0.4377 0.4209 -0.0310 0.0166  -0.0083 24 ARG B NE  
570 C CZ  . ARG B 26 ? 0.4239 0.4398 0.4230 -0.0337 0.0198  -0.0106 24 ARG B CZ  
571 N NH1 . ARG B 26 ? 0.4349 0.4509 0.4343 -0.0365 0.0233  -0.0145 24 ARG B NH1 
572 N NH2 . ARG B 26 ? 0.4310 0.4475 0.4297 -0.0341 0.0195  -0.0096 24 ARG B NH2 
573 N N   . GLY B 27 ? 0.3114 0.3275 0.3036 -0.0179 0.0009  -0.0010 25 GLY B N   
574 C CA  . GLY B 27 ? 0.3282 0.3409 0.3141 -0.0153 -0.0035 0.0020  25 GLY B CA  
575 C C   . GLY B 27 ? 0.3492 0.3550 0.3317 -0.0183 -0.0027 0.0055  25 GLY B C   
576 O O   . GLY B 27 ? 0.3404 0.3389 0.3167 -0.0169 -0.0058 0.0089  25 GLY B O   
577 N N   . ASP B 28 ? 0.3642 0.3720 0.3496 -0.0223 0.0014  0.0042  26 ASP B N   
578 C CA  . ASP B 28 ? 0.3838 0.3881 0.3663 -0.0256 0.0024  0.0063  26 ASP B CA  
579 C C   . ASP B 28 ? 0.3692 0.3689 0.3543 -0.0255 0.0036  0.0078  26 ASP B C   
580 O O   . ASP B 28 ? 0.3658 0.3643 0.3492 -0.0283 0.0046  0.0088  26 ASP B O   
581 C CB  . ASP B 28 ? 0.4096 0.4197 0.3946 -0.0295 0.0061  0.0034  26 ASP B CB  
582 C CG  . ASP B 28 ? 0.4157 0.4282 0.4072 -0.0296 0.0100  -0.0001 26 ASP B CG  
583 O OD1 . ASP B 28 ? 0.4717 0.4831 0.4654 -0.0274 0.0098  -0.0006 26 ASP B OD1 
584 O OD2 . ASP B 28 ? 0.4715 0.4866 0.4649 -0.0322 0.0131  -0.0025 26 ASP B OD2 
585 N N   . ASP B 29 ? 0.3427 0.3413 0.3320 -0.0227 0.0038  0.0073  27 ASP B N   
586 C CA  . ASP B 29 ? 0.3283 0.3238 0.3206 -0.0222 0.0054  0.0081  27 ASP B CA  
587 C C   . ASP B 29 ? 0.3053 0.2958 0.2957 -0.0198 0.0024  0.0107  27 ASP B C   
588 O O   . ASP B 29 ? 0.2928 0.2823 0.2807 -0.0174 -0.0005 0.0112  27 ASP B O   
589 C CB  . ASP B 29 ? 0.3256 0.3220 0.3229 -0.0213 0.0082  0.0057  27 ASP B CB  
590 C CG  . ASP B 29 ? 0.3420 0.3406 0.3410 -0.0233 0.0116  0.0030  27 ASP B CG  
591 O OD1 . ASP B 29 ? 0.3740 0.3748 0.3722 -0.0252 0.0120  0.0030  27 ASP B OD1 
592 O OD2 . ASP B 29 ? 0.3793 0.3769 0.3801 -0.0234 0.0140  0.0008  27 ASP B OD2 
593 N N   . MET B 30 ? 0.3382 0.3262 0.3296 -0.0201 0.0031  0.0119  28 MET B N   
594 C CA  . MET B 30 ? 0.3198 0.3031 0.3095 -0.0183 0.0007  0.0141  28 MET B CA  
595 C C   . MET B 30 ? 0.2728 0.2564 0.2666 -0.0151 0.0010  0.0132  28 MET B C   
596 O O   . MET B 30 ? 0.2560 0.2415 0.2539 -0.0151 0.0036  0.0117  28 MET B O   
597 C CB  . MET B 30 ? 0.3854 0.3680 0.3750 -0.0203 0.0017  0.0150  28 MET B CB  
598 C CG  . MET B 30 ? 0.4563 0.4325 0.4391 -0.0219 -0.0008 0.0174  28 MET B CG  
599 S SD  . MET B 30 ? 0.5073 0.4782 0.4802 -0.0238 -0.0033 0.0190  28 MET B SD  
600 C CE  . MET B 30 ? 0.4613 0.4395 0.4356 -0.0289 0.0002  0.0171  28 MET B CE  
601 N N   . ASP B 31 ? 0.2538 0.2351 0.2461 -0.0127 -0.0019 0.0139  29 ASP B N   
602 C CA  . ASP B 31 ? 0.2532 0.2354 0.2487 -0.0103 -0.0019 0.0128  29 ASP B CA  
603 C C   . ASP B 31 ? 0.2512 0.2312 0.2487 -0.0104 -0.0008 0.0141  29 ASP B C   
604 O O   . ASP B 31 ? 0.2422 0.2205 0.2380 -0.0120 -0.0007 0.0155  29 ASP B O   
605 C CB  . ASP B 31 ? 0.2571 0.2383 0.2503 -0.0072 -0.0056 0.0126  29 ASP B CB  
606 C CG  . ASP B 31 ? 0.2789 0.2637 0.2701 -0.0060 -0.0073 0.0110  29 ASP B CG  
607 O OD1 . ASP B 31 ? 0.2903 0.2805 0.2840 -0.0081 -0.0047 0.0089  29 ASP B OD1 
608 O OD2 . ASP B 31 ? 0.3059 0.2882 0.2927 -0.0025 -0.0113 0.0112  29 ASP B OD2 
609 N N   . ASP B 32 ? 0.2389 0.2196 0.2392 -0.0093 0.0003  0.0133  30 ASP B N   
610 C CA  . ASP B 32 ? 0.2316 0.2108 0.2335 -0.0087 0.0009  0.0144  30 ASP B CA  
611 C C   . ASP B 32 ? 0.2247 0.2024 0.2259 -0.0071 -0.0015 0.0150  30 ASP B C   
612 O O   . ASP B 32 ? 0.2308 0.2102 0.2322 -0.0058 -0.0027 0.0135  30 ASP B O   
613 C CB  . ASP B 32 ? 0.2372 0.2161 0.2406 -0.0085 0.0034  0.0135  30 ASP B CB  
614 C CG  . ASP B 32 ? 0.2693 0.2480 0.2727 -0.0095 0.0059  0.0125  30 ASP B CG  
615 O OD1 . ASP B 32 ? 0.2772 0.2573 0.2808 -0.0101 0.0059  0.0127  30 ASP B OD1 
616 O OD2 . ASP B 32 ? 0.2960 0.2727 0.2987 -0.0101 0.0078  0.0114  30 ASP B OD2 
617 N N   . TYR B 33 ? 0.2200 0.1962 0.2209 -0.0071 -0.0020 0.0165  31 TYR B N   
618 C CA  . TYR B 33 ? 0.2252 0.1993 0.2250 -0.0060 -0.0042 0.0169  31 TYR B CA  
619 C C   . TYR B 33 ? 0.2149 0.1904 0.2171 -0.0057 -0.0032 0.0173  31 TYR B C   
620 O O   . TYR B 33 ? 0.2148 0.1920 0.2181 -0.0063 -0.0016 0.0177  31 TYR B O   
621 C CB  . TYR B 33 ? 0.2440 0.2133 0.2388 -0.0073 -0.0061 0.0181  31 TYR B CB  
622 C CG  . TYR B 33 ? 0.2622 0.2292 0.2531 -0.0074 -0.0074 0.0182  31 TYR B CG  
623 C CD1 . TYR B 33 ? 0.2815 0.2461 0.2698 -0.0044 -0.0104 0.0174  31 TYR B CD1 
624 C CD2 . TYR B 33 ? 0.2953 0.2631 0.2850 -0.0103 -0.0060 0.0187  31 TYR B CD2 
625 C CE1 . TYR B 33 ? 0.2998 0.2619 0.2834 -0.0038 -0.0122 0.0177  31 TYR B CE1 
626 C CE2 . TYR B 33 ? 0.3111 0.2766 0.2962 -0.0107 -0.0072 0.0189  31 TYR B CE2 
627 C CZ  . TYR B 33 ? 0.3141 0.2761 0.2957 -0.0072 -0.0106 0.0187  31 TYR B CZ  
628 O OH  . TYR B 33 ? 0.3284 0.2878 0.3045 -0.0069 -0.0125 0.0192  31 TYR B OH  
629 N N   . CYS B 34 ? 0.2108 0.1861 0.2135 -0.0044 -0.0045 0.0169  32 CYS B N   
630 C CA  . CYS B 34 ? 0.2188 0.1955 0.2229 -0.0041 -0.0040 0.0174  32 CYS B CA  
631 C C   . CYS B 34 ? 0.2424 0.2186 0.2452 -0.0057 -0.0043 0.0181  32 CYS B C   
632 O O   . CYS B 34 ? 0.2460 0.2183 0.2453 -0.0074 -0.0055 0.0184  32 CYS B O   
633 C CB  . CYS B 34 ? 0.2289 0.2058 0.2334 -0.0029 -0.0054 0.0162  32 CYS B CB  
634 S SG  . CYS B 34 ? 0.2436 0.2238 0.2495 -0.0023 -0.0046 0.0140  32 CYS B SG  
635 N N   . ASN B 35 ? 0.2387 0.2186 0.2434 -0.0056 -0.0033 0.0182  33 ASN B N   
636 C CA  . ASN B 35 ? 0.2437 0.2267 0.2481 -0.0079 -0.0030 0.0180  33 ASN B CA  
637 C C   . ASN B 35 ? 0.2445 0.2279 0.2484 -0.0085 -0.0039 0.0177  33 ASN B C   
638 O O   . ASN B 35 ? 0.2500 0.2359 0.2528 -0.0115 -0.0036 0.0168  33 ASN B O   
639 C CB  . ASN B 35 ? 0.2556 0.2445 0.2625 -0.0065 -0.0016 0.0174  33 ASN B CB  
640 C CG  . ASN B 35 ? 0.2622 0.2526 0.2708 -0.0029 -0.0017 0.0178  33 ASN B CG  
641 O OD1 . ASN B 35 ? 0.2689 0.2583 0.2773 -0.0024 -0.0024 0.0182  33 ASN B OD1 
642 N ND2 . ASN B 35 ? 0.2749 0.2670 0.2843 0.0000  -0.0010 0.0175  33 ASN B ND2 
643 N N   . GLY B 36 ? 0.2477 0.2294 0.2522 -0.0066 -0.0048 0.0177  34 GLY B N   
644 C CA  . GLY B 36 ? 0.2657 0.2479 0.2701 -0.0071 -0.0057 0.0170  34 GLY B CA  
645 C C   . GLY B 36 ? 0.2842 0.2733 0.2911 -0.0062 -0.0049 0.0169  34 GLY B C   
646 O O   . GLY B 36 ? 0.2977 0.2888 0.3046 -0.0072 -0.0055 0.0160  34 GLY B O   
647 N N   . LYS B 37 ? 0.2931 0.2857 0.3016 -0.0043 -0.0041 0.0174  35 LYS B N   
648 C CA  . LYS B 37 ? 0.2968 0.2960 0.3068 -0.0023 -0.0041 0.0171  35 LYS B CA  
649 C C   . LYS B 37 ? 0.2923 0.2896 0.3016 0.0017  -0.0040 0.0185  35 LYS B C   
650 O O   . LYS B 37 ? 0.3210 0.3213 0.3297 0.0042  -0.0046 0.0189  35 LYS B O   
651 C CB  . LYS B 37 ? 0.3416 0.3482 0.3528 -0.0036 -0.0036 0.0154  35 LYS B CB  
652 C CG  . LYS B 37 ? 0.4195 0.4275 0.4313 -0.0023 -0.0029 0.0151  35 LYS B CG  
653 C CD  . LYS B 37 ? 0.5068 0.5242 0.5201 -0.0050 -0.0022 0.0123  35 LYS B CD  
654 C CE  . LYS B 37 ? 0.5970 0.6160 0.6109 -0.0045 -0.0012 0.0113  35 LYS B CE  
655 N NZ  . LYS B 37 ? 0.6561 0.6757 0.6712 0.0021  -0.0017 0.0115  35 LYS B NZ  
656 N N   . THR B 38 ? 0.2750 0.2664 0.2830 0.0019  -0.0032 0.0193  36 THR B N   
657 C CA  . THR B 38 ? 0.2748 0.2615 0.2798 0.0043  -0.0027 0.0207  36 THR B CA  
658 C C   . THR B 38 ? 0.2717 0.2533 0.2753 0.0020  -0.0018 0.0206  36 THR B C   
659 O O   . THR B 38 ? 0.2331 0.2155 0.2386 0.0000  -0.0021 0.0195  36 THR B O   
660 C CB  . THR B 38 ? 0.2952 0.2810 0.2994 0.0072  -0.0022 0.0206  36 THR B CB  
661 O OG1 . THR B 38 ? 0.3174 0.3016 0.3227 0.0051  -0.0012 0.0200  36 THR B OG1 
662 C CG2 . THR B 38 ? 0.3221 0.3161 0.3287 0.0097  -0.0032 0.0193  36 THR B CG2 
663 N N   . CYS B 39 ? 0.2776 0.2545 0.2771 0.0022  -0.0009 0.0215  37 CYS B N   
664 C CA  . CYS B 39 ? 0.2874 0.2622 0.2857 -0.0009 0.0002  0.0206  37 CYS B CA  
665 C C   . CYS B 39 ? 0.2893 0.2602 0.2861 -0.0021 0.0018  0.0201  37 CYS B C   
666 O O   . CYS B 39 ? 0.2890 0.2606 0.2858 -0.0051 0.0028  0.0182  37 CYS B O   
667 C CB  . CYS B 39 ? 0.3039 0.2755 0.2969 -0.0019 0.0009  0.0214  37 CYS B CB  
668 S SG  . CYS B 39 ? 0.3563 0.3341 0.3514 -0.0014 -0.0008 0.0213  37 CYS B SG  
669 N N   . ASP B 40 ? 0.2893 0.2568 0.2849 0.0001  0.0022  0.0210  38 ASP B N   
670 C CA  . ASP B 40 ? 0.2840 0.2474 0.2779 -0.0010 0.0039  0.0203  38 ASP B CA  
671 C C   . ASP B 40 ? 0.2827 0.2516 0.2815 -0.0022 0.0034  0.0187  38 ASP B C   
672 O O   . ASP B 40 ? 0.2674 0.2410 0.2696 -0.0017 0.0017  0.0188  38 ASP B O   
673 C CB  . ASP B 40 ? 0.3006 0.2590 0.2916 0.0025  0.0041  0.0211  38 ASP B CB  
674 C CG  . ASP B 40 ? 0.3241 0.2895 0.3201 0.0056  0.0025  0.0207  38 ASP B CG  
675 O OD1 . ASP B 40 ? 0.3104 0.2806 0.3082 0.0069  0.0009  0.0212  38 ASP B OD1 
676 O OD2 . ASP B 40 ? 0.3282 0.2947 0.3259 0.0058  0.0030  0.0197  38 ASP B OD2 
677 N N   . CYS B 41 ? 0.2785 0.2459 0.2768 -0.0040 0.0049  0.0176  39 CYS B N   
678 C CA  . CYS B 41 ? 0.2704 0.2416 0.2717 -0.0047 0.0044  0.0164  39 CYS B CA  
679 C C   . CYS B 41 ? 0.2667 0.2370 0.2682 -0.0032 0.0049  0.0168  39 CYS B C   
680 O O   . CYS B 41 ? 0.2752 0.2415 0.2744 -0.0034 0.0065  0.0163  39 CYS B O   
681 C CB  . CYS B 41 ? 0.2797 0.2518 0.2803 -0.0075 0.0055  0.0143  39 CYS B CB  
682 S SG  . CYS B 41 ? 0.3070 0.2835 0.3100 -0.0077 0.0043  0.0132  39 CYS B SG  
683 N N   . PRO B 42 ? 0.2613 0.2354 0.2652 -0.0020 0.0034  0.0173  40 PRO B N   
684 C CA  . PRO B 42 ? 0.2736 0.2493 0.2782 -0.0007 0.0040  0.0167  40 PRO B CA  
685 C C   . PRO B 42 ? 0.2793 0.2559 0.2843 -0.0029 0.0049  0.0155  40 PRO B C   
686 O O   . PRO B 42 ? 0.2729 0.2507 0.2781 -0.0051 0.0042  0.0156  40 PRO B O   
687 C CB  . PRO B 42 ? 0.2777 0.2594 0.2846 -0.0005 0.0026  0.0167  40 PRO B CB  
688 C CG  . PRO B 42 ? 0.2681 0.2493 0.2747 -0.0024 0.0013  0.0176  40 PRO B CG  
689 C CD  . PRO B 42 ? 0.2678 0.2452 0.2733 -0.0025 0.0016  0.0178  40 PRO B CD  
690 N N   . ARG B 43 ? 0.3088 0.2845 0.3135 -0.0019 0.0064  0.0143  41 ARG B N   
691 C CA  . ARG B 43 ? 0.3107 0.2882 0.3158 -0.0041 0.0074  0.0129  41 ARG B CA  
692 C C   . ARG B 43 ? 0.2932 0.2770 0.3001 -0.0058 0.0065  0.0127  41 ARG B C   
693 O O   . ARG B 43 ? 0.2969 0.2845 0.3051 -0.0043 0.0060  0.0123  41 ARG B O   
694 C CB  . ARG B 43 ? 0.3379 0.3125 0.3420 -0.0023 0.0092  0.0112  41 ARG B CB  
695 C CG  . ARG B 43 ? 0.3477 0.3235 0.3517 -0.0050 0.0108  0.0095  41 ARG B CG  
696 C CD  . ARG B 43 ? 0.3632 0.3327 0.3647 -0.0038 0.0128  0.0078  41 ARG B CD  
697 N NE  . ARG B 43 ? 0.3549 0.3261 0.3564 -0.0071 0.0145  0.0059  41 ARG B NE  
698 C CZ  . ARG B 43 ? 0.3451 0.3217 0.3486 -0.0075 0.0150  0.0040  41 ARG B CZ  
699 N NH1 . ARG B 43 ? 0.3780 0.3595 0.3839 -0.0050 0.0141  0.0033  41 ARG B NH1 
700 N NH2 . ARG B 43 ? 0.3555 0.3339 0.3588 -0.0108 0.0164  0.0023  41 ARG B NH2 
701 N N   . ASN B 44 ? 0.2894 0.2737 0.2950 -0.0089 0.0059  0.0132  42 ASN B N   
702 C CA  . ASN B 44 ? 0.2897 0.2773 0.2942 -0.0118 0.0051  0.0133  42 ASN B CA  
703 C C   . ASN B 44 ? 0.3159 0.3093 0.3223 -0.0122 0.0068  0.0110  42 ASN B C   
704 O O   . ASN B 44 ? 0.3175 0.3117 0.3248 -0.0117 0.0081  0.0095  42 ASN B O   
705 C CB  . ASN B 44 ? 0.2852 0.2707 0.2864 -0.0144 0.0043  0.0141  42 ASN B CB  
706 C CG  . ASN B 44 ? 0.2942 0.2786 0.2909 -0.0178 0.0030  0.0152  42 ASN B CG  
707 O OD1 . ASN B 44 ? 0.3151 0.3038 0.3118 -0.0206 0.0041  0.0142  42 ASN B OD1 
708 N ND2 . ASN B 44 ? 0.2730 0.2519 0.2656 -0.0179 0.0007  0.0169  42 ASN B ND2 
709 N N   . PRO B 45 ? 0.3505 0.3497 0.3581 -0.0129 0.0067  0.0100  43 PRO B N   
710 C CA  . PRO B 45 ? 0.3729 0.3805 0.3825 -0.0137 0.0082  0.0067  43 PRO B CA  
711 C C   . PRO B 45 ? 0.3611 0.3704 0.3684 -0.0185 0.0092  0.0059  43 PRO B C   
712 O O   . PRO B 45 ? 0.3577 0.3734 0.3672 -0.0184 0.0108  0.0027  43 PRO B O   
713 C CB  . PRO B 45 ? 0.3731 0.3878 0.3836 -0.0151 0.0078  0.0055  43 PRO B CB  
714 C CG  . PRO B 45 ? 0.3771 0.3849 0.3840 -0.0174 0.0063  0.0089  43 PRO B CG  
715 C CD  . PRO B 45 ? 0.3682 0.3674 0.3749 -0.0137 0.0054  0.0112  43 PRO B CD  
716 N N   . HIS B 46 ? 0.3568 0.3603 0.3592 -0.0222 0.0082  0.0086  44 HIS B N   
717 C CA  . HIS B 46 ? 0.3507 0.3544 0.3489 -0.0270 0.0088  0.0084  44 HIS B CA  
718 C C   . HIS B 46 ? 0.3817 0.3830 0.3809 -0.0248 0.0091  0.0083  44 HIS B C   
719 O O   . HIS B 46 ? 0.3495 0.3463 0.3443 -0.0265 0.0080  0.0101  44 HIS B O   
720 C CB  . HIS B 46 ? 0.3406 0.3377 0.3312 -0.0313 0.0071  0.0113  44 HIS B CB  
721 C CG  . HIS B 46 ? 0.3515 0.3504 0.3404 -0.0344 0.0072  0.0111  44 HIS B CG  
722 N ND1 . HIS B 46 ? 0.3298 0.3375 0.3186 -0.0394 0.0093  0.0080  44 HIS B ND1 
723 C CD2 . HIS B 46 ? 0.3668 0.3612 0.3545 -0.0335 0.0058  0.0126  44 HIS B CD2 
724 C CE1 . HIS B 46 ? 0.3782 0.3866 0.3652 -0.0419 0.0092  0.0079  44 HIS B CE1 
725 N NE2 . HIS B 46 ? 0.3798 0.3797 0.3663 -0.0382 0.0071  0.0108  44 HIS B NE2 
726 N N   . LYS B 47 ? 0.3832 0.3870 0.3872 -0.0211 0.0107  0.0060  45 LYS B N   
727 C CA  . LYS B 47 ? 0.3821 0.3832 0.3869 -0.0195 0.0116  0.0050  45 LYS B CA  
728 C C   . LYS B 47 ? 0.3971 0.4022 0.4053 -0.0171 0.0138  0.0013  45 LYS B C   
729 O O   . LYS B 47 ? 0.4001 0.4078 0.4109 -0.0139 0.0136  0.0002  45 LYS B O   
730 C CB  . LYS B 47 ? 0.3679 0.3624 0.3726 -0.0165 0.0108  0.0068  45 LYS B CB  
731 C CG  . LYS B 47 ? 0.3754 0.3673 0.3797 -0.0166 0.0120  0.0058  45 LYS B CG  
732 C CD  . LYS B 47 ? 0.3462 0.3349 0.3492 -0.0164 0.0106  0.0073  45 LYS B CD  
733 C CE  . LYS B 47 ? 0.3374 0.3226 0.3410 -0.0139 0.0097  0.0088  45 LYS B CE  
734 N NZ  . LYS B 47 ? 0.3111 0.2950 0.3138 -0.0138 0.0086  0.0094  45 LYS B NZ  
735 N N   . GLY B 48 ? 0.4009 0.4072 0.4092 -0.0184 0.0154  -0.0010 46 GLY B N   
736 C CA  . GLY B 48 ? 0.4252 0.4331 0.4360 -0.0153 0.0173  -0.0048 46 GLY B CA  
737 C C   . GLY B 48 ? 0.4452 0.4439 0.4552 -0.0105 0.0174  -0.0043 46 GLY B C   
738 O O   . GLY B 48 ? 0.4613 0.4539 0.4693 -0.0109 0.0165  -0.0013 46 GLY B O   
739 N N   . PRO B 49 ? 0.4559 0.4529 0.4666 -0.0057 0.0181  -0.0071 47 PRO B N   
740 C CA  . PRO B 49 ? 0.4463 0.4320 0.4537 -0.0012 0.0180  -0.0061 47 PRO B CA  
741 C C   . PRO B 49 ? 0.4303 0.4073 0.4341 -0.0045 0.0198  -0.0055 47 PRO B C   
742 O O   . PRO B 49 ? 0.3889 0.3691 0.3929 -0.0084 0.0214  -0.0074 47 PRO B O   
743 C CB  . PRO B 49 ? 0.4858 0.4715 0.4938 0.0048  0.0182  -0.0102 47 PRO B CB  
744 C CG  . PRO B 49 ? 0.4868 0.4822 0.4977 0.0018  0.0197  -0.0141 47 PRO B CG  
745 C CD  . PRO B 49 ? 0.4849 0.4894 0.4980 -0.0046 0.0192  -0.0118 47 PRO B CD  
746 N N   . ALA B 50 ? 0.4051 0.3724 0.4049 -0.0037 0.0196  -0.0033 48 ALA B N   
747 C CA  . ALA B 50 ? 0.4195 0.3787 0.4146 -0.0076 0.0219  -0.0034 48 ALA B CA  
748 C C   . ALA B 50 ? 0.4386 0.3928 0.4311 -0.0074 0.0243  -0.0072 48 ALA B C   
749 O O   . ALA B 50 ? 0.4730 0.4217 0.4635 -0.0019 0.0240  -0.0085 48 ALA B O   
750 C CB  . ALA B 50 ? 0.4059 0.3549 0.3960 -0.0065 0.0216  -0.0011 48 ALA B CB  
751 N N   . THR B 51 ? 0.4348 0.3923 0.4275 -0.0127 0.0264  -0.0091 49 THR B N   
752 C CA  . THR B 51 ? 0.4322 0.3847 0.4217 -0.0145 0.0295  -0.0130 49 THR B CA  
753 C C   . THR B 51 ? 0.4288 0.3697 0.4110 -0.0186 0.0320  -0.0133 49 THR B C   
754 O O   . THR B 51 ? 0.4115 0.3418 0.3878 -0.0194 0.0347  -0.0161 49 THR B O   
755 C CB  . THR B 51 ? 0.4431 0.4077 0.4371 -0.0187 0.0303  -0.0154 49 THR B CB  
756 O OG1 . THR B 51 ? 0.4583 0.4276 0.4526 -0.0238 0.0303  -0.0141 49 THR B OG1 
757 C CG2 . THR B 51 ? 0.4388 0.4149 0.4385 -0.0167 0.0283  -0.0152 49 THR B CG2 
758 O OXT . THR B 51 ? 0.4124 0.3544 0.3942 -0.0213 0.0315  -0.0110 49 THR B OXT 
# 
